data_2JTV
#
_entry.id   2JTV
#
_entity_poly.entity_id   1
_entity_poly.type   'polypeptide(L)'
_entity_poly.pdbx_seq_one_letter_code
;MATADDFKLIRDIHSTGGRRQVFGSREQKPFEDLVDLGWLKRSSVDSRATHYQITERGTSAALRS
;
_entity_poly.pdbx_strand_id   A
#
# COMPACT_ATOMS: atom_id res chain seq x y z
N MET A 1 3.17 -11.17 -8.84
CA MET A 1 4.28 -10.26 -9.20
C MET A 1 4.98 -9.74 -7.94
N ALA A 2 4.21 -9.52 -6.88
CA ALA A 2 4.77 -9.04 -5.63
C ALA A 2 5.44 -10.17 -4.85
N THR A 3 6.39 -9.81 -4.01
CA THR A 3 7.13 -10.78 -3.22
C THR A 3 6.54 -10.86 -1.81
N ALA A 4 7.01 -11.80 -1.01
CA ALA A 4 6.55 -11.97 0.36
C ALA A 4 6.79 -10.71 1.18
N ASP A 5 7.86 -10.00 0.84
CA ASP A 5 8.20 -8.74 1.49
C ASP A 5 7.13 -7.69 1.22
N ASP A 6 6.48 -7.79 0.06
CA ASP A 6 5.41 -6.88 -0.31
C ASP A 6 4.13 -7.23 0.44
N PHE A 7 3.93 -8.53 0.67
CA PHE A 7 2.81 -8.99 1.48
C PHE A 7 2.90 -8.43 2.89
N LYS A 8 4.12 -8.35 3.40
CA LYS A 8 4.37 -7.77 4.72
C LYS A 8 4.03 -6.29 4.71
N LEU A 9 4.22 -5.67 3.56
CA LEU A 9 3.97 -4.24 3.41
C LEU A 9 2.46 -3.98 3.29
N ILE A 10 1.79 -4.77 2.45
CA ILE A 10 0.37 -4.56 2.21
C ILE A 10 -0.46 -4.89 3.46
N ARG A 11 -0.01 -5.85 4.25
CA ARG A 11 -0.70 -6.18 5.50
C ARG A 11 -0.52 -5.06 6.51
N ASP A 12 0.62 -4.38 6.43
CA ASP A 12 0.93 -3.25 7.32
C ASP A 12 -0.07 -2.13 7.10
N ILE A 13 -0.49 -1.95 5.86
CA ILE A 13 -1.47 -0.94 5.51
C ILE A 13 -2.74 -1.15 6.32
N HIS A 14 -3.12 -2.41 6.49
CA HIS A 14 -4.31 -2.78 7.25
C HIS A 14 -4.08 -2.57 8.73
N SER A 15 -2.88 -2.92 9.19
CA SER A 15 -2.52 -2.79 10.59
C SER A 15 -2.44 -1.32 11.01
N THR A 16 -2.35 -0.44 10.02
CA THR A 16 -2.29 1.00 10.27
C THR A 16 -3.69 1.61 10.15
N GLY A 17 -4.70 0.75 9.97
CA GLY A 17 -6.07 1.23 9.94
C GLY A 17 -6.74 1.03 8.59
N GLY A 18 -5.94 0.80 7.56
CA GLY A 18 -6.49 0.66 6.23
C GLY A 18 -5.88 1.66 5.27
N ARG A 19 -5.51 2.81 5.80
CA ARG A 19 -4.78 3.81 5.04
C ARG A 19 -3.33 3.85 5.50
N ARG A 20 -2.43 4.18 4.59
CA ARG A 20 -1.04 4.30 4.91
C ARG A 20 -0.43 5.46 4.13
N GLN A 21 -0.05 6.52 4.83
CA GLN A 21 0.55 7.67 4.19
C GLN A 21 2.06 7.60 4.25
N VAL A 22 2.70 7.71 3.10
CA VAL A 22 4.14 7.66 3.01
C VAL A 22 4.67 8.94 2.35
N PHE A 23 5.68 9.54 2.98
CA PHE A 23 6.23 10.81 2.53
C PHE A 23 6.67 10.74 1.07
N GLY A 24 7.56 9.81 0.78
CA GLY A 24 8.03 9.64 -0.58
C GLY A 24 9.30 8.81 -0.64
N SER A 25 10.20 9.20 -1.53
CA SER A 25 11.50 8.54 -1.66
C SER A 25 11.34 7.07 -2.05
N ARG A 26 12.41 6.30 -1.87
CA ARG A 26 12.40 4.88 -2.25
C ARG A 26 11.39 4.10 -1.44
N GLU A 27 11.09 4.58 -0.24
CA GLU A 27 10.13 3.93 0.64
C GLU A 27 8.75 3.89 0.00
N GLN A 28 8.41 4.93 -0.77
CA GLN A 28 7.08 5.05 -1.35
C GLN A 28 6.94 4.20 -2.61
N LYS A 29 8.07 3.86 -3.23
CA LYS A 29 8.08 3.11 -4.49
C LYS A 29 7.27 1.82 -4.42
N PRO A 30 7.52 0.93 -3.44
CA PRO A 30 6.77 -0.33 -3.32
C PRO A 30 5.28 -0.08 -3.07
N PHE A 31 4.97 1.07 -2.49
CA PHE A 31 3.58 1.42 -2.23
C PHE A 31 2.85 1.75 -3.52
N GLU A 32 3.47 2.58 -4.36
CA GLU A 32 2.86 2.93 -5.63
C GLU A 32 2.93 1.75 -6.60
N ASP A 33 3.92 0.90 -6.42
CA ASP A 33 4.03 -0.31 -7.21
C ASP A 33 2.86 -1.23 -6.90
N LEU A 34 2.45 -1.28 -5.63
CA LEU A 34 1.27 -2.01 -5.24
C LEU A 34 0.02 -1.37 -5.83
N VAL A 35 0.07 -0.06 -6.03
CA VAL A 35 -1.00 0.65 -6.72
C VAL A 35 -1.10 0.15 -8.16
N ASP A 36 0.06 -0.01 -8.79
CA ASP A 36 0.13 -0.53 -10.14
C ASP A 36 -0.41 -1.96 -10.19
N LEU A 37 -0.12 -2.73 -9.15
CA LEU A 37 -0.60 -4.10 -9.05
C LEU A 37 -2.09 -4.13 -8.69
N GLY A 38 -2.60 -3.04 -8.15
CA GLY A 38 -4.01 -2.95 -7.82
C GLY A 38 -4.30 -3.28 -6.37
N TRP A 39 -3.26 -3.30 -5.54
CA TRP A 39 -3.40 -3.62 -4.11
C TRP A 39 -3.62 -2.34 -3.31
N LEU A 40 -3.00 -1.27 -3.76
CA LEU A 40 -3.13 0.03 -3.12
C LEU A 40 -3.72 1.05 -4.07
N LYS A 41 -4.23 2.14 -3.51
CA LYS A 41 -4.76 3.23 -4.30
C LYS A 41 -4.35 4.56 -3.67
N ARG A 42 -3.65 5.39 -4.44
CA ARG A 42 -3.20 6.68 -3.95
C ARG A 42 -4.24 7.75 -4.28
N SER A 43 -5.03 8.13 -3.29
CA SER A 43 -6.05 9.14 -3.49
C SER A 43 -5.50 10.53 -3.19
N SER A 44 -5.27 10.82 -1.91
CA SER A 44 -4.73 12.10 -1.52
C SER A 44 -3.20 12.11 -1.71
N VAL A 45 -2.78 12.53 -2.89
CA VAL A 45 -1.36 12.61 -3.21
C VAL A 45 -0.83 13.99 -2.87
N ASP A 46 -0.41 14.16 -1.63
CA ASP A 46 0.12 15.43 -1.17
C ASP A 46 1.63 15.41 -1.16
N SER A 47 2.22 16.59 -1.23
CA SER A 47 3.67 16.73 -1.28
C SER A 47 4.30 16.47 0.08
N ARG A 48 3.46 16.31 1.10
CA ARG A 48 3.94 15.92 2.41
C ARG A 48 4.07 14.40 2.46
N ALA A 49 2.94 13.73 2.52
CA ALA A 49 2.89 12.28 2.51
C ALA A 49 1.70 11.80 1.67
N THR A 50 1.98 10.96 0.71
CA THR A 50 0.95 10.42 -0.16
C THR A 50 0.13 9.37 0.59
N HIS A 51 -1.19 9.53 0.59
CA HIS A 51 -2.06 8.62 1.32
C HIS A 51 -2.47 7.46 0.45
N TYR A 52 -2.08 6.26 0.86
CA TYR A 52 -2.47 5.04 0.16
C TYR A 52 -3.59 4.35 0.92
N GLN A 53 -4.59 3.86 0.19
CA GLN A 53 -5.68 3.15 0.82
C GLN A 53 -5.81 1.75 0.21
N ILE A 54 -6.17 0.80 1.06
CA ILE A 54 -6.33 -0.60 0.66
C ILE A 54 -7.46 -0.79 -0.35
N THR A 55 -7.23 -1.67 -1.31
CA THR A 55 -8.27 -2.07 -2.25
C THR A 55 -8.82 -3.43 -1.84
N GLU A 56 -9.62 -4.04 -2.70
CA GLU A 56 -10.12 -5.37 -2.44
C GLU A 56 -9.02 -6.39 -2.66
N ARG A 57 -8.18 -6.12 -3.66
CA ARG A 57 -6.99 -6.94 -3.90
C ARG A 57 -6.06 -6.84 -2.70
N GLY A 58 -5.88 -5.62 -2.20
CA GLY A 58 -5.06 -5.39 -1.03
C GLY A 58 -5.61 -6.08 0.20
N THR A 59 -6.92 -6.21 0.26
CA THR A 59 -7.57 -6.92 1.35
C THR A 59 -7.37 -8.43 1.19
N SER A 60 -7.49 -8.91 -0.05
CA SER A 60 -7.28 -10.32 -0.35
C SER A 60 -5.82 -10.72 -0.11
N ALA A 61 -4.91 -9.78 -0.39
CA ALA A 61 -3.49 -10.01 -0.16
C ALA A 61 -3.18 -10.13 1.32
N ALA A 62 -3.96 -9.44 2.13
CA ALA A 62 -3.81 -9.51 3.59
C ALA A 62 -4.37 -10.81 4.12
N LEU A 63 -5.47 -11.26 3.51
CA LEU A 63 -6.09 -12.52 3.89
C LEU A 63 -5.22 -13.69 3.44
N ARG A 64 -4.38 -13.43 2.44
CA ARG A 64 -3.44 -14.42 1.95
C ARG A 64 -2.36 -14.69 3.00
N SER A 65 -2.26 -15.93 3.43
CA SER A 65 -1.25 -16.30 4.41
C SER A 65 -0.81 -17.74 4.20
N MET A 1 4.72 -8.32 -9.90
CA MET A 1 5.69 -9.20 -9.22
C MET A 1 5.88 -8.73 -7.78
N ALA A 2 5.23 -9.41 -6.86
CA ALA A 2 5.31 -9.06 -5.44
C ALA A 2 6.11 -10.11 -4.68
N THR A 3 6.98 -9.66 -3.80
CA THR A 3 7.77 -10.56 -2.98
C THR A 3 7.13 -10.69 -1.60
N ALA A 4 7.67 -11.56 -0.76
CA ALA A 4 7.13 -11.81 0.57
C ALA A 4 7.07 -10.53 1.40
N ASP A 5 8.06 -9.68 1.24
CA ASP A 5 8.10 -8.40 1.93
C ASP A 5 6.91 -7.53 1.53
N ASP A 6 6.56 -7.57 0.25
CA ASP A 6 5.45 -6.78 -0.27
C ASP A 6 4.13 -7.25 0.33
N PHE A 7 4.02 -8.57 0.52
CA PHE A 7 2.84 -9.14 1.16
C PHE A 7 2.70 -8.66 2.60
N LYS A 8 3.83 -8.48 3.28
CA LYS A 8 3.84 -7.93 4.62
C LYS A 8 3.55 -6.43 4.58
N LEU A 9 4.06 -5.78 3.54
CA LEU A 9 3.88 -4.34 3.37
C LEU A 9 2.41 -4.00 3.16
N ILE A 10 1.74 -4.76 2.29
CA ILE A 10 0.32 -4.52 2.02
C ILE A 10 -0.53 -4.84 3.25
N ARG A 11 -0.05 -5.77 4.07
CA ARG A 11 -0.73 -6.08 5.33
C ARG A 11 -0.54 -4.94 6.31
N ASP A 12 0.64 -4.35 6.28
CA ASP A 12 0.99 -3.22 7.15
C ASP A 12 0.02 -2.06 6.93
N ILE A 13 -0.43 -1.89 5.70
CA ILE A 13 -1.40 -0.87 5.35
C ILE A 13 -2.64 -1.02 6.21
N HIS A 14 -3.07 -2.27 6.39
CA HIS A 14 -4.24 -2.58 7.21
C HIS A 14 -3.93 -2.30 8.67
N SER A 15 -2.71 -2.63 9.09
CA SER A 15 -2.28 -2.43 10.45
C SER A 15 -2.22 -0.94 10.80
N THR A 16 -2.10 -0.10 9.78
CA THR A 16 -2.03 1.34 9.98
C THR A 16 -3.43 1.97 9.89
N GLY A 17 -4.45 1.13 9.94
CA GLY A 17 -5.81 1.62 9.93
C GLY A 17 -6.48 1.46 8.57
N GLY A 18 -5.80 0.74 7.67
CA GLY A 18 -6.38 0.51 6.35
C GLY A 18 -5.91 1.54 5.35
N ARG A 19 -5.10 2.49 5.83
CA ARG A 19 -4.56 3.53 4.98
C ARG A 19 -3.17 3.92 5.46
N ARG A 20 -2.22 3.98 4.54
CA ARG A 20 -0.86 4.32 4.90
C ARG A 20 -0.40 5.57 4.16
N GLN A 21 -0.02 6.59 4.91
CA GLN A 21 0.49 7.83 4.31
C GLN A 21 2.01 7.78 4.21
N VAL A 22 2.50 7.73 2.99
CA VAL A 22 3.93 7.64 2.74
C VAL A 22 4.40 8.88 2.01
N PHE A 23 5.53 9.43 2.44
CA PHE A 23 6.09 10.62 1.82
C PHE A 23 6.70 10.28 0.47
N GLY A 24 6.95 11.30 -0.35
CA GLY A 24 7.55 11.10 -1.64
C GLY A 24 9.02 10.80 -1.55
N SER A 25 9.35 9.54 -1.36
CA SER A 25 10.75 9.10 -1.25
C SER A 25 10.85 7.66 -1.75
N ARG A 26 12.04 7.06 -1.60
CA ARG A 26 12.26 5.68 -2.05
C ARG A 26 11.29 4.72 -1.36
N GLU A 27 10.86 5.08 -0.16
CA GLU A 27 9.89 4.31 0.60
C GLU A 27 8.59 4.11 -0.17
N GLN A 28 8.23 5.08 -1.00
CA GLN A 28 6.94 5.08 -1.67
C GLN A 28 6.93 4.17 -2.90
N LYS A 29 8.13 3.88 -3.42
CA LYS A 29 8.26 3.10 -4.66
C LYS A 29 7.51 1.75 -4.60
N PRO A 30 7.73 0.91 -3.56
CA PRO A 30 7.00 -0.36 -3.42
C PRO A 30 5.49 -0.14 -3.33
N PHE A 31 5.08 0.95 -2.69
CA PHE A 31 3.67 1.28 -2.55
C PHE A 31 3.06 1.60 -3.90
N GLU A 32 3.83 2.29 -4.75
CA GLU A 32 3.36 2.67 -6.07
C GLU A 32 3.20 1.46 -6.97
N ASP A 33 3.96 0.41 -6.70
CA ASP A 33 3.87 -0.80 -7.49
C ASP A 33 2.60 -1.56 -7.14
N LEU A 34 2.25 -1.56 -5.86
CA LEU A 34 1.03 -2.20 -5.41
C LEU A 34 -0.18 -1.52 -6.01
N VAL A 35 -0.04 -0.24 -6.34
CA VAL A 35 -1.07 0.51 -7.06
C VAL A 35 -1.32 -0.12 -8.42
N ASP A 36 -0.24 -0.50 -9.08
CA ASP A 36 -0.31 -1.11 -10.41
C ASP A 36 -0.87 -2.52 -10.32
N LEU A 37 -0.57 -3.19 -9.21
CA LEU A 37 -1.12 -4.52 -8.95
C LEU A 37 -2.60 -4.44 -8.59
N GLY A 38 -3.02 -3.28 -8.11
CA GLY A 38 -4.40 -3.07 -7.73
C GLY A 38 -4.64 -3.35 -6.26
N TRP A 39 -3.57 -3.30 -5.47
CA TRP A 39 -3.67 -3.57 -4.05
C TRP A 39 -3.81 -2.27 -3.27
N LEU A 40 -3.19 -1.22 -3.79
CA LEU A 40 -3.23 0.08 -3.14
C LEU A 40 -3.84 1.12 -4.07
N LYS A 41 -4.48 2.11 -3.46
CA LYS A 41 -5.03 3.24 -4.18
C LYS A 41 -4.73 4.51 -3.41
N ARG A 42 -3.97 5.41 -4.03
CA ARG A 42 -3.55 6.62 -3.35
C ARG A 42 -4.59 7.73 -3.48
N SER A 43 -5.09 8.17 -2.33
CA SER A 43 -6.09 9.21 -2.27
C SER A 43 -5.70 10.23 -1.21
N SER A 44 -6.55 11.27 -1.04
CA SER A 44 -6.34 12.32 -0.04
C SER A 44 -5.11 13.17 -0.37
N VAL A 45 -3.93 12.63 -0.10
CA VAL A 45 -2.66 13.32 -0.31
C VAL A 45 -2.54 14.58 0.55
N ASP A 46 -1.75 14.49 1.60
CA ASP A 46 -1.50 15.64 2.47
C ASP A 46 -0.11 16.17 2.24
N SER A 47 -0.04 17.23 1.43
CA SER A 47 1.23 17.88 1.11
C SER A 47 2.19 16.93 0.40
N ARG A 48 3.06 16.26 1.15
CA ARG A 48 4.02 15.34 0.57
C ARG A 48 3.68 13.89 0.92
N ALA A 49 2.79 13.72 1.88
CA ALA A 49 2.40 12.40 2.33
C ALA A 49 1.21 11.88 1.53
N THR A 50 1.44 10.84 0.76
CA THR A 50 0.41 10.23 -0.05
C THR A 50 -0.26 9.09 0.72
N HIS A 51 -1.59 9.17 0.86
CA HIS A 51 -2.32 8.16 1.61
C HIS A 51 -2.76 7.03 0.69
N TYR A 52 -2.23 5.84 0.94
CA TYR A 52 -2.62 4.67 0.16
C TYR A 52 -3.71 3.90 0.89
N GLN A 53 -4.87 3.80 0.25
CA GLN A 53 -6.01 3.12 0.82
C GLN A 53 -6.04 1.67 0.34
N ILE A 54 -6.45 0.77 1.22
CA ILE A 54 -6.57 -0.63 0.88
C ILE A 54 -7.72 -0.88 -0.10
N THR A 55 -7.46 -1.69 -1.11
CA THR A 55 -8.51 -2.15 -2.01
C THR A 55 -9.02 -3.49 -1.53
N GLU A 56 -9.98 -4.06 -2.24
CA GLU A 56 -10.47 -5.39 -1.94
C GLU A 56 -9.36 -6.40 -2.22
N ARG A 57 -8.61 -6.16 -3.29
CA ARG A 57 -7.45 -6.97 -3.62
C ARG A 57 -6.40 -6.82 -2.53
N GLY A 58 -6.18 -5.59 -2.10
CA GLY A 58 -5.24 -5.32 -1.03
C GLY A 58 -5.66 -5.97 0.27
N THR A 59 -6.96 -6.15 0.44
CA THR A 59 -7.49 -6.83 1.61
C THR A 59 -7.20 -8.33 1.53
N SER A 60 -7.41 -8.90 0.37
CA SER A 60 -7.16 -10.32 0.15
C SER A 60 -5.66 -10.62 0.21
N ALA A 61 -4.86 -9.74 -0.40
CA ALA A 61 -3.41 -9.91 -0.45
C ALA A 61 -2.79 -9.95 0.95
N ALA A 62 -3.39 -9.23 1.88
CA ALA A 62 -2.90 -9.18 3.25
C ALA A 62 -3.20 -10.49 3.97
N LEU A 63 -4.20 -11.20 3.49
CA LEU A 63 -4.58 -12.48 4.07
C LEU A 63 -3.78 -13.61 3.41
N ARG A 64 -3.00 -13.25 2.41
CA ARG A 64 -2.21 -14.22 1.66
C ARG A 64 -0.73 -14.06 2.00
N SER A 65 -0.14 -15.11 2.52
CA SER A 65 1.28 -15.08 2.85
C SER A 65 1.99 -16.28 2.22
N MET A 1 6.69 -5.77 -8.72
CA MET A 1 6.29 -7.18 -8.58
C MET A 1 6.10 -7.51 -7.11
N ALA A 2 5.00 -8.17 -6.77
CA ALA A 2 4.67 -8.44 -5.38
C ALA A 2 5.32 -9.73 -4.88
N THR A 3 6.27 -9.59 -3.99
CA THR A 3 6.90 -10.75 -3.36
C THR A 3 6.38 -10.88 -1.93
N ALA A 4 6.87 -11.88 -1.20
CA ALA A 4 6.45 -12.12 0.19
C ALA A 4 6.55 -10.85 1.03
N ASP A 5 7.58 -10.04 0.76
CA ASP A 5 7.79 -8.78 1.46
C ASP A 5 6.62 -7.83 1.23
N ASP A 6 6.09 -7.84 0.01
CA ASP A 6 4.98 -6.97 -0.36
C ASP A 6 3.71 -7.40 0.35
N PHE A 7 3.54 -8.71 0.51
CA PHE A 7 2.42 -9.25 1.26
C PHE A 7 2.46 -8.76 2.71
N LYS A 8 3.66 -8.70 3.26
CA LYS A 8 3.86 -8.21 4.61
C LYS A 8 3.61 -6.70 4.67
N LEU A 9 3.97 -6.02 3.58
CA LEU A 9 3.83 -4.57 3.50
C LEU A 9 2.36 -4.18 3.32
N ILE A 10 1.65 -4.90 2.45
CA ILE A 10 0.25 -4.64 2.22
C ILE A 10 -0.56 -4.99 3.48
N ARG A 11 -0.04 -5.92 4.26
CA ARG A 11 -0.64 -6.27 5.53
C ARG A 11 -0.49 -5.09 6.50
N ASP A 12 0.67 -4.45 6.44
CA ASP A 12 0.97 -3.28 7.27
C ASP A 12 -0.06 -2.18 7.05
N ILE A 13 -0.49 -2.03 5.81
CA ILE A 13 -1.48 -1.03 5.45
C ILE A 13 -2.75 -1.21 6.27
N HIS A 14 -3.13 -2.47 6.48
CA HIS A 14 -4.29 -2.80 7.27
C HIS A 14 -4.01 -2.59 8.76
N SER A 15 -2.80 -2.96 9.16
CA SER A 15 -2.36 -2.78 10.55
C SER A 15 -2.37 -1.31 10.94
N THR A 16 -2.05 -0.44 9.97
CA THR A 16 -1.98 1.00 10.21
C THR A 16 -3.38 1.62 10.22
N GLY A 17 -4.41 0.80 9.98
CA GLY A 17 -5.78 1.28 10.05
C GLY A 17 -6.45 1.32 8.69
N GLY A 18 -5.88 0.62 7.73
CA GLY A 18 -6.46 0.57 6.40
C GLY A 18 -5.85 1.61 5.49
N ARG A 19 -5.17 2.59 6.08
CA ARG A 19 -4.50 3.63 5.32
C ARG A 19 -3.04 3.71 5.72
N ARG A 20 -2.19 4.00 4.77
CA ARG A 20 -0.77 4.19 5.03
C ARG A 20 -0.28 5.40 4.26
N GLN A 21 0.12 6.43 4.98
CA GLN A 21 0.67 7.62 4.33
C GLN A 21 2.17 7.45 4.17
N VAL A 22 2.65 7.67 2.97
CA VAL A 22 4.06 7.46 2.66
C VAL A 22 4.66 8.72 2.06
N PHE A 23 5.79 9.13 2.59
CA PHE A 23 6.51 10.28 2.05
C PHE A 23 7.08 9.94 0.68
N GLY A 24 7.15 10.94 -0.18
CA GLY A 24 7.73 10.75 -1.50
C GLY A 24 9.22 10.51 -1.45
N SER A 25 9.59 9.27 -1.17
CA SER A 25 10.98 8.87 -1.05
C SER A 25 11.14 7.41 -1.46
N ARG A 26 12.32 6.83 -1.20
CA ARG A 26 12.62 5.46 -1.60
C ARG A 26 11.61 4.46 -1.01
N GLU A 27 11.11 4.76 0.19
CA GLU A 27 10.16 3.89 0.85
C GLU A 27 8.85 3.79 0.06
N GLN A 28 8.56 4.80 -0.73
CA GLN A 28 7.31 4.88 -1.49
C GLN A 28 7.32 3.94 -2.69
N LYS A 29 8.53 3.57 -3.13
CA LYS A 29 8.71 2.74 -4.33
C LYS A 29 7.81 1.48 -4.35
N PRO A 30 7.84 0.63 -3.29
CA PRO A 30 7.00 -0.58 -3.26
C PRO A 30 5.51 -0.24 -3.22
N PHE A 31 5.17 0.86 -2.57
CA PHE A 31 3.78 1.29 -2.47
C PHE A 31 3.24 1.69 -3.84
N GLU A 32 4.07 2.38 -4.60
CA GLU A 32 3.71 2.77 -5.97
C GLU A 32 3.52 1.55 -6.85
N ASP A 33 4.32 0.52 -6.61
CA ASP A 33 4.22 -0.72 -7.39
C ASP A 33 2.93 -1.44 -7.07
N LEU A 34 2.55 -1.46 -5.80
CA LEU A 34 1.31 -2.09 -5.37
C LEU A 34 0.10 -1.38 -5.96
N VAL A 35 0.25 -0.09 -6.26
CA VAL A 35 -0.81 0.68 -6.89
C VAL A 35 -1.14 0.09 -8.26
N ASP A 36 -0.11 -0.16 -9.05
CA ASP A 36 -0.28 -0.75 -10.37
C ASP A 36 -0.85 -2.15 -10.27
N LEU A 37 -0.43 -2.88 -9.24
CA LEU A 37 -0.92 -4.22 -8.98
C LEU A 37 -2.38 -4.18 -8.55
N GLY A 38 -2.82 -3.01 -8.10
CA GLY A 38 -4.20 -2.82 -7.71
C GLY A 38 -4.43 -3.09 -6.24
N TRP A 39 -3.34 -3.16 -5.46
CA TRP A 39 -3.44 -3.44 -4.04
C TRP A 39 -3.58 -2.15 -3.24
N LEU A 40 -2.93 -1.10 -3.74
CA LEU A 40 -2.99 0.20 -3.10
C LEU A 40 -3.61 1.24 -4.01
N LYS A 41 -4.18 2.27 -3.41
CA LYS A 41 -4.79 3.35 -4.16
C LYS A 41 -4.38 4.69 -3.58
N ARG A 42 -4.07 5.64 -4.46
CA ARG A 42 -3.74 6.98 -4.04
C ARG A 42 -5.01 7.80 -3.87
N SER A 43 -5.43 7.96 -2.63
CA SER A 43 -6.71 8.61 -2.35
C SER A 43 -6.55 10.12 -2.16
N SER A 44 -5.46 10.52 -1.51
CA SER A 44 -5.22 11.93 -1.25
C SER A 44 -3.73 12.19 -1.15
N VAL A 45 -3.31 13.37 -1.56
CA VAL A 45 -1.89 13.72 -1.52
C VAL A 45 -1.64 14.99 -0.73
N ASP A 46 -0.66 14.90 0.16
CA ASP A 46 -0.17 16.05 0.91
C ASP A 46 1.24 16.35 0.46
N SER A 47 1.75 17.52 0.84
CA SER A 47 3.11 17.92 0.48
C SER A 47 4.12 16.83 0.85
N ARG A 48 4.57 16.09 -0.17
CA ARG A 48 5.56 15.02 -0.01
C ARG A 48 5.01 13.84 0.80
N ALA A 49 3.69 13.75 0.90
CA ALA A 49 3.06 12.64 1.61
C ALA A 49 1.87 12.11 0.84
N THR A 50 1.97 10.87 0.40
CA THR A 50 0.90 10.25 -0.37
C THR A 50 0.11 9.26 0.48
N HIS A 51 -1.20 9.43 0.51
CA HIS A 51 -2.09 8.54 1.26
C HIS A 51 -2.45 7.32 0.44
N TYR A 52 -2.02 6.15 0.88
CA TYR A 52 -2.38 4.91 0.22
C TYR A 52 -3.45 4.19 1.03
N GLN A 53 -4.53 3.82 0.36
CA GLN A 53 -5.62 3.13 1.03
C GLN A 53 -5.77 1.71 0.48
N ILE A 54 -6.17 0.80 1.35
CA ILE A 54 -6.39 -0.59 0.97
C ILE A 54 -7.51 -0.72 -0.07
N THR A 55 -7.29 -1.57 -1.06
CA THR A 55 -8.30 -1.87 -2.05
C THR A 55 -8.89 -3.26 -1.80
N GLU A 56 -9.71 -3.74 -2.72
CA GLU A 56 -10.21 -5.11 -2.66
C GLU A 56 -9.03 -6.08 -2.77
N ARG A 57 -8.15 -5.83 -3.73
CA ARG A 57 -6.93 -6.64 -3.87
C ARG A 57 -6.06 -6.51 -2.64
N GLY A 58 -5.96 -5.28 -2.12
CA GLY A 58 -5.18 -5.05 -0.92
C GLY A 58 -5.71 -5.82 0.28
N THR A 59 -7.03 -5.93 0.36
CA THR A 59 -7.66 -6.71 1.42
C THR A 59 -7.43 -8.21 1.18
N SER A 60 -7.60 -8.64 -0.07
CA SER A 60 -7.40 -10.03 -0.44
C SER A 60 -5.95 -10.46 -0.21
N ALA A 61 -5.01 -9.57 -0.51
CA ALA A 61 -3.59 -9.86 -0.33
C ALA A 61 -3.26 -10.10 1.15
N ALA A 62 -3.89 -9.32 2.02
CA ALA A 62 -3.69 -9.47 3.45
C ALA A 62 -4.43 -10.69 3.98
N LEU A 63 -5.53 -11.03 3.32
CA LEU A 63 -6.34 -12.17 3.71
C LEU A 63 -5.74 -13.46 3.15
N ARG A 64 -4.72 -13.31 2.32
CA ARG A 64 -4.04 -14.44 1.71
C ARG A 64 -3.19 -15.16 2.73
N SER A 65 -3.75 -16.20 3.32
CA SER A 65 -3.02 -17.06 4.22
C SER A 65 -2.99 -18.46 3.63
N MET A 1 4.46 -11.30 -9.44
CA MET A 1 4.88 -9.88 -9.34
C MET A 1 5.17 -9.51 -7.90
N ALA A 2 4.18 -9.70 -7.04
CA ALA A 2 4.33 -9.39 -5.63
C ALA A 2 4.92 -10.56 -4.87
N THR A 3 5.90 -10.29 -4.04
CA THR A 3 6.56 -11.30 -3.24
C THR A 3 6.04 -11.25 -1.80
N ALA A 4 6.55 -12.12 -0.94
CA ALA A 4 6.12 -12.19 0.46
C ALA A 4 6.31 -10.85 1.16
N ASP A 5 7.36 -10.13 0.78
CA ASP A 5 7.62 -8.81 1.34
C ASP A 5 6.52 -7.83 0.95
N ASP A 6 5.96 -8.00 -0.24
CA ASP A 6 4.86 -7.15 -0.70
C ASP A 6 3.60 -7.48 0.09
N PHE A 7 3.39 -8.77 0.37
CA PHE A 7 2.29 -9.21 1.20
C PHE A 7 2.42 -8.62 2.61
N LYS A 8 3.65 -8.55 3.09
CA LYS A 8 3.93 -7.94 4.38
C LYS A 8 3.69 -6.43 4.34
N LEU A 9 3.98 -5.83 3.20
CA LEU A 9 3.80 -4.39 3.03
C LEU A 9 2.31 -4.03 2.99
N ILE A 10 1.54 -4.79 2.22
CA ILE A 10 0.12 -4.53 2.08
C ILE A 10 -0.61 -4.81 3.41
N ARG A 11 -0.05 -5.70 4.22
CA ARG A 11 -0.59 -5.98 5.53
C ARG A 11 -0.37 -4.79 6.45
N ASP A 12 0.80 -4.16 6.30
CA ASP A 12 1.15 -2.97 7.06
C ASP A 12 0.11 -1.87 6.85
N ILE A 13 -0.37 -1.77 5.62
CA ILE A 13 -1.38 -0.79 5.25
C ILE A 13 -2.63 -0.95 6.13
N HIS A 14 -2.99 -2.20 6.39
CA HIS A 14 -4.15 -2.50 7.22
C HIS A 14 -3.86 -2.17 8.67
N SER A 15 -2.67 -2.54 9.12
CA SER A 15 -2.26 -2.31 10.51
C SER A 15 -2.17 -0.82 10.82
N THR A 16 -2.02 0.00 9.79
CA THR A 16 -1.97 1.45 9.96
C THR A 16 -3.39 2.03 10.08
N GLY A 17 -4.40 1.18 9.88
CA GLY A 17 -5.77 1.62 10.03
C GLY A 17 -6.54 1.58 8.72
N GLY A 18 -6.08 0.73 7.80
CA GLY A 18 -6.76 0.60 6.53
C GLY A 18 -6.17 1.49 5.45
N ARG A 19 -5.47 2.54 5.88
CA ARG A 19 -4.80 3.43 4.96
C ARG A 19 -3.40 3.77 5.48
N ARG A 20 -2.49 3.95 4.55
CA ARG A 20 -1.09 4.19 4.88
C ARG A 20 -0.62 5.45 4.16
N GLN A 21 -0.11 6.42 4.90
CA GLN A 21 0.35 7.65 4.28
C GLN A 21 1.88 7.73 4.31
N VAL A 22 2.47 7.63 3.14
CA VAL A 22 3.92 7.65 3.01
C VAL A 22 4.36 8.99 2.44
N PHE A 23 5.38 9.57 3.04
CA PHE A 23 5.87 10.88 2.61
C PHE A 23 6.65 10.75 1.31
N GLY A 24 7.54 9.78 1.25
CA GLY A 24 8.35 9.58 0.07
C GLY A 24 9.54 8.71 0.33
N SER A 25 10.74 9.30 0.17
CA SER A 25 12.01 8.59 0.28
C SER A 25 11.99 7.31 -0.56
N ARG A 26 12.91 6.39 -0.29
CA ARG A 26 12.95 5.14 -1.04
C ARG A 26 11.87 4.18 -0.54
N GLU A 27 11.33 4.49 0.63
CA GLU A 27 10.29 3.67 1.25
C GLU A 27 9.02 3.64 0.39
N GLN A 28 8.70 4.77 -0.23
CA GLN A 28 7.45 4.91 -0.99
C GLN A 28 7.48 4.12 -2.30
N LYS A 29 8.67 3.83 -2.80
CA LYS A 29 8.83 3.17 -4.10
C LYS A 29 7.98 1.89 -4.21
N PRO A 30 8.12 0.90 -3.29
CA PRO A 30 7.32 -0.32 -3.33
C PRO A 30 5.83 -0.06 -3.18
N PHE A 31 5.47 1.01 -2.48
CA PHE A 31 4.06 1.36 -2.29
C PHE A 31 3.43 1.73 -3.64
N GLU A 32 4.18 2.46 -4.45
CA GLU A 32 3.72 2.84 -5.78
C GLU A 32 3.67 1.62 -6.69
N ASP A 33 4.46 0.61 -6.34
CA ASP A 33 4.49 -0.63 -7.10
C ASP A 33 3.21 -1.43 -6.89
N LEU A 34 2.74 -1.45 -5.64
CA LEU A 34 1.49 -2.12 -5.31
C LEU A 34 0.30 -1.38 -5.89
N VAL A 35 0.46 -0.09 -6.15
CA VAL A 35 -0.58 0.69 -6.79
C VAL A 35 -0.85 0.16 -8.19
N ASP A 36 0.23 -0.15 -8.90
CA ASP A 36 0.14 -0.72 -10.24
C ASP A 36 -0.53 -2.08 -10.20
N LEU A 37 -0.18 -2.87 -9.18
CA LEU A 37 -0.73 -4.22 -9.01
C LEU A 37 -2.21 -4.15 -8.67
N GLY A 38 -2.66 -3.03 -8.12
CA GLY A 38 -4.04 -2.86 -7.76
C GLY A 38 -4.30 -3.23 -6.31
N TRP A 39 -3.26 -3.15 -5.49
CA TRP A 39 -3.38 -3.43 -4.07
C TRP A 39 -3.53 -2.12 -3.30
N LEU A 40 -2.85 -1.09 -3.79
CA LEU A 40 -2.90 0.23 -3.18
C LEU A 40 -3.44 1.26 -4.14
N LYS A 41 -4.11 2.26 -3.61
CA LYS A 41 -4.63 3.35 -4.42
C LYS A 41 -4.38 4.67 -3.71
N ARG A 42 -3.74 5.60 -4.40
CA ARG A 42 -3.41 6.88 -3.83
C ARG A 42 -4.46 7.92 -4.21
N SER A 43 -5.22 8.36 -3.22
CA SER A 43 -6.26 9.34 -3.44
C SER A 43 -5.96 10.64 -2.69
N SER A 44 -5.83 10.55 -1.38
CA SER A 44 -5.60 11.72 -0.56
C SER A 44 -4.10 12.00 -0.43
N VAL A 45 -3.70 13.21 -0.81
CA VAL A 45 -2.32 13.63 -0.66
C VAL A 45 -2.25 14.99 0.02
N ASP A 46 -1.70 15.02 1.22
CA ASP A 46 -1.53 16.27 1.94
C ASP A 46 -0.09 16.42 2.40
N SER A 47 0.51 17.57 2.04
CA SER A 47 1.90 17.86 2.34
C SER A 47 2.82 16.64 2.20
N ARG A 48 3.10 16.30 0.93
CA ARG A 48 4.00 15.21 0.52
C ARG A 48 3.53 13.81 0.97
N ALA A 49 2.72 13.73 2.01
CA ALA A 49 2.23 12.45 2.49
C ALA A 49 1.13 11.92 1.57
N THR A 50 1.43 10.81 0.93
CA THR A 50 0.49 10.18 0.01
C THR A 50 -0.26 9.05 0.71
N HIS A 51 -1.58 9.18 0.77
CA HIS A 51 -2.41 8.19 1.46
C HIS A 51 -2.79 7.06 0.51
N TYR A 52 -2.38 5.85 0.87
CA TYR A 52 -2.72 4.67 0.09
C TYR A 52 -3.88 3.94 0.76
N GLN A 53 -4.97 3.81 0.03
CA GLN A 53 -6.16 3.13 0.51
C GLN A 53 -6.17 1.68 0.04
N ILE A 54 -6.45 0.77 0.96
CA ILE A 54 -6.57 -0.64 0.63
C ILE A 54 -7.70 -0.89 -0.36
N THR A 55 -7.40 -1.67 -1.39
CA THR A 55 -8.41 -2.05 -2.36
C THR A 55 -9.03 -3.39 -1.97
N GLU A 56 -9.91 -3.90 -2.82
CA GLU A 56 -10.48 -5.22 -2.61
C GLU A 56 -9.36 -6.25 -2.70
N ARG A 57 -8.47 -6.05 -3.66
CA ARG A 57 -7.30 -6.90 -3.82
C ARG A 57 -6.36 -6.77 -2.62
N GLY A 58 -6.08 -5.53 -2.25
CA GLY A 58 -5.18 -5.26 -1.14
C GLY A 58 -5.69 -5.84 0.17
N THR A 59 -7.00 -5.89 0.32
CA THR A 59 -7.60 -6.47 1.51
C THR A 59 -7.46 -7.99 1.47
N SER A 60 -7.65 -8.56 0.29
CA SER A 60 -7.55 -10.00 0.11
C SER A 60 -6.10 -10.47 0.22
N ALA A 61 -5.20 -9.76 -0.45
CA ALA A 61 -3.79 -10.16 -0.52
C ALA A 61 -3.16 -10.28 0.86
N ALA A 62 -3.49 -9.34 1.73
CA ALA A 62 -2.93 -9.33 3.07
C ALA A 62 -3.43 -10.52 3.89
N LEU A 63 -4.59 -11.06 3.49
CA LEU A 63 -5.17 -12.20 4.20
C LEU A 63 -4.79 -13.51 3.51
N ARG A 64 -4.12 -13.40 2.36
CA ARG A 64 -3.68 -14.58 1.61
C ARG A 64 -2.38 -15.12 2.19
N SER A 65 -2.49 -15.77 3.35
CA SER A 65 -1.33 -16.35 4.02
C SER A 65 -1.71 -17.70 4.61
N MET A 1 5.27 -11.63 -9.76
CA MET A 1 6.37 -10.69 -9.46
C MET A 1 6.33 -10.29 -7.99
N ALA A 2 5.13 -10.07 -7.47
CA ALA A 2 4.95 -9.72 -6.07
C ALA A 2 5.37 -10.88 -5.18
N THR A 3 6.13 -10.57 -4.14
CA THR A 3 6.64 -11.59 -3.24
C THR A 3 6.14 -11.35 -1.82
N ALA A 4 6.52 -12.21 -0.88
CA ALA A 4 6.07 -12.12 0.49
C ALA A 4 6.45 -10.78 1.12
N ASP A 5 7.56 -10.21 0.67
CA ASP A 5 8.00 -8.89 1.12
C ASP A 5 6.93 -7.85 0.81
N ASP A 6 6.33 -7.97 -0.37
CA ASP A 6 5.28 -7.06 -0.80
C ASP A 6 4.03 -7.31 0.05
N PHE A 7 3.80 -8.56 0.40
CA PHE A 7 2.72 -8.93 1.30
C PHE A 7 2.90 -8.29 2.67
N LYS A 8 4.16 -8.19 3.12
CA LYS A 8 4.46 -7.52 4.38
C LYS A 8 4.03 -6.07 4.31
N LEU A 9 4.33 -5.44 3.19
CA LEU A 9 4.06 -4.02 3.00
C LEU A 9 2.56 -3.77 2.96
N ILE A 10 1.83 -4.56 2.18
CA ILE A 10 0.38 -4.39 2.09
C ILE A 10 -0.28 -4.74 3.42
N ARG A 11 0.34 -5.65 4.16
CA ARG A 11 -0.12 -6.01 5.50
C ARG A 11 0.01 -4.81 6.43
N ASP A 12 1.14 -4.13 6.32
CA ASP A 12 1.44 -2.94 7.11
C ASP A 12 0.36 -1.87 6.92
N ILE A 13 -0.16 -1.77 5.71
CA ILE A 13 -1.21 -0.81 5.39
C ILE A 13 -2.44 -1.06 6.23
N HIS A 14 -2.75 -2.34 6.45
CA HIS A 14 -3.89 -2.73 7.24
C HIS A 14 -3.62 -2.50 8.71
N SER A 15 -2.37 -2.68 9.10
CA SER A 15 -1.94 -2.50 10.48
C SER A 15 -2.16 -1.04 10.92
N THR A 16 -2.05 -0.11 9.97
CA THR A 16 -2.29 1.30 10.27
C THR A 16 -3.78 1.66 10.12
N GLY A 17 -4.63 0.66 9.99
CA GLY A 17 -6.06 0.90 9.92
C GLY A 17 -6.63 0.69 8.54
N GLY A 18 -5.77 0.53 7.56
CA GLY A 18 -6.23 0.37 6.19
C GLY A 18 -5.84 1.56 5.34
N ARG A 19 -5.20 2.53 5.97
CA ARG A 19 -4.73 3.72 5.26
C ARG A 19 -3.31 4.02 5.72
N ARG A 20 -2.44 4.32 4.77
CA ARG A 20 -1.04 4.56 5.08
C ARG A 20 -0.52 5.75 4.28
N GLN A 21 -0.06 6.79 4.98
CA GLN A 21 0.50 7.96 4.32
C GLN A 21 2.02 7.87 4.25
N VAL A 22 2.56 8.11 3.07
CA VAL A 22 4.00 8.12 2.88
C VAL A 22 4.43 9.41 2.21
N PHE A 23 5.45 10.07 2.75
CA PHE A 23 5.90 11.35 2.21
C PHE A 23 6.80 11.15 0.99
N GLY A 24 7.27 9.93 0.79
CA GLY A 24 8.10 9.65 -0.36
C GLY A 24 9.27 8.76 -0.02
N SER A 25 10.40 9.03 -0.68
CA SER A 25 11.64 8.28 -0.46
C SER A 25 11.54 6.88 -1.05
N ARG A 26 12.55 6.05 -0.77
CA ARG A 26 12.63 4.70 -1.33
C ARG A 26 11.40 3.88 -0.96
N GLU A 27 10.90 4.11 0.24
CA GLU A 27 9.80 3.35 0.79
C GLU A 27 8.54 3.50 -0.04
N GLN A 28 8.33 4.67 -0.64
CA GLN A 28 7.09 4.94 -1.36
C GLN A 28 7.04 4.24 -2.71
N LYS A 29 8.20 3.89 -3.26
CA LYS A 29 8.26 3.25 -4.57
C LYS A 29 7.47 1.93 -4.61
N PRO A 30 7.72 0.98 -3.69
CA PRO A 30 6.94 -0.27 -3.65
C PRO A 30 5.45 -0.01 -3.38
N PHE A 31 5.15 1.10 -2.72
CA PHE A 31 3.77 1.51 -2.51
C PHE A 31 3.10 1.82 -3.84
N GLU A 32 3.82 2.55 -4.69
CA GLU A 32 3.33 2.89 -6.03
C GLU A 32 3.24 1.63 -6.88
N ASP A 33 4.13 0.69 -6.61
CA ASP A 33 4.17 -0.56 -7.35
C ASP A 33 2.93 -1.40 -7.04
N LEU A 34 2.52 -1.37 -5.78
CA LEU A 34 1.33 -2.09 -5.36
C LEU A 34 0.08 -1.44 -5.94
N VAL A 35 0.17 -0.16 -6.28
CA VAL A 35 -0.93 0.54 -6.93
C VAL A 35 -1.15 -0.03 -8.32
N ASP A 36 -0.05 -0.33 -9.01
CA ASP A 36 -0.11 -0.95 -10.34
C ASP A 36 -0.72 -2.34 -10.25
N LEU A 37 -0.42 -3.03 -9.15
CA LEU A 37 -0.98 -4.35 -8.88
C LEU A 37 -2.44 -4.23 -8.44
N GLY A 38 -2.83 -3.04 -8.01
CA GLY A 38 -4.20 -2.82 -7.59
C GLY A 38 -4.41 -3.16 -6.13
N TRP A 39 -3.33 -3.20 -5.37
CA TRP A 39 -3.39 -3.50 -3.94
C TRP A 39 -3.57 -2.22 -3.15
N LEU A 40 -2.92 -1.16 -3.63
CA LEU A 40 -2.99 0.14 -2.99
C LEU A 40 -3.69 1.15 -3.87
N LYS A 41 -4.37 2.09 -3.24
CA LYS A 41 -5.08 3.13 -3.96
C LYS A 41 -4.80 4.48 -3.32
N ARG A 42 -3.97 5.28 -3.97
CA ARG A 42 -3.67 6.62 -3.49
C ARG A 42 -4.72 7.60 -3.96
N SER A 43 -5.64 7.94 -3.06
CA SER A 43 -6.74 8.81 -3.41
C SER A 43 -6.62 10.17 -2.70
N SER A 44 -5.51 10.37 -2.00
CA SER A 44 -5.28 11.63 -1.30
C SER A 44 -3.80 11.94 -1.18
N VAL A 45 -3.29 12.74 -2.11
CA VAL A 45 -1.94 13.26 -2.01
C VAL A 45 -1.99 14.63 -1.33
N ASP A 46 -1.80 14.63 -0.02
CA ASP A 46 -1.92 15.85 0.75
C ASP A 46 -0.57 16.54 0.86
N SER A 47 -0.43 17.63 0.11
CA SER A 47 0.83 18.38 -0.05
C SER A 47 1.96 17.49 -0.58
N ARG A 48 2.53 16.63 0.25
CA ARG A 48 3.56 15.72 -0.19
C ARG A 48 3.26 14.30 0.30
N ALA A 49 2.55 14.20 1.42
CA ALA A 49 2.22 12.91 1.99
C ALA A 49 1.16 12.22 1.16
N THR A 50 1.55 11.11 0.56
CA THR A 50 0.66 10.36 -0.29
C THR A 50 -0.06 9.29 0.52
N HIS A 51 -1.38 9.44 0.66
CA HIS A 51 -2.19 8.52 1.44
C HIS A 51 -2.66 7.35 0.60
N TYR A 52 -2.20 6.15 0.95
CA TYR A 52 -2.61 4.95 0.26
C TYR A 52 -3.69 4.23 1.05
N GLN A 53 -4.81 3.96 0.40
CA GLN A 53 -5.91 3.24 1.01
C GLN A 53 -5.97 1.81 0.47
N ILE A 54 -6.31 0.88 1.35
CA ILE A 54 -6.43 -0.52 0.97
C ILE A 54 -7.60 -0.73 0.01
N THR A 55 -7.37 -1.57 -1.00
CA THR A 55 -8.44 -1.97 -1.90
C THR A 55 -8.99 -3.31 -1.47
N GLU A 56 -10.02 -3.80 -2.15
CA GLU A 56 -10.52 -5.14 -1.92
C GLU A 56 -9.42 -6.15 -2.22
N ARG A 57 -8.65 -5.88 -3.27
CA ARG A 57 -7.55 -6.74 -3.67
C ARG A 57 -6.43 -6.68 -2.63
N GLY A 58 -6.15 -5.48 -2.16
CA GLY A 58 -5.16 -5.29 -1.11
C GLY A 58 -5.57 -5.98 0.18
N THR A 59 -6.88 -6.10 0.38
CA THR A 59 -7.41 -6.82 1.53
C THR A 59 -7.24 -8.33 1.33
N SER A 60 -7.56 -8.79 0.13
CA SER A 60 -7.46 -10.21 -0.20
C SER A 60 -6.00 -10.68 -0.09
N ALA A 61 -5.07 -9.85 -0.53
CA ALA A 61 -3.66 -10.16 -0.48
C ALA A 61 -3.17 -10.31 0.96
N ALA A 62 -3.57 -9.38 1.81
CA ALA A 62 -3.15 -9.39 3.21
C ALA A 62 -3.84 -10.51 3.98
N LEU A 63 -4.99 -10.95 3.48
CA LEU A 63 -5.74 -12.04 4.09
C LEU A 63 -5.06 -13.38 3.81
N ARG A 64 -3.97 -13.32 3.05
CA ARG A 64 -3.15 -14.48 2.77
C ARG A 64 -1.95 -14.53 3.72
N SER A 65 -1.88 -13.56 4.61
CA SER A 65 -0.81 -13.48 5.59
C SER A 65 -1.36 -13.74 6.99
N MET A 1 3.67 -12.37 -9.48
CA MET A 1 4.11 -11.00 -9.81
C MET A 1 4.68 -10.31 -8.58
N ALA A 2 3.95 -10.35 -7.47
CA ALA A 2 4.39 -9.74 -6.23
C ALA A 2 5.02 -10.79 -5.33
N THR A 3 5.97 -10.36 -4.51
CA THR A 3 6.71 -11.29 -3.67
C THR A 3 6.20 -11.24 -2.23
N ALA A 4 6.80 -12.06 -1.37
CA ALA A 4 6.38 -12.15 0.02
C ALA A 4 6.51 -10.80 0.74
N ASP A 5 7.49 -10.02 0.32
CA ASP A 5 7.70 -8.68 0.86
C ASP A 5 6.47 -7.81 0.62
N ASP A 6 5.89 -7.94 -0.56
CA ASP A 6 4.72 -7.16 -0.93
C ASP A 6 3.52 -7.58 -0.08
N PHE A 7 3.38 -8.89 0.12
CA PHE A 7 2.32 -9.44 0.94
C PHE A 7 2.41 -8.95 2.38
N LYS A 8 3.63 -8.78 2.87
CA LYS A 8 3.84 -8.27 4.22
C LYS A 8 3.60 -6.76 4.28
N LEU A 9 4.05 -6.06 3.24
CA LEU A 9 3.93 -4.61 3.20
C LEU A 9 2.46 -4.20 3.07
N ILE A 10 1.72 -4.92 2.24
CA ILE A 10 0.30 -4.64 2.06
C ILE A 10 -0.46 -4.95 3.35
N ARG A 11 0.06 -5.90 4.13
CA ARG A 11 -0.51 -6.23 5.42
C ARG A 11 -0.30 -5.08 6.39
N ASP A 12 0.87 -4.45 6.29
CA ASP A 12 1.21 -3.30 7.13
C ASP A 12 0.21 -2.17 6.95
N ILE A 13 -0.29 -2.02 5.73
CA ILE A 13 -1.30 -1.02 5.42
C ILE A 13 -2.53 -1.22 6.30
N HIS A 14 -2.90 -2.49 6.48
CA HIS A 14 -4.05 -2.85 7.30
C HIS A 14 -3.74 -2.62 8.77
N SER A 15 -2.51 -2.92 9.15
CA SER A 15 -2.05 -2.72 10.53
C SER A 15 -2.09 -1.24 10.91
N THR A 16 -2.00 -0.38 9.90
CA THR A 16 -2.01 1.06 10.12
C THR A 16 -3.45 1.59 10.13
N GLY A 17 -4.42 0.69 9.94
CA GLY A 17 -5.82 1.08 9.96
C GLY A 17 -6.45 1.02 8.58
N GLY A 18 -5.79 0.32 7.66
CA GLY A 18 -6.32 0.15 6.32
C GLY A 18 -5.99 1.33 5.43
N ARG A 19 -5.27 2.29 5.98
CA ARG A 19 -4.91 3.49 5.25
C ARG A 19 -3.51 3.93 5.68
N ARG A 20 -2.62 4.06 4.72
CA ARG A 20 -1.23 4.42 5.02
C ARG A 20 -0.80 5.61 4.18
N GLN A 21 -0.36 6.67 4.83
CA GLN A 21 0.13 7.85 4.13
C GLN A 21 1.65 7.88 4.13
N VAL A 22 2.21 8.10 2.95
CA VAL A 22 3.66 8.20 2.78
C VAL A 22 4.00 9.50 2.05
N PHE A 23 5.04 10.18 2.50
CA PHE A 23 5.44 11.43 1.88
C PHE A 23 6.08 11.18 0.52
N GLY A 24 7.10 10.34 0.51
CA GLY A 24 7.78 10.05 -0.72
C GLY A 24 9.11 9.37 -0.47
N SER A 25 10.16 9.89 -1.10
CA SER A 25 11.50 9.32 -0.98
C SER A 25 11.51 7.86 -1.45
N ARG A 26 12.51 7.10 -1.01
CA ARG A 26 12.66 5.72 -1.43
C ARG A 26 11.61 4.83 -0.77
N GLU A 27 11.06 5.31 0.34
CA GLU A 27 10.07 4.57 1.12
C GLU A 27 8.75 4.43 0.35
N GLN A 28 8.45 5.38 -0.51
CA GLN A 28 7.19 5.38 -1.26
C GLN A 28 7.25 4.44 -2.46
N LYS A 29 8.45 4.15 -2.93
CA LYS A 29 8.64 3.33 -4.13
C LYS A 29 7.85 2.00 -4.07
N PRO A 30 8.01 1.18 -3.01
CA PRO A 30 7.28 -0.10 -2.91
C PRO A 30 5.77 0.09 -2.84
N PHE A 31 5.34 1.23 -2.32
CA PHE A 31 3.92 1.54 -2.22
C PHE A 31 3.35 1.83 -3.59
N GLU A 32 4.10 2.56 -4.40
CA GLU A 32 3.70 2.88 -5.75
C GLU A 32 3.58 1.62 -6.60
N ASP A 33 4.44 0.65 -6.32
CA ASP A 33 4.41 -0.62 -7.04
C ASP A 33 3.12 -1.38 -6.73
N LEU A 34 2.70 -1.35 -5.47
CA LEU A 34 1.46 -1.99 -5.08
C LEU A 34 0.26 -1.29 -5.70
N VAL A 35 0.38 0.01 -5.93
CA VAL A 35 -0.64 0.76 -6.64
C VAL A 35 -0.75 0.27 -8.09
N ASP A 36 0.40 -0.03 -8.66
CA ASP A 36 0.47 -0.55 -10.03
C ASP A 36 -0.11 -1.97 -10.08
N LEU A 37 0.11 -2.71 -9.01
CA LEU A 37 -0.43 -4.07 -8.88
C LEU A 37 -1.92 -4.05 -8.55
N GLY A 38 -2.39 -2.93 -8.02
CA GLY A 38 -3.80 -2.80 -7.68
C GLY A 38 -4.08 -3.19 -6.24
N TRP A 39 -3.05 -3.28 -5.42
CA TRP A 39 -3.20 -3.63 -4.02
C TRP A 39 -3.41 -2.37 -3.19
N LEU A 40 -2.80 -1.30 -3.65
CA LEU A 40 -2.94 0.00 -3.03
C LEU A 40 -3.56 0.99 -4.00
N LYS A 41 -4.20 2.00 -3.44
CA LYS A 41 -4.76 3.09 -4.23
C LYS A 41 -4.65 4.38 -3.43
N ARG A 42 -4.18 5.43 -4.07
CA ARG A 42 -4.10 6.71 -3.41
C ARG A 42 -5.43 7.43 -3.54
N SER A 43 -6.21 7.40 -2.46
CA SER A 43 -7.54 7.98 -2.44
C SER A 43 -7.49 9.46 -2.12
N SER A 44 -6.34 9.90 -1.65
CA SER A 44 -6.14 11.31 -1.31
C SER A 44 -4.71 11.72 -1.62
N VAL A 45 -4.54 12.42 -2.72
CA VAL A 45 -3.23 12.90 -3.14
C VAL A 45 -3.00 14.30 -2.58
N ASP A 46 -2.29 14.38 -1.47
CA ASP A 46 -1.99 15.63 -0.82
C ASP A 46 -0.58 16.07 -1.17
N SER A 47 -0.24 17.33 -0.92
CA SER A 47 1.09 17.86 -1.20
C SER A 47 2.17 16.94 -0.64
N ARG A 48 2.83 16.23 -1.55
CA ARG A 48 3.82 15.21 -1.22
C ARG A 48 3.18 14.00 -0.52
N ALA A 49 2.65 14.22 0.67
CA ALA A 49 2.06 13.15 1.46
C ALA A 49 0.91 12.49 0.72
N THR A 50 1.10 11.24 0.37
CA THR A 50 0.13 10.51 -0.41
C THR A 50 -0.59 9.48 0.47
N HIS A 51 -1.91 9.54 0.50
CA HIS A 51 -2.70 8.66 1.35
C HIS A 51 -3.14 7.43 0.56
N TYR A 52 -2.65 6.27 0.96
CA TYR A 52 -3.03 5.02 0.31
C TYR A 52 -4.08 4.30 1.13
N GLN A 53 -5.07 3.74 0.46
CA GLN A 53 -6.09 2.96 1.12
C GLN A 53 -6.11 1.53 0.56
N ILE A 54 -6.45 0.58 1.40
CA ILE A 54 -6.53 -0.81 1.00
C ILE A 54 -7.63 -1.04 -0.04
N THR A 55 -7.30 -1.77 -1.09
CA THR A 55 -8.26 -2.09 -2.14
C THR A 55 -8.84 -3.48 -1.90
N GLU A 56 -9.64 -3.95 -2.86
CA GLU A 56 -10.15 -5.32 -2.82
C GLU A 56 -8.97 -6.30 -2.83
N ARG A 57 -8.06 -6.09 -3.77
CA ARG A 57 -6.89 -6.96 -3.91
C ARG A 57 -5.99 -6.84 -2.70
N GLY A 58 -5.81 -5.61 -2.22
CA GLY A 58 -4.96 -5.37 -1.08
C GLY A 58 -5.51 -5.98 0.20
N THR A 59 -6.83 -6.06 0.28
CA THR A 59 -7.46 -6.72 1.41
C THR A 59 -7.30 -8.24 1.30
N SER A 60 -7.47 -8.74 0.08
CA SER A 60 -7.33 -10.16 -0.20
C SER A 60 -5.90 -10.64 0.06
N ALA A 61 -4.94 -9.92 -0.53
CA ALA A 61 -3.52 -10.30 -0.45
C ALA A 61 -3.03 -10.34 0.98
N ALA A 62 -3.36 -9.30 1.73
CA ALA A 62 -2.87 -9.16 3.10
C ALA A 62 -3.56 -10.12 4.05
N LEU A 63 -4.75 -10.57 3.69
CA LEU A 63 -5.50 -11.47 4.53
C LEU A 63 -4.85 -12.84 4.59
N ARG A 64 -4.06 -13.15 3.57
CA ARG A 64 -3.38 -14.44 3.48
C ARG A 64 -2.00 -14.37 4.12
N SER A 65 -1.66 -13.20 4.65
CA SER A 65 -0.40 -13.02 5.35
C SER A 65 -0.61 -13.22 6.85
N MET A 1 5.23 -11.86 -9.71
CA MET A 1 4.95 -10.41 -9.68
C MET A 1 5.11 -9.86 -8.27
N ALA A 2 4.49 -10.53 -7.31
CA ALA A 2 4.55 -10.11 -5.92
C ALA A 2 5.19 -11.19 -5.07
N THR A 3 5.92 -10.78 -4.05
CA THR A 3 6.59 -11.69 -3.15
C THR A 3 6.07 -11.49 -1.73
N ALA A 4 6.60 -12.27 -0.78
CA ALA A 4 6.17 -12.19 0.61
C ALA A 4 6.39 -10.79 1.18
N ASP A 5 7.42 -10.11 0.67
CA ASP A 5 7.70 -8.74 1.09
C ASP A 5 6.53 -7.82 0.78
N ASP A 6 5.89 -8.05 -0.35
CA ASP A 6 4.74 -7.25 -0.76
C ASP A 6 3.56 -7.53 0.15
N PHE A 7 3.32 -8.81 0.42
CA PHE A 7 2.27 -9.21 1.34
C PHE A 7 2.51 -8.63 2.73
N LYS A 8 3.76 -8.66 3.15
CA LYS A 8 4.17 -8.11 4.43
C LYS A 8 3.91 -6.61 4.50
N LEU A 9 4.09 -5.93 3.38
CA LEU A 9 3.90 -4.50 3.32
C LEU A 9 2.40 -4.16 3.26
N ILE A 10 1.67 -4.88 2.43
CA ILE A 10 0.26 -4.59 2.21
C ILE A 10 -0.57 -4.88 3.46
N ARG A 11 -0.18 -5.89 4.23
CA ARG A 11 -0.87 -6.20 5.48
C ARG A 11 -0.59 -5.12 6.51
N ASP A 12 0.59 -4.52 6.41
CA ASP A 12 0.99 -3.46 7.32
C ASP A 12 0.09 -2.24 7.14
N ILE A 13 -0.34 -2.02 5.91
CA ILE A 13 -1.27 -0.95 5.59
C ILE A 13 -2.55 -1.10 6.42
N HIS A 14 -3.02 -2.34 6.50
CA HIS A 14 -4.21 -2.66 7.29
C HIS A 14 -3.91 -2.52 8.77
N SER A 15 -2.71 -2.96 9.16
CA SER A 15 -2.25 -2.86 10.55
C SER A 15 -2.17 -1.40 10.98
N THR A 16 -1.90 -0.52 10.02
CA THR A 16 -1.81 0.92 10.30
C THR A 16 -3.21 1.51 10.46
N GLY A 17 -4.22 0.75 10.04
CA GLY A 17 -5.60 1.23 10.12
C GLY A 17 -6.34 1.04 8.81
N GLY A 18 -5.60 0.75 7.75
CA GLY A 18 -6.21 0.59 6.44
C GLY A 18 -5.80 1.70 5.50
N ARG A 19 -4.99 2.62 6.01
CA ARG A 19 -4.52 3.74 5.22
C ARG A 19 -3.11 4.11 5.64
N ARG A 20 -2.22 4.28 4.67
CA ARG A 20 -0.83 4.57 4.95
C ARG A 20 -0.35 5.75 4.12
N GLN A 21 0.08 6.81 4.80
CA GLN A 21 0.58 7.98 4.11
C GLN A 21 2.10 8.05 4.22
N VAL A 22 2.75 7.96 3.08
CA VAL A 22 4.21 8.00 3.02
C VAL A 22 4.67 9.41 2.69
N PHE A 23 5.62 9.92 3.46
CA PHE A 23 6.04 11.31 3.36
C PHE A 23 7.09 11.53 2.28
N GLY A 24 7.18 10.60 1.34
CA GLY A 24 8.12 10.74 0.25
C GLY A 24 9.46 10.13 0.58
N SER A 25 9.85 9.15 -0.22
CA SER A 25 11.10 8.42 -0.01
C SER A 25 11.15 7.25 -0.98
N ARG A 26 12.24 6.50 -0.96
CA ARG A 26 12.36 5.29 -1.78
C ARG A 26 11.43 4.24 -1.22
N GLU A 27 11.02 4.46 0.03
CA GLU A 27 10.08 3.60 0.72
C GLU A 27 8.73 3.60 0.01
N GLN A 28 8.41 4.69 -0.69
CA GLN A 28 7.10 4.84 -1.31
C GLN A 28 7.01 4.06 -2.64
N LYS A 29 8.16 3.75 -3.24
CA LYS A 29 8.17 3.04 -4.52
C LYS A 29 7.34 1.75 -4.46
N PRO A 30 7.56 0.84 -3.49
CA PRO A 30 6.77 -0.38 -3.37
C PRO A 30 5.28 -0.09 -3.17
N PHE A 31 4.97 1.07 -2.60
CA PHE A 31 3.60 1.48 -2.39
C PHE A 31 2.91 1.80 -3.71
N GLU A 32 3.58 2.60 -4.53
CA GLU A 32 3.03 2.96 -5.84
C GLU A 32 3.10 1.77 -6.78
N ASP A 33 4.05 0.87 -6.52
CA ASP A 33 4.13 -0.40 -7.23
C ASP A 33 2.91 -1.25 -6.95
N LEU A 34 2.46 -1.24 -5.71
CA LEU A 34 1.28 -1.97 -5.31
C LEU A 34 0.03 -1.36 -5.94
N VAL A 35 0.08 -0.05 -6.20
CA VAL A 35 -1.00 0.62 -6.91
C VAL A 35 -1.15 0.04 -8.31
N ASP A 36 -0.01 -0.21 -8.96
CA ASP A 36 0.00 -0.80 -10.30
C ASP A 36 -0.57 -2.21 -10.26
N LEU A 37 -0.28 -2.93 -9.19
CA LEU A 37 -0.81 -4.27 -8.97
C LEU A 37 -2.28 -4.21 -8.56
N GLY A 38 -2.73 -3.04 -8.13
CA GLY A 38 -4.11 -2.87 -7.74
C GLY A 38 -4.33 -3.17 -6.27
N TRP A 39 -3.25 -3.23 -5.50
CA TRP A 39 -3.32 -3.53 -4.07
C TRP A 39 -3.51 -2.26 -3.27
N LEU A 40 -2.92 -1.18 -3.75
CA LEU A 40 -3.04 0.12 -3.09
C LEU A 40 -3.71 1.13 -4.01
N LYS A 41 -4.27 2.15 -3.41
CA LYS A 41 -4.90 3.23 -4.13
C LYS A 41 -4.40 4.56 -3.58
N ARG A 42 -4.23 5.54 -4.45
CA ARG A 42 -3.92 6.88 -3.98
C ARG A 42 -5.20 7.58 -3.58
N SER A 43 -5.40 7.70 -2.27
CA SER A 43 -6.65 8.21 -1.73
C SER A 43 -6.60 9.73 -1.73
N SER A 44 -5.45 10.26 -1.40
CA SER A 44 -5.23 11.69 -1.38
C SER A 44 -3.74 12.00 -1.42
N VAL A 45 -3.31 12.67 -2.48
CA VAL A 45 -1.91 13.02 -2.63
C VAL A 45 -1.61 14.40 -2.07
N ASP A 46 -0.47 14.52 -1.42
CA ASP A 46 -0.05 15.77 -0.81
C ASP A 46 1.36 16.11 -1.27
N SER A 47 1.76 17.37 -1.08
CA SER A 47 3.06 17.85 -1.48
C SER A 47 4.19 17.00 -0.88
N ARG A 48 3.94 16.43 0.30
CA ARG A 48 4.94 15.61 0.96
C ARG A 48 4.40 14.21 1.22
N ALA A 49 3.24 14.13 1.85
CA ALA A 49 2.71 12.83 2.26
C ALA A 49 1.64 12.33 1.30
N THR A 50 1.94 11.22 0.63
CA THR A 50 0.99 10.60 -0.27
C THR A 50 0.19 9.53 0.48
N HIS A 51 -1.13 9.72 0.55
CA HIS A 51 -1.98 8.85 1.35
C HIS A 51 -2.47 7.67 0.52
N TYR A 52 -2.06 6.47 0.91
CA TYR A 52 -2.48 5.27 0.20
C TYR A 52 -3.60 4.54 0.93
N GLN A 53 -4.59 4.12 0.17
CA GLN A 53 -5.76 3.44 0.68
C GLN A 53 -5.74 1.97 0.26
N ILE A 54 -6.18 1.09 1.15
CA ILE A 54 -6.31 -0.33 0.83
C ILE A 54 -7.41 -0.57 -0.20
N THR A 55 -7.20 -1.55 -1.05
CA THR A 55 -8.21 -1.93 -2.04
C THR A 55 -8.76 -3.31 -1.72
N GLU A 56 -9.60 -3.83 -2.61
CA GLU A 56 -10.09 -5.19 -2.49
C GLU A 56 -8.92 -6.17 -2.64
N ARG A 57 -8.11 -5.96 -3.67
CA ARG A 57 -6.91 -6.78 -3.88
C ARG A 57 -5.96 -6.65 -2.70
N GLY A 58 -5.84 -5.44 -2.18
CA GLY A 58 -4.97 -5.20 -1.04
C GLY A 58 -5.45 -5.90 0.21
N THR A 59 -6.77 -6.01 0.34
CA THR A 59 -7.36 -6.74 1.45
C THR A 59 -7.19 -8.24 1.26
N SER A 60 -7.46 -8.70 0.05
CA SER A 60 -7.36 -10.13 -0.27
C SER A 60 -5.91 -10.60 -0.21
N ALA A 61 -4.98 -9.70 -0.51
CA ALA A 61 -3.56 -10.02 -0.45
C ALA A 61 -3.11 -10.16 0.99
N ALA A 62 -3.48 -9.19 1.81
CA ALA A 62 -3.05 -9.18 3.21
C ALA A 62 -3.68 -10.31 4.00
N LEU A 63 -4.91 -10.68 3.63
CA LEU A 63 -5.60 -11.79 4.26
C LEU A 63 -4.83 -13.09 4.03
N ARG A 64 -4.13 -13.14 2.92
CA ARG A 64 -3.34 -14.31 2.56
C ARG A 64 -1.89 -14.15 3.03
N SER A 65 -1.66 -14.35 4.32
CA SER A 65 -0.32 -14.26 4.86
C SER A 65 -0.16 -15.22 6.05
N MET A 1 2.71 -10.49 -9.93
CA MET A 1 3.72 -11.11 -9.04
C MET A 1 4.28 -10.10 -8.07
N ALA A 2 4.15 -10.40 -6.79
CA ALA A 2 4.74 -9.60 -5.73
C ALA A 2 5.61 -10.49 -4.86
N THR A 3 6.47 -9.89 -4.06
CA THR A 3 7.32 -10.66 -3.16
C THR A 3 6.73 -10.68 -1.76
N ALA A 4 7.31 -11.48 -0.87
CA ALA A 4 6.82 -11.60 0.50
C ALA A 4 6.90 -10.26 1.20
N ASP A 5 7.87 -9.44 0.81
CA ASP A 5 8.00 -8.09 1.35
C ASP A 5 6.79 -7.25 1.01
N ASP A 6 6.26 -7.44 -0.19
CA ASP A 6 5.08 -6.70 -0.63
C ASP A 6 3.86 -7.12 0.18
N PHE A 7 3.74 -8.43 0.42
CA PHE A 7 2.67 -8.95 1.25
C PHE A 7 2.77 -8.40 2.67
N LYS A 8 4.00 -8.33 3.17
CA LYS A 8 4.26 -7.74 4.48
C LYS A 8 3.84 -6.27 4.50
N LEU A 9 4.18 -5.57 3.43
CA LEU A 9 3.90 -4.16 3.30
C LEU A 9 2.40 -3.90 3.18
N ILE A 10 1.72 -4.65 2.31
CA ILE A 10 0.30 -4.46 2.12
C ILE A 10 -0.47 -4.83 3.39
N ARG A 11 0.09 -5.75 4.17
CA ARG A 11 -0.50 -6.13 5.45
C ARG A 11 -0.31 -4.99 6.45
N ASP A 12 0.83 -4.31 6.34
CA ASP A 12 1.15 -3.15 7.18
C ASP A 12 0.12 -2.04 7.00
N ILE A 13 -0.38 -1.91 5.78
CA ILE A 13 -1.40 -0.92 5.47
C ILE A 13 -2.66 -1.17 6.30
N HIS A 14 -2.98 -2.43 6.52
CA HIS A 14 -4.14 -2.80 7.32
C HIS A 14 -3.87 -2.57 8.80
N SER A 15 -2.64 -2.85 9.21
CA SER A 15 -2.23 -2.70 10.60
C SER A 15 -2.23 -1.23 11.03
N THR A 16 -2.03 -0.34 10.07
CA THR A 16 -1.97 1.09 10.36
C THR A 16 -3.35 1.73 10.30
N GLY A 17 -4.38 0.92 10.13
CA GLY A 17 -5.74 1.42 10.15
C GLY A 17 -6.44 1.31 8.81
N GLY A 18 -5.74 0.77 7.83
CA GLY A 18 -6.35 0.58 6.52
C GLY A 18 -5.94 1.69 5.55
N ARG A 19 -5.37 2.75 6.10
CA ARG A 19 -4.92 3.87 5.29
C ARG A 19 -3.50 4.23 5.71
N ARG A 20 -2.62 4.38 4.73
CA ARG A 20 -1.21 4.57 4.99
C ARG A 20 -0.67 5.76 4.19
N GLN A 21 -0.11 6.75 4.86
CA GLN A 21 0.49 7.87 4.16
C GLN A 21 2.00 7.67 4.05
N VAL A 22 2.51 7.76 2.83
CA VAL A 22 3.93 7.57 2.60
C VAL A 22 4.50 8.76 1.84
N PHE A 23 5.66 9.22 2.26
CA PHE A 23 6.30 10.36 1.64
C PHE A 23 7.14 9.92 0.43
N GLY A 24 7.14 10.75 -0.60
CA GLY A 24 7.93 10.49 -1.79
C GLY A 24 9.36 10.17 -1.47
N SER A 25 9.73 8.92 -1.68
CA SER A 25 11.07 8.43 -1.34
C SER A 25 11.32 7.07 -1.97
N ARG A 26 12.50 6.50 -1.72
CA ARG A 26 12.82 5.14 -2.16
C ARG A 26 11.88 4.15 -1.49
N GLU A 27 11.43 4.52 -0.31
CA GLU A 27 10.55 3.69 0.51
C GLU A 27 9.16 3.59 -0.11
N GLN A 28 8.80 4.61 -0.88
CA GLN A 28 7.48 4.69 -1.49
C GLN A 28 7.37 3.79 -2.73
N LYS A 29 8.51 3.43 -3.30
CA LYS A 29 8.55 2.66 -4.55
C LYS A 29 7.64 1.43 -4.50
N PRO A 30 7.77 0.54 -3.49
CA PRO A 30 6.91 -0.65 -3.38
C PRO A 30 5.42 -0.29 -3.23
N PHE A 31 5.16 0.86 -2.61
CA PHE A 31 3.79 1.33 -2.44
C PHE A 31 3.17 1.68 -3.79
N GLU A 32 3.92 2.46 -4.58
CA GLU A 32 3.48 2.85 -5.92
C GLU A 32 3.31 1.62 -6.81
N ASP A 33 4.14 0.62 -6.59
CA ASP A 33 4.07 -0.63 -7.34
C ASP A 33 2.78 -1.37 -7.04
N LEU A 34 2.41 -1.42 -5.77
CA LEU A 34 1.18 -2.09 -5.35
C LEU A 34 -0.04 -1.36 -5.89
N VAL A 35 0.10 -0.08 -6.18
CA VAL A 35 -0.96 0.70 -6.78
C VAL A 35 -1.31 0.15 -8.17
N ASP A 36 -0.28 -0.26 -8.89
CA ASP A 36 -0.47 -0.80 -10.24
C ASP A 36 -1.07 -2.19 -10.17
N LEU A 37 -0.68 -2.95 -9.16
CA LEU A 37 -1.22 -4.28 -8.92
C LEU A 37 -2.68 -4.19 -8.47
N GLY A 38 -3.07 -3.01 -8.02
CA GLY A 38 -4.44 -2.79 -7.57
C GLY A 38 -4.61 -3.11 -6.10
N TRP A 39 -3.50 -3.19 -5.38
CA TRP A 39 -3.53 -3.50 -3.96
C TRP A 39 -3.66 -2.22 -3.14
N LEU A 40 -3.07 -1.15 -3.66
CA LEU A 40 -3.14 0.14 -3.02
C LEU A 40 -3.81 1.16 -3.92
N LYS A 41 -4.46 2.12 -3.31
CA LYS A 41 -5.13 3.18 -4.03
C LYS A 41 -4.71 4.53 -3.45
N ARG A 42 -4.22 5.42 -4.31
CA ARG A 42 -3.78 6.73 -3.86
C ARG A 42 -4.99 7.66 -3.79
N SER A 43 -5.47 7.88 -2.56
CA SER A 43 -6.69 8.64 -2.35
C SER A 43 -6.44 10.13 -2.37
N SER A 44 -5.23 10.53 -2.00
CA SER A 44 -4.88 11.94 -1.93
C SER A 44 -3.37 12.11 -1.75
N VAL A 45 -2.77 12.90 -2.62
CA VAL A 45 -1.37 13.24 -2.50
C VAL A 45 -1.22 14.64 -1.92
N ASP A 46 -1.18 14.72 -0.60
CA ASP A 46 -1.08 16.00 0.08
C ASP A 46 0.34 16.20 0.55
N SER A 47 0.96 17.29 0.11
CA SER A 47 2.36 17.55 0.40
C SER A 47 3.19 16.43 -0.23
N ARG A 48 4.23 16.01 0.45
CA ARG A 48 5.07 14.92 -0.03
C ARG A 48 4.49 13.57 0.42
N ALA A 49 3.36 13.61 1.14
CA ALA A 49 2.76 12.41 1.68
C ALA A 49 1.57 11.94 0.85
N THR A 50 1.69 10.77 0.25
CA THR A 50 0.61 10.18 -0.50
C THR A 50 -0.19 9.23 0.40
N HIS A 51 -1.49 9.42 0.46
CA HIS A 51 -2.36 8.57 1.26
C HIS A 51 -2.81 7.36 0.45
N TYR A 52 -2.49 6.18 0.95
CA TYR A 52 -2.90 4.93 0.32
C TYR A 52 -4.06 4.30 1.07
N GLN A 53 -5.06 3.87 0.33
CA GLN A 53 -6.21 3.20 0.90
C GLN A 53 -6.20 1.72 0.49
N ILE A 54 -6.50 0.83 1.43
CA ILE A 54 -6.59 -0.59 1.14
C ILE A 54 -7.74 -0.89 0.18
N THR A 55 -7.47 -1.72 -0.81
CA THR A 55 -8.49 -2.12 -1.76
C THR A 55 -9.00 -3.51 -1.43
N GLU A 56 -9.93 -4.01 -2.24
CA GLU A 56 -10.40 -5.38 -2.10
C GLU A 56 -9.25 -6.35 -2.37
N ARG A 57 -8.43 -6.01 -3.37
CA ARG A 57 -7.27 -6.81 -3.70
C ARG A 57 -6.23 -6.73 -2.59
N GLY A 58 -6.03 -5.53 -2.07
CA GLY A 58 -5.08 -5.34 -0.99
C GLY A 58 -5.50 -6.07 0.28
N THR A 59 -6.80 -6.22 0.47
CA THR A 59 -7.32 -6.97 1.60
C THR A 59 -7.11 -8.47 1.38
N SER A 60 -7.41 -8.93 0.17
CA SER A 60 -7.27 -10.34 -0.18
C SER A 60 -5.79 -10.75 -0.17
N ALA A 61 -4.93 -9.88 -0.68
CA ALA A 61 -3.50 -10.14 -0.73
C ALA A 61 -2.91 -10.29 0.66
N ALA A 62 -3.30 -9.40 1.56
CA ALA A 62 -2.81 -9.44 2.93
C ALA A 62 -3.31 -10.69 3.65
N LEU A 63 -4.56 -11.05 3.39
CA LEU A 63 -5.14 -12.26 3.96
C LEU A 63 -4.37 -13.49 3.49
N ARG A 64 -3.92 -13.45 2.24
CA ARG A 64 -3.15 -14.54 1.67
C ARG A 64 -1.74 -14.57 2.26
N SER A 65 -0.96 -13.53 1.97
CA SER A 65 0.45 -13.44 2.40
C SER A 65 1.24 -14.69 2.00
N MET A 1 5.26 -7.41 -9.62
CA MET A 1 5.42 -8.82 -9.23
C MET A 1 5.59 -8.92 -7.72
N ALA A 2 4.50 -9.24 -7.04
CA ALA A 2 4.47 -9.25 -5.59
C ALA A 2 5.20 -10.45 -5.02
N THR A 3 6.12 -10.17 -4.10
CA THR A 3 6.83 -11.22 -3.38
C THR A 3 6.42 -11.18 -1.91
N ALA A 4 6.97 -12.09 -1.10
CA ALA A 4 6.61 -12.20 0.31
C ALA A 4 6.76 -10.87 1.05
N ASP A 5 7.76 -10.09 0.66
CA ASP A 5 8.03 -8.82 1.30
C ASP A 5 6.91 -7.81 1.01
N ASP A 6 6.32 -7.92 -0.17
CA ASP A 6 5.21 -7.04 -0.55
C ASP A 6 3.99 -7.35 0.27
N PHE A 7 3.78 -8.64 0.54
CA PHE A 7 2.68 -9.10 1.36
C PHE A 7 2.77 -8.51 2.76
N LYS A 8 3.99 -8.38 3.27
CA LYS A 8 4.21 -7.74 4.57
C LYS A 8 3.69 -6.31 4.52
N LEU A 9 4.11 -5.60 3.48
CA LEU A 9 3.81 -4.17 3.34
C LEU A 9 2.32 -3.94 3.19
N ILE A 10 1.67 -4.71 2.33
CA ILE A 10 0.24 -4.52 2.08
C ILE A 10 -0.57 -4.86 3.32
N ARG A 11 -0.11 -5.81 4.13
CA ARG A 11 -0.77 -6.13 5.38
C ARG A 11 -0.55 -5.01 6.40
N ASP A 12 0.64 -4.40 6.34
CA ASP A 12 0.98 -3.28 7.21
C ASP A 12 -0.02 -2.14 7.03
N ILE A 13 -0.44 -1.93 5.80
CA ILE A 13 -1.42 -0.92 5.47
C ILE A 13 -2.69 -1.11 6.31
N HIS A 14 -3.06 -2.38 6.48
CA HIS A 14 -4.22 -2.74 7.26
C HIS A 14 -3.97 -2.46 8.73
N SER A 15 -2.83 -2.93 9.22
CA SER A 15 -2.47 -2.80 10.63
C SER A 15 -2.33 -1.33 11.03
N THR A 16 -1.93 -0.49 10.08
CA THR A 16 -1.78 0.95 10.33
C THR A 16 -3.15 1.63 10.44
N GLY A 17 -4.19 0.96 9.94
CA GLY A 17 -5.54 1.51 10.08
C GLY A 17 -6.28 1.59 8.76
N GLY A 18 -5.85 0.79 7.79
CA GLY A 18 -6.54 0.74 6.51
C GLY A 18 -5.89 1.63 5.48
N ARG A 19 -5.32 2.73 5.94
CA ARG A 19 -4.64 3.65 5.04
C ARG A 19 -3.25 3.97 5.57
N ARG A 20 -2.31 4.08 4.65
CA ARG A 20 -0.92 4.35 4.99
C ARG A 20 -0.42 5.57 4.22
N GLN A 21 0.03 6.57 4.95
CA GLN A 21 0.55 7.77 4.30
C GLN A 21 2.07 7.69 4.18
N VAL A 22 2.56 8.00 3.00
CA VAL A 22 4.00 8.01 2.75
C VAL A 22 4.43 9.39 2.27
N PHE A 23 5.26 10.05 3.07
CA PHE A 23 5.75 11.39 2.71
C PHE A 23 7.12 11.30 2.03
N GLY A 24 7.63 10.08 1.92
CA GLY A 24 8.91 9.88 1.27
C GLY A 24 8.73 9.38 -0.16
N SER A 25 9.82 9.32 -0.91
CA SER A 25 9.77 8.91 -2.30
C SER A 25 10.33 7.49 -2.46
N ARG A 26 11.54 7.24 -1.98
CA ARG A 26 12.13 5.92 -2.09
C ARG A 26 11.37 4.93 -1.21
N GLU A 27 10.80 5.45 -0.14
CA GLU A 27 9.95 4.68 0.75
C GLU A 27 8.66 4.32 0.03
N GLN A 28 8.24 5.21 -0.85
CA GLN A 28 6.93 5.14 -1.51
C GLN A 28 6.95 4.18 -2.69
N LYS A 29 8.13 3.93 -3.24
CA LYS A 29 8.28 3.14 -4.46
C LYS A 29 7.53 1.79 -4.40
N PRO A 30 7.75 0.96 -3.36
CA PRO A 30 7.02 -0.32 -3.22
C PRO A 30 5.51 -0.12 -3.12
N PHE A 31 5.10 1.02 -2.56
CA PHE A 31 3.69 1.36 -2.45
C PHE A 31 3.12 1.63 -3.84
N GLU A 32 3.88 2.35 -4.64
CA GLU A 32 3.49 2.67 -6.01
C GLU A 32 3.39 1.40 -6.85
N ASP A 33 4.24 0.43 -6.54
CA ASP A 33 4.26 -0.83 -7.27
C ASP A 33 3.02 -1.66 -6.94
N LEU A 34 2.54 -1.54 -5.72
CA LEU A 34 1.31 -2.22 -5.32
C LEU A 34 0.09 -1.55 -5.95
N VAL A 35 0.22 -0.26 -6.26
CA VAL A 35 -0.81 0.45 -6.99
C VAL A 35 -0.93 -0.13 -8.40
N ASP A 36 0.22 -0.49 -8.96
CA ASP A 36 0.27 -1.13 -10.28
C ASP A 36 -0.50 -2.45 -10.26
N LEU A 37 -0.43 -3.14 -9.13
CA LEU A 37 -1.15 -4.39 -8.95
C LEU A 37 -2.63 -4.13 -8.63
N GLY A 38 -2.90 -2.95 -8.08
CA GLY A 38 -4.24 -2.62 -7.67
C GLY A 38 -4.49 -2.98 -6.22
N TRP A 39 -3.42 -3.17 -5.46
CA TRP A 39 -3.52 -3.50 -4.04
C TRP A 39 -3.60 -2.23 -3.23
N LEU A 40 -2.90 -1.21 -3.69
CA LEU A 40 -2.93 0.10 -3.06
C LEU A 40 -3.52 1.11 -4.01
N LYS A 41 -4.17 2.12 -3.45
CA LYS A 41 -4.72 3.19 -4.26
C LYS A 41 -4.43 4.54 -3.60
N ARG A 42 -3.99 5.48 -4.41
CA ARG A 42 -3.71 6.82 -3.93
C ARG A 42 -5.02 7.56 -3.69
N SER A 43 -5.40 7.71 -2.43
CA SER A 43 -6.65 8.36 -2.10
C SER A 43 -6.48 9.87 -2.20
N SER A 44 -5.30 10.34 -1.80
CA SER A 44 -4.98 11.75 -1.89
C SER A 44 -3.53 12.01 -1.48
N VAL A 45 -2.95 13.06 -2.02
CA VAL A 45 -1.63 13.51 -1.62
C VAL A 45 -1.78 14.77 -0.78
N ASP A 46 -1.73 14.62 0.54
CA ASP A 46 -1.97 15.73 1.43
C ASP A 46 -0.72 16.05 2.23
N SER A 47 -0.30 17.32 2.17
CA SER A 47 0.91 17.80 2.82
C SER A 47 2.09 16.86 2.58
N ARG A 48 2.45 16.72 1.29
CA ARG A 48 3.59 15.90 0.80
C ARG A 48 3.40 14.40 1.07
N ALA A 49 2.42 14.05 1.91
CA ALA A 49 2.20 12.66 2.26
C ALA A 49 1.13 12.05 1.37
N THR A 50 1.52 11.06 0.58
CA THR A 50 0.59 10.37 -0.28
C THR A 50 -0.12 9.26 0.50
N HIS A 51 -1.43 9.33 0.55
CA HIS A 51 -2.21 8.35 1.30
C HIS A 51 -2.55 7.16 0.44
N TYR A 52 -2.06 5.99 0.82
CA TYR A 52 -2.41 4.76 0.15
C TYR A 52 -3.38 3.97 0.99
N GLN A 53 -4.58 3.76 0.49
CA GLN A 53 -5.58 3.01 1.22
C GLN A 53 -5.76 1.62 0.62
N ILE A 54 -6.06 0.66 1.47
CA ILE A 54 -6.29 -0.71 1.05
C ILE A 54 -7.42 -0.81 0.04
N THR A 55 -7.26 -1.70 -0.92
CA THR A 55 -8.32 -1.99 -1.87
C THR A 55 -8.91 -3.36 -1.59
N GLU A 56 -9.84 -3.79 -2.42
CA GLU A 56 -10.39 -5.14 -2.33
C GLU A 56 -9.28 -6.17 -2.54
N ARG A 57 -8.34 -5.82 -3.41
CA ARG A 57 -7.21 -6.69 -3.71
C ARG A 57 -6.19 -6.62 -2.58
N GLY A 58 -5.99 -5.41 -2.06
CA GLY A 58 -5.09 -5.22 -0.94
C GLY A 58 -5.56 -5.95 0.30
N THR A 59 -6.88 -6.08 0.44
CA THR A 59 -7.47 -6.82 1.53
C THR A 59 -7.26 -8.32 1.33
N SER A 60 -7.48 -8.78 0.11
CA SER A 60 -7.31 -10.19 -0.23
C SER A 60 -5.84 -10.60 -0.10
N ALA A 61 -4.94 -9.69 -0.45
CA ALA A 61 -3.51 -9.95 -0.37
C ALA A 61 -3.06 -10.17 1.07
N ALA A 62 -3.71 -9.50 2.01
CA ALA A 62 -3.38 -9.63 3.42
C ALA A 62 -3.87 -10.96 3.98
N LEU A 63 -4.95 -11.47 3.39
CA LEU A 63 -5.51 -12.74 3.81
C LEU A 63 -4.67 -13.90 3.29
N ARG A 64 -4.03 -13.66 2.14
CA ARG A 64 -3.16 -14.64 1.51
C ARG A 64 -1.96 -14.93 2.42
N SER A 65 -1.98 -16.05 3.11
CA SER A 65 -0.87 -16.43 3.97
C SER A 65 -0.22 -17.70 3.44
N MET A 1 3.48 -11.81 -9.76
CA MET A 1 3.59 -10.34 -9.88
C MET A 1 4.25 -9.73 -8.64
N ALA A 2 3.89 -10.25 -7.47
CA ALA A 2 4.41 -9.75 -6.21
C ALA A 2 5.04 -10.88 -5.42
N THR A 3 5.91 -10.53 -4.48
CA THR A 3 6.58 -11.52 -3.66
C THR A 3 6.04 -11.47 -2.23
N ALA A 4 6.58 -12.32 -1.37
CA ALA A 4 6.14 -12.43 0.02
C ALA A 4 6.28 -11.11 0.77
N ASP A 5 7.28 -10.32 0.40
CA ASP A 5 7.49 -9.02 1.05
C ASP A 5 6.41 -8.04 0.68
N ASP A 6 5.86 -8.16 -0.51
CA ASP A 6 4.74 -7.32 -0.92
C ASP A 6 3.53 -7.62 -0.05
N PHE A 7 3.32 -8.91 0.22
CA PHE A 7 2.25 -9.36 1.09
C PHE A 7 2.41 -8.81 2.50
N LYS A 8 3.64 -8.73 2.96
CA LYS A 8 3.93 -8.17 4.28
C LYS A 8 3.71 -6.65 4.29
N LEU A 9 4.18 -6.00 3.23
CA LEU A 9 4.09 -4.56 3.11
C LEU A 9 2.62 -4.11 3.04
N ILE A 10 1.83 -4.81 2.25
CA ILE A 10 0.42 -4.47 2.10
C ILE A 10 -0.35 -4.76 3.38
N ARG A 11 0.10 -5.75 4.14
CA ARG A 11 -0.56 -6.10 5.39
C ARG A 11 -0.30 -5.01 6.43
N ASP A 12 0.90 -4.44 6.37
CA ASP A 12 1.29 -3.34 7.25
C ASP A 12 0.31 -2.18 7.13
N ILE A 13 -0.15 -1.93 5.90
CA ILE A 13 -1.11 -0.88 5.63
C ILE A 13 -2.36 -1.07 6.48
N HIS A 14 -2.79 -2.33 6.60
CA HIS A 14 -3.96 -2.68 7.38
C HIS A 14 -3.70 -2.47 8.87
N SER A 15 -2.52 -2.88 9.30
CA SER A 15 -2.11 -2.75 10.69
C SER A 15 -1.96 -1.28 11.09
N THR A 16 -1.70 -0.44 10.09
CA THR A 16 -1.59 1.00 10.32
C THR A 16 -2.97 1.63 10.45
N GLY A 17 -4.01 0.86 10.10
CA GLY A 17 -5.37 1.36 10.21
C GLY A 17 -6.14 1.27 8.90
N GLY A 18 -5.48 0.76 7.87
CA GLY A 18 -6.12 0.64 6.58
C GLY A 18 -5.65 1.71 5.62
N ARG A 19 -4.96 2.70 6.16
CA ARG A 19 -4.44 3.81 5.38
C ARG A 19 -2.97 4.03 5.71
N ARG A 20 -2.16 4.26 4.71
CA ARG A 20 -0.75 4.55 4.93
C ARG A 20 -0.31 5.77 4.13
N GLN A 21 0.05 6.83 4.83
CA GLN A 21 0.58 8.01 4.17
C GLN A 21 2.09 7.91 4.04
N VAL A 22 2.57 7.93 2.81
CA VAL A 22 4.00 7.81 2.53
C VAL A 22 4.47 9.01 1.73
N PHE A 23 5.61 9.56 2.10
CA PHE A 23 6.15 10.73 1.42
C PHE A 23 6.74 10.33 0.08
N GLY A 24 6.65 11.23 -0.90
CA GLY A 24 7.20 10.96 -2.22
C GLY A 24 8.71 10.76 -2.18
N SER A 25 9.12 9.51 -2.09
CA SER A 25 10.53 9.18 -1.92
C SER A 25 10.79 7.72 -2.31
N ARG A 26 12.00 7.25 -2.02
CA ARG A 26 12.36 5.85 -2.23
C ARG A 26 11.43 4.92 -1.47
N GLU A 27 10.84 5.43 -0.40
CA GLU A 27 9.95 4.65 0.44
C GLU A 27 8.59 4.46 -0.23
N GLN A 28 8.19 5.44 -1.04
CA GLN A 28 6.90 5.40 -1.71
C GLN A 28 6.95 4.50 -2.94
N LYS A 29 8.17 4.26 -3.43
CA LYS A 29 8.40 3.47 -4.64
C LYS A 29 7.68 2.11 -4.60
N PRO A 30 7.89 1.27 -3.56
CA PRO A 30 7.21 -0.03 -3.47
C PRO A 30 5.68 0.10 -3.29
N PHE A 31 5.25 1.25 -2.78
CA PHE A 31 3.84 1.47 -2.51
C PHE A 31 3.06 1.77 -3.78
N GLU A 32 3.66 2.53 -4.69
CA GLU A 32 3.00 2.88 -5.94
C GLU A 32 2.90 1.65 -6.83
N ASP A 33 3.81 0.71 -6.62
CA ASP A 33 3.82 -0.54 -7.35
C ASP A 33 2.60 -1.39 -6.98
N LEU A 34 2.25 -1.38 -5.70
CA LEU A 34 1.09 -2.11 -5.23
C LEU A 34 -0.18 -1.53 -5.81
N VAL A 35 -0.15 -0.24 -6.13
CA VAL A 35 -1.27 0.42 -6.79
C VAL A 35 -1.49 -0.19 -8.16
N ASP A 36 -0.39 -0.46 -8.86
CA ASP A 36 -0.43 -1.11 -10.16
C ASP A 36 -1.06 -2.49 -10.06
N LEU A 37 -0.75 -3.19 -8.97
CA LEU A 37 -1.26 -4.53 -8.74
C LEU A 37 -2.70 -4.50 -8.22
N GLY A 38 -3.17 -3.31 -7.83
CA GLY A 38 -4.52 -3.18 -7.33
C GLY A 38 -4.62 -3.48 -5.85
N TRP A 39 -3.48 -3.41 -5.16
CA TRP A 39 -3.43 -3.65 -3.73
C TRP A 39 -3.63 -2.36 -2.97
N LEU A 40 -3.06 -1.29 -3.52
CA LEU A 40 -3.17 0.03 -2.92
C LEU A 40 -3.80 1.01 -3.90
N LYS A 41 -4.36 2.08 -3.36
CA LYS A 41 -4.88 3.15 -4.18
C LYS A 41 -4.69 4.48 -3.46
N ARG A 42 -3.94 5.37 -4.07
CA ARG A 42 -3.70 6.68 -3.49
C ARG A 42 -4.71 7.68 -4.02
N SER A 43 -5.06 8.64 -3.19
CA SER A 43 -6.01 9.68 -3.59
C SER A 43 -5.65 11.03 -2.97
N SER A 44 -5.65 11.09 -1.65
CA SER A 44 -5.39 12.33 -0.94
C SER A 44 -3.92 12.49 -0.60
N VAL A 45 -3.46 13.73 -0.52
CA VAL A 45 -2.08 14.03 -0.20
C VAL A 45 -1.99 15.15 0.84
N ASP A 46 -1.12 14.99 1.82
CA ASP A 46 -0.92 16.00 2.85
C ASP A 46 0.56 16.31 3.02
N SER A 47 0.91 17.59 2.91
CA SER A 47 2.30 18.06 3.04
C SER A 47 3.16 17.51 1.90
N ARG A 48 3.59 16.27 2.04
CA ARG A 48 4.36 15.60 1.00
C ARG A 48 4.10 14.10 1.09
N ALA A 49 3.11 13.74 1.90
CA ALA A 49 2.78 12.35 2.14
C ALA A 49 1.50 11.96 1.42
N THR A 50 1.61 11.02 0.51
CA THR A 50 0.46 10.54 -0.24
C THR A 50 -0.24 9.45 0.55
N HIS A 51 -1.56 9.55 0.67
CA HIS A 51 -2.34 8.58 1.44
C HIS A 51 -2.73 7.40 0.57
N TYR A 52 -2.23 6.23 0.92
CA TYR A 52 -2.61 5.01 0.23
C TYR A 52 -3.68 4.28 1.01
N GLN A 53 -4.79 3.99 0.33
CA GLN A 53 -5.89 3.27 0.94
C GLN A 53 -5.88 1.81 0.49
N ILE A 54 -6.15 0.91 1.41
CA ILE A 54 -6.25 -0.52 1.10
C ILE A 54 -7.34 -0.76 0.06
N THR A 55 -6.98 -1.44 -1.01
CA THR A 55 -7.93 -1.76 -2.07
C THR A 55 -8.35 -3.22 -1.94
N GLU A 56 -9.24 -3.68 -2.82
CA GLU A 56 -9.80 -5.03 -2.74
C GLU A 56 -8.70 -6.10 -2.66
N ARG A 57 -7.75 -6.06 -3.58
CA ARG A 57 -6.71 -7.06 -3.62
C ARG A 57 -5.74 -6.87 -2.47
N GLY A 58 -5.63 -5.64 -2.00
CA GLY A 58 -4.77 -5.34 -0.86
C GLY A 58 -5.29 -5.94 0.42
N THR A 59 -6.61 -5.93 0.57
CA THR A 59 -7.24 -6.55 1.72
C THR A 59 -7.11 -8.07 1.64
N SER A 60 -7.24 -8.60 0.43
CA SER A 60 -7.11 -10.02 0.19
C SER A 60 -5.67 -10.48 0.42
N ALA A 61 -4.70 -9.66 -0.01
CA ALA A 61 -3.30 -10.00 0.12
C ALA A 61 -2.87 -10.12 1.58
N ALA A 62 -3.49 -9.33 2.45
CA ALA A 62 -3.22 -9.39 3.87
C ALA A 62 -3.84 -10.64 4.48
N LEU A 63 -4.86 -11.15 3.82
CA LEU A 63 -5.56 -12.34 4.26
C LEU A 63 -4.99 -13.57 3.56
N ARG A 64 -4.03 -13.34 2.68
CA ARG A 64 -3.42 -14.40 1.90
C ARG A 64 -2.28 -15.04 2.68
N SER A 65 -2.63 -15.96 3.57
CA SER A 65 -1.65 -16.67 4.35
C SER A 65 -2.24 -18.00 4.82
N MET A 1 4.63 -11.87 -9.19
CA MET A 1 5.22 -10.53 -9.43
C MET A 1 5.51 -9.83 -8.11
N ALA A 2 4.82 -10.25 -7.05
CA ALA A 2 5.00 -9.66 -5.74
C ALA A 2 5.66 -10.66 -4.80
N THR A 3 6.62 -10.19 -4.02
CA THR A 3 7.34 -11.05 -3.12
C THR A 3 6.78 -10.94 -1.71
N ALA A 4 7.32 -11.71 -0.77
CA ALA A 4 6.86 -11.72 0.61
C ALA A 4 6.90 -10.32 1.22
N ASP A 5 7.86 -9.52 0.78
CA ASP A 5 8.01 -8.15 1.25
C ASP A 5 6.77 -7.31 0.90
N ASP A 6 6.24 -7.54 -0.29
CA ASP A 6 5.07 -6.80 -0.76
C ASP A 6 3.84 -7.20 0.04
N PHE A 7 3.66 -8.51 0.20
CA PHE A 7 2.56 -9.04 1.01
C PHE A 7 2.65 -8.51 2.44
N LYS A 8 3.86 -8.43 2.94
CA LYS A 8 4.12 -7.93 4.28
C LYS A 8 3.74 -6.45 4.39
N LEU A 9 4.09 -5.70 3.36
CA LEU A 9 3.84 -4.26 3.33
C LEU A 9 2.35 -3.97 3.23
N ILE A 10 1.66 -4.68 2.34
CA ILE A 10 0.23 -4.46 2.15
C ILE A 10 -0.54 -4.91 3.40
N ARG A 11 0.00 -5.89 4.11
CA ARG A 11 -0.58 -6.33 5.37
C ARG A 11 -0.46 -5.23 6.40
N ASP A 12 0.68 -4.54 6.37
CA ASP A 12 0.96 -3.45 7.30
C ASP A 12 -0.05 -2.33 7.13
N ILE A 13 -0.49 -2.11 5.89
CA ILE A 13 -1.47 -1.07 5.58
C ILE A 13 -2.75 -1.32 6.37
N HIS A 14 -3.16 -2.59 6.44
CA HIS A 14 -4.37 -2.96 7.15
C HIS A 14 -4.21 -2.74 8.64
N SER A 15 -3.07 -3.14 9.16
CA SER A 15 -2.77 -2.99 10.58
C SER A 15 -2.65 -1.52 10.98
N THR A 16 -2.39 -0.67 10.00
CA THR A 16 -2.33 0.77 10.22
C THR A 16 -3.75 1.37 10.26
N GLY A 17 -4.72 0.63 9.74
CA GLY A 17 -6.09 1.09 9.74
C GLY A 17 -6.72 1.05 8.36
N GLY A 18 -6.03 0.45 7.40
CA GLY A 18 -6.55 0.37 6.05
C GLY A 18 -6.11 1.56 5.22
N ARG A 19 -5.25 2.37 5.79
CA ARG A 19 -4.72 3.55 5.13
C ARG A 19 -3.30 3.79 5.61
N ARG A 20 -2.44 4.23 4.71
CA ARG A 20 -1.07 4.54 5.06
C ARG A 20 -0.61 5.77 4.29
N GLN A 21 -0.06 6.75 5.00
CA GLN A 21 0.40 7.97 4.34
C GLN A 21 1.91 8.15 4.48
N VAL A 22 2.59 8.14 3.35
CA VAL A 22 4.04 8.29 3.33
C VAL A 22 4.42 9.62 2.67
N PHE A 23 5.32 10.35 3.31
CA PHE A 23 5.71 11.68 2.80
C PHE A 23 6.62 11.57 1.58
N GLY A 24 7.25 10.41 1.40
CA GLY A 24 8.10 10.21 0.25
C GLY A 24 9.14 9.13 0.46
N SER A 25 10.41 9.50 0.25
CA SER A 25 11.52 8.56 0.31
C SER A 25 11.36 7.46 -0.76
N ARG A 26 12.28 6.50 -0.79
CA ARG A 26 12.15 5.38 -1.71
C ARG A 26 11.15 4.38 -1.15
N GLU A 27 10.88 4.51 0.15
CA GLU A 27 9.93 3.66 0.84
C GLU A 27 8.54 3.76 0.22
N GLN A 28 8.28 4.88 -0.44
CA GLN A 28 7.01 5.11 -1.11
C GLN A 28 6.90 4.33 -2.43
N LYS A 29 8.06 3.94 -2.98
CA LYS A 29 8.09 3.25 -4.27
C LYS A 29 7.26 1.96 -4.25
N PRO A 30 7.48 1.03 -3.29
CA PRO A 30 6.68 -0.19 -3.19
C PRO A 30 5.19 0.10 -3.05
N PHE A 31 4.86 1.25 -2.48
CA PHE A 31 3.47 1.64 -2.31
C PHE A 31 2.82 1.92 -3.66
N GLU A 32 3.47 2.74 -4.47
CA GLU A 32 2.96 3.06 -5.80
C GLU A 32 3.10 1.86 -6.72
N ASP A 33 4.05 0.99 -6.40
CA ASP A 33 4.23 -0.26 -7.11
C ASP A 33 3.00 -1.15 -6.91
N LEU A 34 2.54 -1.22 -5.66
CA LEU A 34 1.34 -1.98 -5.32
C LEU A 34 0.10 -1.33 -5.92
N VAL A 35 0.17 -0.02 -6.19
CA VAL A 35 -0.90 0.67 -6.89
C VAL A 35 -1.07 0.08 -8.30
N ASP A 36 0.05 -0.18 -8.95
CA ASP A 36 0.04 -0.79 -10.28
C ASP A 36 -0.52 -2.20 -10.20
N LEU A 37 -0.17 -2.91 -9.13
CA LEU A 37 -0.68 -4.25 -8.89
C LEU A 37 -2.17 -4.21 -8.58
N GLY A 38 -2.63 -3.08 -8.07
CA GLY A 38 -4.03 -2.92 -7.75
C GLY A 38 -4.31 -3.17 -6.29
N TRP A 39 -3.26 -3.23 -5.48
CA TRP A 39 -3.38 -3.51 -4.06
C TRP A 39 -3.56 -2.23 -3.26
N LEU A 40 -2.91 -1.18 -3.74
CA LEU A 40 -3.00 0.13 -3.10
C LEU A 40 -3.58 1.14 -4.05
N LYS A 41 -4.15 2.20 -3.49
CA LYS A 41 -4.63 3.31 -4.28
C LYS A 41 -4.31 4.63 -3.59
N ARG A 42 -3.45 5.42 -4.22
CA ARG A 42 -3.16 6.76 -3.74
C ARG A 42 -4.33 7.68 -4.06
N SER A 43 -5.03 8.13 -3.03
CA SER A 43 -6.25 8.88 -3.21
C SER A 43 -5.96 10.38 -3.19
N SER A 44 -5.14 10.80 -2.24
CA SER A 44 -4.86 12.22 -2.07
C SER A 44 -3.58 12.44 -1.30
N VAL A 45 -3.01 13.64 -1.44
CA VAL A 45 -1.80 14.00 -0.70
C VAL A 45 -2.04 15.30 0.07
N ASP A 46 -1.39 15.43 1.22
CA ASP A 46 -1.41 16.68 1.96
C ASP A 46 0.00 17.08 2.33
N SER A 47 0.42 18.25 1.85
CA SER A 47 1.80 18.74 1.98
C SER A 47 2.72 17.93 1.06
N ARG A 48 2.72 16.62 1.24
CA ARG A 48 3.46 15.69 0.39
C ARG A 48 3.15 14.25 0.81
N ALA A 49 2.59 14.11 2.02
CA ALA A 49 2.17 12.81 2.51
C ALA A 49 1.12 12.21 1.59
N THR A 50 1.48 11.10 0.97
CA THR A 50 0.61 10.45 0.01
C THR A 50 -0.20 9.36 0.70
N HIS A 51 -1.52 9.46 0.59
CA HIS A 51 -2.42 8.53 1.26
C HIS A 51 -2.71 7.33 0.37
N TYR A 52 -2.27 6.16 0.81
CA TYR A 52 -2.56 4.91 0.12
C TYR A 52 -3.63 4.14 0.88
N GLN A 53 -4.75 3.90 0.24
CA GLN A 53 -5.86 3.19 0.87
C GLN A 53 -5.91 1.75 0.36
N ILE A 54 -6.38 0.84 1.21
CA ILE A 54 -6.51 -0.57 0.83
C ILE A 54 -7.63 -0.78 -0.19
N THR A 55 -7.37 -1.68 -1.14
CA THR A 55 -8.38 -2.06 -2.13
C THR A 55 -8.85 -3.48 -1.85
N GLU A 56 -9.68 -4.01 -2.75
CA GLU A 56 -10.10 -5.40 -2.68
C GLU A 56 -8.89 -6.32 -2.78
N ARG A 57 -8.04 -6.04 -3.75
CA ARG A 57 -6.84 -6.83 -4.00
C ARG A 57 -5.89 -6.76 -2.82
N GLY A 58 -5.77 -5.57 -2.24
CA GLY A 58 -4.92 -5.39 -1.08
C GLY A 58 -5.43 -6.14 0.13
N THR A 59 -6.75 -6.28 0.21
CA THR A 59 -7.37 -7.01 1.30
C THR A 59 -7.15 -8.51 1.15
N SER A 60 -7.34 -9.01 -0.06
CA SER A 60 -7.16 -10.43 -0.34
C SER A 60 -5.70 -10.86 -0.20
N ALA A 61 -4.79 -9.95 -0.55
CA ALA A 61 -3.35 -10.25 -0.50
C ALA A 61 -2.86 -10.44 0.93
N ALA A 62 -3.27 -9.53 1.81
CA ALA A 62 -2.79 -9.56 3.19
C ALA A 62 -3.40 -10.73 3.97
N LEU A 63 -4.68 -10.99 3.72
CA LEU A 63 -5.37 -12.09 4.40
C LEU A 63 -4.87 -13.44 3.87
N ARG A 64 -4.34 -13.42 2.67
CA ARG A 64 -3.75 -14.61 2.05
C ARG A 64 -2.49 -15.04 2.80
N SER A 65 -1.79 -14.07 3.38
CA SER A 65 -0.54 -14.34 4.06
C SER A 65 -0.78 -15.04 5.40
N MET A 1 3.80 -11.74 -9.30
CA MET A 1 4.62 -10.51 -9.41
C MET A 1 5.18 -10.12 -8.05
N ALA A 2 4.29 -9.99 -7.07
CA ALA A 2 4.69 -9.61 -5.73
C ALA A 2 5.21 -10.81 -4.96
N THR A 3 6.17 -10.57 -4.08
CA THR A 3 6.74 -11.63 -3.25
C THR A 3 6.17 -11.53 -1.84
N ALA A 4 6.55 -12.45 -0.97
CA ALA A 4 6.04 -12.49 0.40
C ALA A 4 6.38 -11.21 1.14
N ASP A 5 7.51 -10.61 0.79
CA ASP A 5 7.93 -9.33 1.37
C ASP A 5 6.93 -8.23 1.05
N ASP A 6 6.30 -8.32 -0.12
CA ASP A 6 5.33 -7.32 -0.54
C ASP A 6 4.02 -7.52 0.22
N PHE A 7 3.68 -8.78 0.46
CA PHE A 7 2.54 -9.12 1.28
C PHE A 7 2.69 -8.54 2.68
N LYS A 8 3.92 -8.53 3.17
CA LYS A 8 4.24 -7.98 4.48
C LYS A 8 3.92 -6.48 4.51
N LEU A 9 4.24 -5.80 3.41
CA LEU A 9 4.04 -4.37 3.33
C LEU A 9 2.56 -4.03 3.24
N ILE A 10 1.82 -4.78 2.42
CA ILE A 10 0.40 -4.53 2.25
C ILE A 10 -0.37 -4.88 3.52
N ARG A 11 0.13 -5.85 4.29
CA ARG A 11 -0.47 -6.20 5.57
C ARG A 11 -0.36 -5.02 6.54
N ASP A 12 0.76 -4.33 6.47
CA ASP A 12 1.03 -3.18 7.32
C ASP A 12 -0.01 -2.10 7.09
N ILE A 13 -0.41 -1.92 5.84
CA ILE A 13 -1.40 -0.92 5.46
C ILE A 13 -2.70 -1.17 6.22
N HIS A 14 -3.04 -2.43 6.43
CA HIS A 14 -4.22 -2.79 7.20
C HIS A 14 -3.97 -2.54 8.68
N SER A 15 -2.81 -2.95 9.16
CA SER A 15 -2.45 -2.86 10.56
C SER A 15 -2.41 -1.38 11.01
N THR A 16 -1.99 -0.50 10.11
CA THR A 16 -1.88 0.92 10.44
C THR A 16 -3.25 1.63 10.34
N GLY A 17 -4.32 0.86 10.25
CA GLY A 17 -5.65 1.44 10.27
C GLY A 17 -6.33 1.43 8.91
N GLY A 18 -5.78 0.65 7.98
CA GLY A 18 -6.40 0.53 6.67
C GLY A 18 -5.91 1.58 5.69
N ARG A 19 -5.13 2.53 6.19
CA ARG A 19 -4.59 3.59 5.35
C ARG A 19 -3.21 4.00 5.83
N ARG A 20 -2.29 4.13 4.89
CA ARG A 20 -0.91 4.51 5.20
C ARG A 20 -0.49 5.67 4.31
N GLN A 21 0.03 6.73 4.90
CA GLN A 21 0.51 7.86 4.12
C GLN A 21 2.02 7.83 3.99
N VAL A 22 2.50 8.07 2.78
CA VAL A 22 3.92 8.04 2.50
C VAL A 22 4.34 9.33 1.80
N PHE A 23 5.50 9.85 2.17
CA PHE A 23 5.98 11.11 1.61
C PHE A 23 6.63 10.87 0.25
N GLY A 24 6.86 11.96 -0.48
CA GLY A 24 7.45 11.87 -1.80
C GLY A 24 8.92 11.56 -1.77
N SER A 25 9.24 10.28 -1.63
CA SER A 25 10.61 9.81 -1.65
C SER A 25 10.63 8.39 -2.19
N ARG A 26 11.78 7.73 -2.11
CA ARG A 26 11.92 6.37 -2.63
C ARG A 26 11.03 5.41 -1.84
N GLU A 27 10.79 5.73 -0.57
CA GLU A 27 9.93 4.93 0.30
C GLU A 27 8.53 4.76 -0.32
N GLN A 28 8.15 5.72 -1.15
CA GLN A 28 6.82 5.72 -1.75
C GLN A 28 6.75 4.74 -2.93
N LYS A 29 7.91 4.40 -3.50
CA LYS A 29 7.96 3.56 -4.70
C LYS A 29 7.37 2.16 -4.46
N PRO A 30 7.78 1.42 -3.41
CA PRO A 30 7.21 0.10 -3.10
C PRO A 30 5.71 0.16 -2.84
N PHE A 31 5.23 1.34 -2.49
CA PHE A 31 3.81 1.54 -2.29
C PHE A 31 3.10 1.69 -3.64
N GLU A 32 3.76 2.38 -4.56
CA GLU A 32 3.26 2.49 -5.93
C GLU A 32 3.31 1.13 -6.62
N ASP A 33 4.30 0.33 -6.22
CA ASP A 33 4.47 -1.02 -6.73
C ASP A 33 3.20 -1.83 -6.48
N LEU A 34 2.60 -1.63 -5.32
CA LEU A 34 1.37 -2.30 -4.96
C LEU A 34 0.18 -1.66 -5.69
N VAL A 35 0.28 -0.38 -5.99
CA VAL A 35 -0.76 0.32 -6.73
C VAL A 35 -0.86 -0.23 -8.14
N ASP A 36 0.29 -0.49 -8.75
CA ASP A 36 0.36 -1.09 -10.08
C ASP A 36 -0.33 -2.45 -10.10
N LEU A 37 -0.22 -3.17 -8.99
CA LEU A 37 -0.87 -4.46 -8.84
C LEU A 37 -2.34 -4.30 -8.46
N GLY A 38 -2.68 -3.11 -7.98
CA GLY A 38 -4.05 -2.82 -7.59
C GLY A 38 -4.32 -3.11 -6.13
N TRP A 39 -3.25 -3.26 -5.34
CA TRP A 39 -3.37 -3.57 -3.92
C TRP A 39 -3.55 -2.29 -3.11
N LEU A 40 -2.93 -1.23 -3.58
CA LEU A 40 -3.05 0.08 -2.95
C LEU A 40 -3.65 1.08 -3.92
N LYS A 41 -4.17 2.17 -3.38
CA LYS A 41 -4.73 3.23 -4.21
C LYS A 41 -4.30 4.60 -3.67
N ARG A 42 -3.61 5.35 -4.51
CA ARG A 42 -3.23 6.71 -4.15
C ARG A 42 -4.14 7.70 -4.85
N SER A 43 -5.04 8.29 -4.09
CA SER A 43 -5.97 9.25 -4.63
C SER A 43 -5.77 10.62 -3.99
N SER A 44 -5.87 10.67 -2.67
CA SER A 44 -5.79 11.92 -1.95
C SER A 44 -4.38 12.19 -1.43
N VAL A 45 -3.80 13.28 -1.89
CA VAL A 45 -2.48 13.69 -1.44
C VAL A 45 -2.57 15.02 -0.70
N ASP A 46 -1.63 15.26 0.21
CA ASP A 46 -1.54 16.51 0.93
C ASP A 46 -0.16 17.10 0.76
N SER A 47 -0.03 18.06 -0.16
CA SER A 47 1.25 18.65 -0.53
C SER A 47 2.14 17.62 -1.22
N ARG A 48 2.71 16.71 -0.43
CA ARG A 48 3.54 15.65 -0.98
C ARG A 48 3.21 14.32 -0.31
N ALA A 49 2.69 14.38 0.91
CA ALA A 49 2.25 13.18 1.61
C ALA A 49 1.10 12.52 0.87
N THR A 50 1.34 11.32 0.37
CA THR A 50 0.35 10.61 -0.41
C THR A 50 -0.33 9.53 0.43
N HIS A 51 -1.66 9.56 0.45
CA HIS A 51 -2.43 8.63 1.25
C HIS A 51 -2.77 7.37 0.46
N TYR A 52 -2.26 6.23 0.93
CA TYR A 52 -2.57 4.95 0.32
C TYR A 52 -3.58 4.19 1.17
N GLN A 53 -4.69 3.81 0.57
CA GLN A 53 -5.72 3.07 1.28
C GLN A 53 -5.83 1.65 0.73
N ILE A 54 -6.22 0.72 1.60
CA ILE A 54 -6.38 -0.67 1.22
C ILE A 54 -7.52 -0.85 0.21
N THR A 55 -7.26 -1.62 -0.82
CA THR A 55 -8.28 -1.91 -1.83
C THR A 55 -8.85 -3.31 -1.63
N GLU A 56 -9.69 -3.73 -2.56
CA GLU A 56 -10.22 -5.08 -2.57
C GLU A 56 -9.07 -6.08 -2.69
N ARG A 57 -8.20 -5.84 -3.66
CA ARG A 57 -7.04 -6.69 -3.89
C ARG A 57 -6.09 -6.62 -2.69
N GLY A 58 -5.91 -5.42 -2.16
CA GLY A 58 -5.05 -5.23 -1.01
C GLY A 58 -5.54 -5.99 0.21
N THR A 59 -6.84 -6.08 0.35
CA THR A 59 -7.45 -6.86 1.42
C THR A 59 -7.30 -8.36 1.14
N SER A 60 -7.57 -8.74 -0.09
CA SER A 60 -7.46 -10.13 -0.52
C SER A 60 -6.03 -10.63 -0.38
N ALA A 61 -5.06 -9.77 -0.66
CA ALA A 61 -3.65 -10.12 -0.57
C ALA A 61 -3.21 -10.34 0.87
N ALA A 62 -3.65 -9.47 1.76
CA ALA A 62 -3.29 -9.57 3.17
C ALA A 62 -3.90 -10.82 3.79
N LEU A 63 -5.08 -11.19 3.31
CA LEU A 63 -5.73 -12.42 3.73
C LEU A 63 -5.07 -13.61 3.07
N ARG A 64 -4.43 -13.34 1.93
CA ARG A 64 -3.70 -14.33 1.13
C ARG A 64 -4.62 -15.44 0.62
N SER A 65 -4.97 -15.36 -0.65
CA SER A 65 -5.74 -16.39 -1.30
C SER A 65 -5.41 -16.40 -2.80
N MET A 1 5.94 -7.68 -9.98
CA MET A 1 5.18 -8.61 -9.12
C MET A 1 5.67 -8.54 -7.68
N ALA A 2 4.75 -8.70 -6.74
CA ALA A 2 5.07 -8.56 -5.33
C ALA A 2 5.65 -9.84 -4.76
N THR A 3 6.52 -9.70 -3.77
CA THR A 3 7.11 -10.84 -3.08
C THR A 3 6.50 -10.97 -1.68
N ALA A 4 6.95 -11.95 -0.91
CA ALA A 4 6.41 -12.18 0.42
C ALA A 4 6.58 -10.96 1.33
N ASP A 5 7.64 -10.20 1.09
CA ASP A 5 7.89 -8.98 1.85
C ASP A 5 6.88 -7.90 1.47
N ASP A 6 6.44 -7.91 0.22
CA ASP A 6 5.41 -6.98 -0.23
C ASP A 6 4.07 -7.33 0.38
N PHE A 7 3.84 -8.64 0.57
CA PHE A 7 2.68 -9.11 1.29
C PHE A 7 2.67 -8.58 2.72
N LYS A 8 3.87 -8.46 3.30
CA LYS A 8 4.02 -7.85 4.61
C LYS A 8 3.68 -6.37 4.53
N LEU A 9 4.11 -5.74 3.44
CA LEU A 9 3.88 -4.32 3.21
C LEU A 9 2.38 -4.03 3.07
N ILE A 10 1.70 -4.82 2.25
CA ILE A 10 0.27 -4.60 2.02
C ILE A 10 -0.53 -4.91 3.28
N ARG A 11 -0.06 -5.85 4.08
CA ARG A 11 -0.71 -6.17 5.34
C ARG A 11 -0.51 -5.04 6.34
N ASP A 12 0.67 -4.41 6.26
CA ASP A 12 0.99 -3.26 7.10
C ASP A 12 -0.05 -2.16 6.93
N ILE A 13 -0.51 -1.99 5.70
CA ILE A 13 -1.51 -0.99 5.38
C ILE A 13 -2.77 -1.22 6.21
N HIS A 14 -3.13 -2.49 6.37
CA HIS A 14 -4.30 -2.86 7.14
C HIS A 14 -4.04 -2.66 8.63
N SER A 15 -2.85 -3.03 9.07
CA SER A 15 -2.45 -2.87 10.46
C SER A 15 -2.46 -1.40 10.87
N THR A 16 -2.19 -0.52 9.92
CA THR A 16 -2.17 0.92 10.18
C THR A 16 -3.58 1.52 10.10
N GLY A 17 -4.58 0.67 9.91
CA GLY A 17 -5.95 1.12 9.93
C GLY A 17 -6.58 1.19 8.56
N GLY A 18 -6.04 0.43 7.61
CA GLY A 18 -6.60 0.39 6.28
C GLY A 18 -6.05 1.51 5.40
N ARG A 19 -5.15 2.29 5.97
CA ARG A 19 -4.52 3.38 5.26
C ARG A 19 -3.09 3.56 5.75
N ARG A 20 -2.20 3.91 4.84
CA ARG A 20 -0.83 4.23 5.20
C ARG A 20 -0.39 5.49 4.46
N GLN A 21 -0.02 6.52 5.22
CA GLN A 21 0.42 7.76 4.62
C GLN A 21 1.94 7.84 4.63
N VAL A 22 2.52 7.79 3.46
CA VAL A 22 3.97 7.85 3.32
C VAL A 22 4.37 9.18 2.70
N PHE A 23 5.41 9.79 3.23
CA PHE A 23 5.88 11.07 2.70
C PHE A 23 7.19 10.87 1.94
N GLY A 24 7.38 11.66 0.90
CA GLY A 24 8.61 11.62 0.14
C GLY A 24 8.44 10.96 -1.20
N SER A 25 9.32 10.02 -1.51
CA SER A 25 9.24 9.25 -2.75
C SER A 25 9.97 7.92 -2.59
N ARG A 26 11.09 7.93 -1.88
CA ARG A 26 11.93 6.75 -1.72
C ARG A 26 11.17 5.64 -1.01
N GLU A 27 10.46 6.00 0.06
CA GLU A 27 9.68 5.03 0.82
C GLU A 27 8.42 4.66 0.07
N GLN A 28 7.96 5.56 -0.80
CA GLN A 28 6.73 5.34 -1.55
C GLN A 28 6.95 4.39 -2.72
N LYS A 29 8.20 4.27 -3.16
CA LYS A 29 8.56 3.48 -4.35
C LYS A 29 7.94 2.07 -4.35
N PRO A 30 8.13 1.26 -3.28
CA PRO A 30 7.53 -0.07 -3.22
C PRO A 30 6.01 -0.03 -3.22
N PHE A 31 5.45 0.97 -2.55
CA PHE A 31 4.01 1.14 -2.46
C PHE A 31 3.41 1.40 -3.84
N GLU A 32 4.15 2.15 -4.65
CA GLU A 32 3.71 2.51 -6.00
C GLU A 32 3.54 1.26 -6.87
N ASP A 33 4.32 0.23 -6.58
CA ASP A 33 4.27 -1.00 -7.37
C ASP A 33 3.02 -1.80 -7.03
N LEU A 34 2.62 -1.77 -5.76
CA LEU A 34 1.40 -2.43 -5.33
C LEU A 34 0.18 -1.72 -5.90
N VAL A 35 0.35 -0.44 -6.22
CA VAL A 35 -0.69 0.31 -6.89
C VAL A 35 -0.96 -0.27 -8.28
N ASP A 36 0.12 -0.63 -8.97
CA ASP A 36 0.04 -1.27 -10.28
C ASP A 36 -0.69 -2.60 -10.17
N LEU A 37 -0.36 -3.36 -9.13
CA LEU A 37 -0.97 -4.65 -8.88
C LEU A 37 -2.44 -4.51 -8.49
N GLY A 38 -2.81 -3.31 -8.06
CA GLY A 38 -4.17 -3.05 -7.66
C GLY A 38 -4.40 -3.38 -6.21
N TRP A 39 -3.31 -3.42 -5.43
CA TRP A 39 -3.41 -3.68 -4.00
C TRP A 39 -3.54 -2.37 -3.25
N LEU A 40 -2.85 -1.36 -3.75
CA LEU A 40 -2.87 -0.04 -3.15
C LEU A 40 -3.48 0.97 -4.10
N LYS A 41 -3.91 2.08 -3.56
CA LYS A 41 -4.50 3.14 -4.35
C LYS A 41 -3.99 4.49 -3.85
N ARG A 42 -3.54 5.32 -4.77
CA ARG A 42 -2.99 6.63 -4.44
C ARG A 42 -4.11 7.66 -4.34
N SER A 43 -4.34 8.14 -3.13
CA SER A 43 -5.35 9.16 -2.91
C SER A 43 -4.96 10.05 -1.75
N SER A 44 -5.60 11.21 -1.64
CA SER A 44 -5.34 12.15 -0.55
C SER A 44 -3.85 12.48 -0.44
N VAL A 45 -3.33 13.24 -1.40
CA VAL A 45 -1.94 13.61 -1.39
C VAL A 45 -1.76 15.03 -0.86
N ASP A 46 -0.73 15.20 -0.04
CA ASP A 46 -0.41 16.51 0.49
C ASP A 46 1.08 16.78 0.29
N SER A 47 1.39 17.53 -0.76
CA SER A 47 2.77 17.78 -1.22
C SER A 47 3.58 16.48 -1.33
N ARG A 48 4.29 16.12 -0.27
CA ARG A 48 5.12 14.93 -0.28
C ARG A 48 4.41 13.73 0.34
N ALA A 49 3.37 14.00 1.11
CA ALA A 49 2.63 12.95 1.77
C ALA A 49 1.61 12.33 0.83
N THR A 50 1.44 11.02 0.91
CA THR A 50 0.49 10.32 0.08
C THR A 50 -0.20 9.20 0.85
N HIS A 51 -1.53 9.24 0.87
CA HIS A 51 -2.32 8.18 1.48
C HIS A 51 -2.46 7.00 0.54
N TYR A 52 -1.94 5.87 0.93
CA TYR A 52 -2.20 4.64 0.21
C TYR A 52 -3.33 3.89 0.90
N GLN A 53 -4.43 3.75 0.19
CA GLN A 53 -5.63 3.14 0.74
C GLN A 53 -5.75 1.70 0.27
N ILE A 54 -6.24 0.83 1.15
CA ILE A 54 -6.45 -0.56 0.81
C ILE A 54 -7.59 -0.72 -0.19
N THR A 55 -7.37 -1.54 -1.19
CA THR A 55 -8.42 -1.90 -2.13
C THR A 55 -9.05 -3.23 -1.71
N GLU A 56 -10.03 -3.68 -2.47
CA GLU A 56 -10.62 -4.99 -2.24
C GLU A 56 -9.57 -6.07 -2.44
N ARG A 57 -8.81 -5.94 -3.53
CA ARG A 57 -7.73 -6.87 -3.84
C ARG A 57 -6.63 -6.77 -2.80
N GLY A 58 -6.31 -5.55 -2.39
CA GLY A 58 -5.31 -5.34 -1.36
C GLY A 58 -5.71 -5.95 -0.04
N THR A 59 -7.02 -6.04 0.21
CA THR A 59 -7.52 -6.71 1.39
C THR A 59 -7.38 -8.22 1.24
N SER A 60 -7.74 -8.72 0.08
CA SER A 60 -7.68 -10.15 -0.21
C SER A 60 -6.23 -10.65 -0.18
N ALA A 61 -5.32 -9.84 -0.72
CA ALA A 61 -3.92 -10.20 -0.82
C ALA A 61 -3.25 -10.31 0.55
N ALA A 62 -3.48 -9.31 1.38
CA ALA A 62 -2.80 -9.25 2.68
C ALA A 62 -3.41 -10.22 3.68
N LEU A 63 -4.66 -10.56 3.49
CA LEU A 63 -5.40 -11.39 4.44
C LEU A 63 -5.08 -12.87 4.25
N ARG A 64 -4.23 -13.17 3.29
CA ARG A 64 -3.83 -14.54 2.99
C ARG A 64 -2.93 -15.10 4.09
N SER A 65 -2.61 -16.38 3.95
CA SER A 65 -1.60 -17.01 4.77
C SER A 65 -0.43 -17.41 3.88
N MET A 1 3.84 -12.79 -9.00
CA MET A 1 3.86 -11.34 -9.30
C MET A 1 4.48 -10.56 -8.15
N ALA A 2 3.78 -10.48 -7.04
CA ALA A 2 4.29 -9.83 -5.84
C ALA A 2 5.05 -10.83 -4.98
N THR A 3 5.98 -10.34 -4.18
CA THR A 3 6.79 -11.21 -3.34
C THR A 3 6.27 -11.18 -1.91
N ALA A 4 6.78 -12.08 -1.06
CA ALA A 4 6.35 -12.17 0.33
C ALA A 4 6.56 -10.84 1.06
N ASP A 5 7.60 -10.12 0.66
CA ASP A 5 7.87 -8.79 1.22
C ASP A 5 6.69 -7.85 0.98
N ASP A 6 6.12 -7.94 -0.21
CA ASP A 6 4.98 -7.09 -0.57
C ASP A 6 3.76 -7.47 0.24
N PHE A 7 3.59 -8.78 0.48
CA PHE A 7 2.52 -9.27 1.31
C PHE A 7 2.62 -8.70 2.72
N LYS A 8 3.83 -8.65 3.24
CA LYS A 8 4.05 -8.09 4.57
C LYS A 8 3.70 -6.61 4.59
N LEU A 9 4.09 -5.91 3.53
CA LEU A 9 3.89 -4.47 3.44
C LEU A 9 2.40 -4.14 3.29
N ILE A 10 1.69 -4.89 2.47
CA ILE A 10 0.27 -4.63 2.25
C ILE A 10 -0.53 -4.91 3.52
N ARG A 11 -0.10 -5.89 4.30
CA ARG A 11 -0.74 -6.18 5.58
C ARG A 11 -0.41 -5.08 6.59
N ASP A 12 0.76 -4.47 6.42
CA ASP A 12 1.19 -3.36 7.27
C ASP A 12 0.21 -2.21 7.16
N ILE A 13 -0.30 -2.00 5.94
CA ILE A 13 -1.28 -0.97 5.68
C ILE A 13 -2.53 -1.20 6.53
N HIS A 14 -2.94 -2.46 6.61
CA HIS A 14 -4.12 -2.82 7.40
C HIS A 14 -3.84 -2.64 8.88
N SER A 15 -2.65 -3.06 9.30
CA SER A 15 -2.24 -2.99 10.70
C SER A 15 -2.25 -1.55 11.22
N THR A 16 -1.86 -0.62 10.35
CA THR A 16 -1.76 0.78 10.73
C THR A 16 -3.12 1.50 10.68
N GLY A 17 -4.18 0.74 10.40
CA GLY A 17 -5.50 1.31 10.41
C GLY A 17 -6.25 1.12 9.10
N GLY A 18 -5.53 0.73 8.06
CA GLY A 18 -6.16 0.51 6.78
C GLY A 18 -5.64 1.46 5.72
N ARG A 19 -5.02 2.54 6.16
CA ARG A 19 -4.44 3.51 5.25
C ARG A 19 -3.02 3.83 5.68
N ARG A 20 -2.18 4.15 4.71
CA ARG A 20 -0.77 4.41 4.99
C ARG A 20 -0.28 5.57 4.14
N GLN A 21 0.18 6.63 4.79
CA GLN A 21 0.73 7.76 4.08
C GLN A 21 2.26 7.69 4.08
N VAL A 22 2.86 7.94 2.92
CA VAL A 22 4.30 7.94 2.79
C VAL A 22 4.76 9.28 2.26
N PHE A 23 5.87 9.79 2.77
CA PHE A 23 6.31 11.15 2.44
C PHE A 23 7.39 11.13 1.36
N GLY A 24 8.21 10.10 1.35
CA GLY A 24 9.37 10.07 0.48
C GLY A 24 9.21 9.09 -0.66
N SER A 25 9.51 9.54 -1.87
CA SER A 25 9.34 8.73 -3.07
C SER A 25 10.14 7.43 -3.01
N ARG A 26 11.28 7.44 -2.31
CA ARG A 26 12.09 6.24 -2.16
C ARG A 26 11.33 5.19 -1.36
N GLU A 27 10.67 5.63 -0.30
CA GLU A 27 9.86 4.74 0.52
C GLU A 27 8.57 4.39 -0.21
N GLN A 28 8.12 5.28 -1.09
CA GLN A 28 6.87 5.10 -1.83
C GLN A 28 7.02 4.04 -2.91
N LYS A 29 8.26 3.77 -3.33
CA LYS A 29 8.53 2.83 -4.43
C LYS A 29 7.70 1.53 -4.32
N PRO A 30 7.84 0.75 -3.22
CA PRO A 30 7.10 -0.50 -3.07
C PRO A 30 5.60 -0.27 -2.96
N PHE A 31 5.22 0.89 -2.43
CA PHE A 31 3.82 1.23 -2.27
C PHE A 31 3.16 1.50 -3.61
N GLU A 32 3.81 2.32 -4.43
CA GLU A 32 3.29 2.64 -5.74
C GLU A 32 3.40 1.46 -6.69
N ASP A 33 4.34 0.56 -6.41
CA ASP A 33 4.42 -0.72 -7.11
C ASP A 33 3.12 -1.50 -6.87
N LEU A 34 2.70 -1.52 -5.61
CA LEU A 34 1.45 -2.18 -5.24
C LEU A 34 0.25 -1.44 -5.82
N VAL A 35 0.39 -0.14 -6.02
CA VAL A 35 -0.66 0.66 -6.64
C VAL A 35 -0.90 0.17 -8.08
N ASP A 36 0.19 -0.08 -8.79
CA ASP A 36 0.10 -0.56 -10.17
C ASP A 36 -0.46 -1.99 -10.20
N LEU A 37 -0.12 -2.76 -9.18
CA LEU A 37 -0.65 -4.11 -9.03
C LEU A 37 -2.12 -4.07 -8.63
N GLY A 38 -2.53 -2.97 -8.02
CA GLY A 38 -3.93 -2.78 -7.66
C GLY A 38 -4.22 -3.07 -6.21
N TRP A 39 -3.16 -3.27 -5.42
CA TRP A 39 -3.32 -3.56 -4.00
C TRP A 39 -3.46 -2.27 -3.20
N LEU A 40 -2.76 -1.24 -3.66
CA LEU A 40 -2.83 0.06 -3.02
C LEU A 40 -3.44 1.08 -3.96
N LYS A 41 -3.97 2.16 -3.39
CA LYS A 41 -4.59 3.21 -4.17
C LYS A 41 -4.10 4.56 -3.67
N ARG A 42 -3.74 5.44 -4.59
CA ARG A 42 -3.28 6.77 -4.24
C ARG A 42 -4.46 7.71 -4.17
N SER A 43 -4.90 8.02 -2.95
CA SER A 43 -6.05 8.87 -2.76
C SER A 43 -5.65 10.34 -2.78
N SER A 44 -4.89 10.75 -1.78
CA SER A 44 -4.52 12.14 -1.62
C SER A 44 -3.00 12.30 -1.53
N VAL A 45 -2.45 13.10 -2.43
CA VAL A 45 -1.05 13.46 -2.36
C VAL A 45 -0.94 14.90 -1.89
N ASP A 46 -0.61 15.08 -0.61
CA ASP A 46 -0.51 16.40 -0.02
C ASP A 46 0.94 16.75 0.23
N SER A 47 1.49 17.58 -0.66
CA SER A 47 2.90 17.98 -0.58
C SER A 47 3.80 16.75 -0.52
N ARG A 48 3.90 16.06 -1.66
CA ARG A 48 4.69 14.82 -1.86
C ARG A 48 4.19 13.64 -1.01
N ALA A 49 3.64 13.91 0.15
CA ALA A 49 3.11 12.87 1.02
C ALA A 49 1.88 12.24 0.37
N THR A 50 2.00 10.97 0.03
CA THR A 50 0.96 10.27 -0.68
C THR A 50 0.21 9.32 0.26
N HIS A 51 -1.10 9.51 0.36
CA HIS A 51 -1.92 8.66 1.21
C HIS A 51 -2.42 7.44 0.42
N TYR A 52 -1.98 6.27 0.85
CA TYR A 52 -2.40 5.02 0.21
C TYR A 52 -3.55 4.39 0.97
N GLN A 53 -4.52 3.88 0.24
CA GLN A 53 -5.67 3.23 0.83
C GLN A 53 -5.77 1.79 0.35
N ILE A 54 -6.16 0.89 1.25
CA ILE A 54 -6.36 -0.51 0.90
C ILE A 54 -7.52 -0.69 -0.08
N THR A 55 -7.27 -1.45 -1.13
CA THR A 55 -8.30 -1.75 -2.10
C THR A 55 -8.93 -3.10 -1.79
N GLU A 56 -9.88 -3.51 -2.63
CA GLU A 56 -10.45 -4.84 -2.54
C GLU A 56 -9.34 -5.88 -2.69
N ARG A 57 -8.44 -5.63 -3.63
CA ARG A 57 -7.31 -6.53 -3.87
C ARG A 57 -6.37 -6.52 -2.66
N GLY A 58 -6.06 -5.32 -2.18
CA GLY A 58 -5.17 -5.18 -1.04
C GLY A 58 -5.73 -5.84 0.21
N THR A 59 -7.04 -5.91 0.30
CA THR A 59 -7.69 -6.59 1.41
C THR A 59 -7.58 -8.11 1.22
N SER A 60 -7.90 -8.56 0.02
CA SER A 60 -7.84 -9.99 -0.31
C SER A 60 -6.41 -10.52 -0.17
N ALA A 61 -5.43 -9.70 -0.53
CA ALA A 61 -4.02 -10.08 -0.44
C ALA A 61 -3.62 -10.37 1.00
N ALA A 62 -4.12 -9.56 1.92
CA ALA A 62 -3.83 -9.74 3.33
C ALA A 62 -4.63 -10.92 3.90
N LEU A 63 -5.79 -11.16 3.31
CA LEU A 63 -6.66 -12.25 3.73
C LEU A 63 -6.17 -13.59 3.18
N ARG A 64 -5.07 -13.54 2.41
CA ARG A 64 -4.47 -14.76 1.88
C ARG A 64 -3.78 -15.54 3.00
N SER A 65 -3.55 -14.86 4.12
CA SER A 65 -2.96 -15.50 5.28
C SER A 65 -3.92 -15.39 6.46
N MET A 1 3.38 -11.76 -8.94
CA MET A 1 4.56 -10.89 -9.22
C MET A 1 5.07 -10.26 -7.92
N ALA A 2 4.15 -9.91 -7.03
CA ALA A 2 4.51 -9.39 -5.72
C ALA A 2 5.19 -10.47 -4.89
N THR A 3 6.16 -10.07 -4.08
CA THR A 3 6.90 -11.02 -3.27
C THR A 3 6.37 -11.04 -1.84
N ALA A 4 6.98 -11.84 -0.99
CA ALA A 4 6.54 -11.98 0.40
C ALA A 4 6.60 -10.65 1.14
N ASP A 5 7.56 -9.81 0.79
CA ASP A 5 7.70 -8.49 1.40
C ASP A 5 6.57 -7.57 0.96
N ASP A 6 6.05 -7.79 -0.24
CA ASP A 6 4.89 -7.03 -0.73
C ASP A 6 3.68 -7.35 0.12
N PHE A 7 3.50 -8.65 0.41
CA PHE A 7 2.46 -9.08 1.32
C PHE A 7 2.67 -8.49 2.70
N LYS A 8 3.93 -8.49 3.12
CA LYS A 8 4.32 -7.87 4.39
C LYS A 8 3.93 -6.40 4.42
N LEU A 9 4.14 -5.73 3.30
CA LEU A 9 3.85 -4.31 3.18
C LEU A 9 2.34 -4.07 3.14
N ILE A 10 1.61 -4.87 2.38
CA ILE A 10 0.17 -4.67 2.24
C ILE A 10 -0.55 -4.97 3.54
N ARG A 11 -0.03 -5.91 4.33
CA ARG A 11 -0.57 -6.18 5.66
C ARG A 11 -0.30 -5.00 6.57
N ASP A 12 0.88 -4.40 6.40
CA ASP A 12 1.31 -3.25 7.18
C ASP A 12 0.31 -2.11 7.03
N ILE A 13 -0.23 -1.97 5.82
CA ILE A 13 -1.25 -0.96 5.54
C ILE A 13 -2.46 -1.16 6.45
N HIS A 14 -2.88 -2.41 6.57
CA HIS A 14 -4.04 -2.75 7.37
C HIS A 14 -3.74 -2.55 8.85
N SER A 15 -2.50 -2.87 9.25
CA SER A 15 -2.06 -2.70 10.63
C SER A 15 -1.94 -1.23 11.00
N THR A 16 -1.95 -0.36 10.00
CA THR A 16 -1.92 1.08 10.23
C THR A 16 -3.36 1.62 10.35
N GLY A 17 -4.33 0.73 10.19
CA GLY A 17 -5.71 1.13 10.28
C GLY A 17 -6.43 0.99 8.96
N GLY A 18 -5.69 0.64 7.92
CA GLY A 18 -6.27 0.46 6.61
C GLY A 18 -5.72 1.45 5.60
N ARG A 19 -5.09 2.49 6.10
CA ARG A 19 -4.51 3.52 5.25
C ARG A 19 -3.09 3.82 5.69
N ARG A 20 -2.20 4.00 4.72
CA ARG A 20 -0.80 4.30 5.01
C ARG A 20 -0.38 5.53 4.23
N GLN A 21 0.27 6.48 4.89
CA GLN A 21 0.66 7.72 4.23
C GLN A 21 2.18 7.82 4.12
N VAL A 22 2.65 7.92 2.89
CA VAL A 22 4.07 8.05 2.61
C VAL A 22 4.32 9.30 1.79
N PHE A 23 5.27 10.13 2.20
CA PHE A 23 5.48 11.42 1.57
C PHE A 23 6.61 11.40 0.54
N GLY A 24 6.93 10.21 0.06
CA GLY A 24 7.88 10.09 -1.02
C GLY A 24 9.06 9.21 -0.68
N SER A 25 10.22 9.56 -1.25
CA SER A 25 11.48 8.85 -1.06
C SER A 25 11.39 7.40 -1.50
N ARG A 26 12.44 6.64 -1.22
CA ARG A 26 12.51 5.23 -1.59
C ARG A 26 11.39 4.44 -0.92
N GLU A 27 10.87 4.97 0.19
CA GLU A 27 9.83 4.32 0.95
C GLU A 27 8.53 4.23 0.17
N GLN A 28 8.29 5.20 -0.71
CA GLN A 28 7.04 5.25 -1.46
C GLN A 28 7.08 4.30 -2.66
N LYS A 29 8.29 3.96 -3.10
CA LYS A 29 8.47 3.13 -4.30
C LYS A 29 7.72 1.81 -4.24
N PRO A 30 7.86 1.00 -3.18
CA PRO A 30 7.13 -0.27 -3.07
C PRO A 30 5.62 -0.06 -2.92
N PHE A 31 5.22 1.11 -2.44
CA PHE A 31 3.81 1.43 -2.27
C PHE A 31 3.15 1.73 -3.60
N GLU A 32 3.80 2.56 -4.39
CA GLU A 32 3.28 2.93 -5.71
C GLU A 32 3.29 1.72 -6.64
N ASP A 33 4.17 0.78 -6.34
CA ASP A 33 4.27 -0.46 -7.10
C ASP A 33 3.00 -1.30 -6.90
N LEU A 34 2.57 -1.40 -5.65
CA LEU A 34 1.37 -2.16 -5.32
C LEU A 34 0.13 -1.53 -5.96
N VAL A 35 0.21 -0.24 -6.24
CA VAL A 35 -0.86 0.45 -6.94
C VAL A 35 -1.05 -0.12 -8.34
N ASP A 36 0.08 -0.44 -8.98
CA ASP A 36 0.05 -1.02 -10.32
C ASP A 36 -0.53 -2.42 -10.26
N LEU A 37 -0.22 -3.14 -9.19
CA LEU A 37 -0.75 -4.48 -8.97
C LEU A 37 -2.22 -4.42 -8.57
N GLY A 38 -2.66 -3.24 -8.15
CA GLY A 38 -4.05 -3.05 -7.79
C GLY A 38 -4.30 -3.19 -6.30
N TRP A 39 -3.23 -3.40 -5.53
CA TRP A 39 -3.35 -3.64 -4.10
C TRP A 39 -3.59 -2.35 -3.34
N LEU A 40 -2.92 -1.29 -3.78
CA LEU A 40 -3.03 0.00 -3.12
C LEU A 40 -3.69 1.02 -4.02
N LYS A 41 -4.27 2.03 -3.39
CA LYS A 41 -4.94 3.10 -4.10
C LYS A 41 -4.50 4.45 -3.54
N ARG A 42 -3.94 5.29 -4.39
CA ARG A 42 -3.56 6.62 -3.98
C ARG A 42 -4.81 7.49 -3.87
N SER A 43 -5.19 7.78 -2.64
CA SER A 43 -6.45 8.44 -2.36
C SER A 43 -6.30 9.95 -2.33
N SER A 44 -5.22 10.43 -1.72
CA SER A 44 -5.03 11.87 -1.57
C SER A 44 -3.56 12.21 -1.34
N VAL A 45 -3.16 13.37 -1.83
CA VAL A 45 -1.83 13.90 -1.55
C VAL A 45 -1.93 15.03 -0.55
N ASP A 46 -1.68 14.72 0.71
CA ASP A 46 -1.80 15.70 1.77
C ASP A 46 -0.46 16.38 2.00
N SER A 47 -0.38 17.65 1.63
CA SER A 47 0.88 18.38 1.57
C SER A 47 1.80 17.75 0.52
N ARG A 48 2.48 16.67 0.89
CA ARG A 48 3.19 15.86 -0.09
C ARG A 48 3.05 14.39 0.28
N ALA A 49 2.32 14.12 1.34
CA ALA A 49 2.11 12.75 1.81
C ALA A 49 1.03 12.07 1.00
N THR A 50 1.41 11.05 0.26
CA THR A 50 0.47 10.29 -0.53
C THR A 50 -0.22 9.25 0.33
N HIS A 51 -1.52 9.39 0.48
CA HIS A 51 -2.31 8.46 1.28
C HIS A 51 -2.68 7.24 0.45
N TYR A 52 -2.16 6.09 0.84
CA TYR A 52 -2.49 4.84 0.16
C TYR A 52 -3.60 4.12 0.90
N GLN A 53 -4.67 3.89 0.19
CA GLN A 53 -5.86 3.25 0.74
C GLN A 53 -5.95 1.81 0.25
N ILE A 54 -6.33 0.91 1.16
CA ILE A 54 -6.49 -0.50 0.81
C ILE A 54 -7.63 -0.71 -0.17
N THR A 55 -7.43 -1.61 -1.12
CA THR A 55 -8.45 -1.95 -2.09
C THR A 55 -9.01 -3.34 -1.79
N GLU A 56 -9.89 -3.82 -2.68
CA GLU A 56 -10.36 -5.19 -2.62
C GLU A 56 -9.18 -6.15 -2.76
N ARG A 57 -8.29 -5.83 -3.69
CA ARG A 57 -7.09 -6.64 -3.91
C ARG A 57 -6.20 -6.60 -2.67
N GLY A 58 -5.95 -5.39 -2.17
CA GLY A 58 -5.07 -5.23 -1.02
C GLY A 58 -5.63 -5.89 0.23
N THR A 59 -6.94 -5.95 0.33
CA THR A 59 -7.57 -6.64 1.45
C THR A 59 -7.43 -8.15 1.30
N SER A 60 -7.70 -8.65 0.11
CA SER A 60 -7.66 -10.07 -0.15
C SER A 60 -6.22 -10.60 -0.09
N ALA A 61 -5.27 -9.80 -0.58
CA ALA A 61 -3.87 -10.21 -0.61
C ALA A 61 -3.33 -10.40 0.81
N ALA A 62 -3.58 -9.41 1.66
CA ALA A 62 -3.12 -9.46 3.03
C ALA A 62 -3.90 -10.49 3.84
N LEU A 63 -5.11 -10.78 3.38
CA LEU A 63 -5.96 -11.77 4.03
C LEU A 63 -5.50 -13.18 3.65
N ARG A 64 -4.85 -13.29 2.50
CA ARG A 64 -4.38 -14.58 2.03
C ARG A 64 -3.17 -15.04 2.84
N SER A 65 -2.14 -14.21 2.88
CA SER A 65 -0.93 -14.55 3.59
C SER A 65 -0.75 -13.65 4.81
N MET A 1 6.18 -5.85 -9.02
CA MET A 1 5.62 -7.22 -8.85
C MET A 1 5.69 -7.63 -7.39
N ALA A 2 4.64 -8.29 -6.92
CA ALA A 2 4.51 -8.62 -5.50
C ALA A 2 5.40 -9.77 -5.07
N THR A 3 6.31 -9.49 -4.16
CA THR A 3 7.11 -10.52 -3.53
C THR A 3 6.57 -10.80 -2.13
N ALA A 4 7.18 -11.73 -1.40
CA ALA A 4 6.72 -12.09 -0.06
C ALA A 4 6.74 -10.88 0.87
N ASP A 5 7.70 -9.99 0.65
CA ASP A 5 7.82 -8.75 1.41
C ASP A 5 6.61 -7.86 1.20
N ASP A 6 6.16 -7.77 -0.05
CA ASP A 6 5.03 -6.91 -0.40
C ASP A 6 3.75 -7.41 0.25
N PHE A 7 3.63 -8.72 0.38
CA PHE A 7 2.50 -9.32 1.07
C PHE A 7 2.42 -8.86 2.52
N LYS A 8 3.57 -8.66 3.14
CA LYS A 8 3.61 -8.13 4.50
C LYS A 8 3.39 -6.62 4.47
N LEU A 9 3.89 -5.98 3.42
CA LEU A 9 3.74 -4.54 3.25
C LEU A 9 2.27 -4.17 3.18
N ILE A 10 1.53 -4.91 2.37
CA ILE A 10 0.10 -4.65 2.21
C ILE A 10 -0.67 -4.99 3.49
N ARG A 11 -0.16 -5.95 4.25
CA ARG A 11 -0.76 -6.27 5.54
C ARG A 11 -0.59 -5.09 6.50
N ASP A 12 0.57 -4.46 6.43
CA ASP A 12 0.88 -3.30 7.25
C ASP A 12 -0.07 -2.16 6.95
N ILE A 13 -0.49 -2.05 5.70
CA ILE A 13 -1.46 -1.04 5.31
C ILE A 13 -2.76 -1.20 6.11
N HIS A 14 -3.10 -2.46 6.38
CA HIS A 14 -4.26 -2.77 7.19
C HIS A 14 -3.98 -2.50 8.67
N SER A 15 -2.77 -2.87 9.10
CA SER A 15 -2.39 -2.77 10.49
C SER A 15 -2.25 -1.31 10.94
N THR A 16 -1.91 -0.45 9.99
CA THR A 16 -1.73 0.97 10.28
C THR A 16 -3.05 1.74 10.29
N GLY A 17 -4.16 1.01 10.17
CA GLY A 17 -5.46 1.64 10.28
C GLY A 17 -6.28 1.51 9.01
N GLY A 18 -5.76 0.81 8.02
CA GLY A 18 -6.49 0.62 6.78
C GLY A 18 -6.02 1.56 5.68
N ARG A 19 -5.16 2.49 6.06
CA ARG A 19 -4.58 3.42 5.12
C ARG A 19 -3.16 3.77 5.54
N ARG A 20 -2.31 4.01 4.56
CA ARG A 20 -0.93 4.38 4.83
C ARG A 20 -0.56 5.61 4.02
N GLN A 21 -0.07 6.64 4.70
CA GLN A 21 0.34 7.86 4.05
C GLN A 21 1.86 7.99 4.04
N VAL A 22 2.43 7.93 2.85
CA VAL A 22 3.88 7.99 2.69
C VAL A 22 4.26 9.26 1.95
N PHE A 23 5.29 9.94 2.43
CA PHE A 23 5.76 11.18 1.84
C PHE A 23 6.27 10.98 0.41
N GLY A 24 7.17 10.02 0.23
CA GLY A 24 7.73 9.78 -1.08
C GLY A 24 9.10 9.14 -1.01
N SER A 25 9.93 9.41 -2.01
CA SER A 25 11.30 8.91 -2.07
C SER A 25 11.29 7.38 -2.18
N ARG A 26 12.40 6.75 -1.79
CA ARG A 26 12.54 5.31 -1.89
C ARG A 26 11.52 4.60 -1.01
N GLU A 27 11.05 5.31 0.01
CA GLU A 27 10.04 4.78 0.92
C GLU A 27 8.74 4.51 0.18
N GLN A 28 8.37 5.42 -0.71
CA GLN A 28 7.10 5.33 -1.44
C GLN A 28 7.22 4.37 -2.63
N LYS A 29 8.45 4.15 -3.08
CA LYS A 29 8.74 3.36 -4.27
C LYS A 29 8.02 1.99 -4.29
N PRO A 30 8.10 1.19 -3.22
CA PRO A 30 7.38 -0.10 -3.16
C PRO A 30 5.86 0.07 -3.13
N PHE A 31 5.41 1.19 -2.58
CA PHE A 31 3.98 1.45 -2.43
C PHE A 31 3.31 1.68 -3.77
N GLU A 32 3.96 2.45 -4.64
CA GLU A 32 3.43 2.73 -5.97
C GLU A 32 3.45 1.47 -6.83
N ASP A 33 4.35 0.55 -6.50
CA ASP A 33 4.41 -0.74 -7.20
C ASP A 33 3.16 -1.55 -6.90
N LEU A 34 2.66 -1.42 -5.67
CA LEU A 34 1.44 -2.10 -5.27
C LEU A 34 0.21 -1.42 -5.87
N VAL A 35 0.34 -0.15 -6.21
CA VAL A 35 -0.74 0.57 -6.91
C VAL A 35 -0.96 -0.07 -8.28
N ASP A 36 0.15 -0.38 -8.95
CA ASP A 36 0.10 -1.09 -10.23
C ASP A 36 -0.55 -2.46 -10.06
N LEU A 37 -0.27 -3.10 -8.93
CA LEU A 37 -0.82 -4.41 -8.61
C LEU A 37 -2.31 -4.31 -8.29
N GLY A 38 -2.75 -3.12 -7.93
CA GLY A 38 -4.14 -2.93 -7.55
C GLY A 38 -4.36 -3.24 -6.08
N TRP A 39 -3.28 -3.20 -5.30
CA TRP A 39 -3.35 -3.46 -3.87
C TRP A 39 -3.54 -2.16 -3.12
N LEU A 40 -2.91 -1.11 -3.61
CA LEU A 40 -3.00 0.20 -3.00
C LEU A 40 -3.70 1.18 -3.95
N LYS A 41 -4.42 2.13 -3.38
CA LYS A 41 -5.16 3.09 -4.15
C LYS A 41 -4.82 4.51 -3.72
N ARG A 42 -4.54 5.37 -4.70
CA ARG A 42 -4.29 6.78 -4.44
C ARG A 42 -5.61 7.50 -4.21
N SER A 43 -5.62 8.56 -3.43
CA SER A 43 -6.86 9.28 -3.17
C SER A 43 -6.58 10.72 -2.73
N SER A 44 -5.84 10.89 -1.65
CA SER A 44 -5.61 12.21 -1.10
C SER A 44 -4.15 12.40 -0.71
N VAL A 45 -3.69 13.65 -0.78
CA VAL A 45 -2.34 13.99 -0.35
C VAL A 45 -2.38 15.23 0.55
N ASP A 46 -1.64 15.20 1.64
CA ASP A 46 -1.51 16.37 2.50
C ASP A 46 -0.04 16.62 2.81
N SER A 47 0.46 17.72 2.26
CA SER A 47 1.85 18.13 2.44
C SER A 47 2.80 16.98 2.08
N ARG A 48 2.85 16.65 0.79
CA ARG A 48 3.76 15.62 0.26
C ARG A 48 3.27 14.20 0.57
N ALA A 49 2.71 14.01 1.77
CA ALA A 49 2.25 12.70 2.21
C ALA A 49 1.10 12.18 1.34
N THR A 50 1.36 11.10 0.63
CA THR A 50 0.36 10.49 -0.23
C THR A 50 -0.39 9.38 0.51
N HIS A 51 -1.71 9.44 0.47
CA HIS A 51 -2.54 8.47 1.19
C HIS A 51 -2.89 7.28 0.30
N TYR A 52 -2.45 6.11 0.72
CA TYR A 52 -2.80 4.87 0.04
C TYR A 52 -3.85 4.11 0.83
N GLN A 53 -4.99 3.87 0.22
CA GLN A 53 -6.07 3.14 0.88
C GLN A 53 -6.11 1.70 0.39
N ILE A 54 -6.52 0.80 1.26
CA ILE A 54 -6.62 -0.62 0.93
C ILE A 54 -7.72 -0.89 -0.08
N THR A 55 -7.43 -1.76 -1.04
CA THR A 55 -8.44 -2.22 -1.98
C THR A 55 -8.96 -3.58 -1.54
N GLU A 56 -9.93 -4.12 -2.25
CA GLU A 56 -10.44 -5.45 -1.95
C GLU A 56 -9.39 -6.50 -2.30
N ARG A 57 -8.56 -6.20 -3.31
CA ARG A 57 -7.46 -7.08 -3.66
C ARG A 57 -6.37 -6.99 -2.60
N GLY A 58 -6.06 -5.77 -2.19
CA GLY A 58 -5.09 -5.56 -1.13
C GLY A 58 -5.53 -6.19 0.17
N THR A 59 -6.83 -6.29 0.37
CA THR A 59 -7.39 -6.97 1.53
C THR A 59 -7.13 -8.48 1.44
N SER A 60 -7.38 -9.03 0.26
CA SER A 60 -7.21 -10.46 0.03
C SER A 60 -5.73 -10.84 0.11
N ALA A 61 -4.88 -10.04 -0.54
CA ALA A 61 -3.45 -10.32 -0.61
C ALA A 61 -2.83 -10.36 0.78
N ALA A 62 -3.20 -9.39 1.62
CA ALA A 62 -2.65 -9.29 2.96
C ALA A 62 -3.07 -10.47 3.83
N LEU A 63 -4.21 -11.06 3.51
CA LEU A 63 -4.72 -12.17 4.29
C LEU A 63 -4.11 -13.48 3.84
N ARG A 64 -3.62 -13.50 2.60
CA ARG A 64 -3.01 -14.69 2.02
C ARG A 64 -1.78 -15.12 2.80
N SER A 65 -0.98 -14.15 3.22
CA SER A 65 0.24 -14.44 3.96
C SER A 65 0.03 -14.14 5.44
N MET A 1 4.81 -9.30 -10.29
CA MET A 1 3.90 -9.08 -9.15
C MET A 1 4.68 -8.80 -7.88
N ALA A 2 3.98 -8.76 -6.76
CA ALA A 2 4.61 -8.42 -5.48
C ALA A 2 5.38 -9.60 -4.90
N THR A 3 6.36 -9.31 -4.08
CA THR A 3 7.15 -10.34 -3.45
C THR A 3 6.66 -10.56 -2.01
N ALA A 4 7.22 -11.56 -1.33
CA ALA A 4 6.81 -11.92 0.03
C ALA A 4 6.91 -10.73 0.99
N ASP A 5 7.88 -9.86 0.76
CA ASP A 5 8.03 -8.69 1.61
C ASP A 5 6.95 -7.64 1.32
N ASP A 6 6.43 -7.66 0.11
CA ASP A 6 5.34 -6.77 -0.26
C ASP A 6 4.05 -7.22 0.41
N PHE A 7 3.91 -8.53 0.58
CA PHE A 7 2.80 -9.09 1.34
C PHE A 7 2.81 -8.57 2.77
N LYS A 8 4.01 -8.41 3.33
CA LYS A 8 4.17 -7.81 4.64
C LYS A 8 3.73 -6.35 4.59
N LEU A 9 4.17 -5.66 3.54
CA LEU A 9 3.92 -4.24 3.37
C LEU A 9 2.41 -3.97 3.25
N ILE A 10 1.73 -4.77 2.44
CA ILE A 10 0.30 -4.57 2.22
C ILE A 10 -0.50 -4.88 3.48
N ARG A 11 -0.02 -5.82 4.28
CA ARG A 11 -0.65 -6.11 5.57
C ARG A 11 -0.41 -4.97 6.54
N ASP A 12 0.78 -4.37 6.44
CA ASP A 12 1.16 -3.24 7.27
C ASP A 12 0.19 -2.09 7.10
N ILE A 13 -0.31 -1.93 5.88
CA ILE A 13 -1.31 -0.91 5.57
C ILE A 13 -2.55 -1.11 6.44
N HIS A 14 -2.97 -2.37 6.54
CA HIS A 14 -4.14 -2.72 7.33
C HIS A 14 -3.83 -2.52 8.82
N SER A 15 -2.64 -2.91 9.22
CA SER A 15 -2.19 -2.78 10.60
C SER A 15 -2.14 -1.31 11.03
N THR A 16 -1.93 -0.43 10.05
CA THR A 16 -1.88 1.00 10.31
C THR A 16 -3.30 1.56 10.51
N GLY A 17 -4.29 0.82 10.05
CA GLY A 17 -5.67 1.26 10.17
C GLY A 17 -6.44 1.10 8.89
N GLY A 18 -5.75 0.80 7.81
CA GLY A 18 -6.40 0.64 6.53
C GLY A 18 -5.87 1.61 5.50
N ARG A 19 -5.43 2.76 5.98
CA ARG A 19 -4.87 3.77 5.11
C ARG A 19 -3.48 4.18 5.61
N ARG A 20 -2.55 4.28 4.69
CA ARG A 20 -1.16 4.56 5.02
C ARG A 20 -0.65 5.73 4.19
N GLN A 21 -0.31 6.83 4.86
CA GLN A 21 0.23 8.00 4.18
C GLN A 21 1.75 7.92 4.14
N VAL A 22 2.31 8.10 2.94
CA VAL A 22 3.75 8.12 2.76
C VAL A 22 4.19 9.47 2.19
N PHE A 23 5.11 10.12 2.87
CA PHE A 23 5.54 11.46 2.49
C PHE A 23 6.31 11.45 1.18
N GLY A 24 7.39 10.68 1.13
CA GLY A 24 8.24 10.67 -0.04
C GLY A 24 9.61 10.08 0.25
N SER A 25 9.76 8.80 0.00
CA SER A 25 11.02 8.10 0.18
C SER A 25 11.09 6.94 -0.81
N ARG A 26 12.21 6.24 -0.88
CA ARG A 26 12.35 5.12 -1.80
C ARG A 26 11.33 4.03 -1.46
N GLU A 27 10.99 3.96 -0.17
CA GLU A 27 10.00 3.02 0.32
C GLU A 27 8.64 3.24 -0.34
N GLN A 28 8.40 4.46 -0.82
CA GLN A 28 7.12 4.79 -1.43
C GLN A 28 6.94 4.08 -2.77
N LYS A 29 8.05 3.68 -3.38
CA LYS A 29 8.03 3.06 -4.71
C LYS A 29 7.22 1.75 -4.72
N PRO A 30 7.49 0.77 -3.83
CA PRO A 30 6.70 -0.46 -3.75
C PRO A 30 5.22 -0.18 -3.47
N PHE A 31 4.94 0.91 -2.76
CA PHE A 31 3.56 1.32 -2.52
C PHE A 31 2.87 1.63 -3.84
N GLU A 32 3.59 2.34 -4.71
CA GLU A 32 3.09 2.68 -6.03
C GLU A 32 2.99 1.43 -6.90
N ASP A 33 3.87 0.47 -6.65
CA ASP A 33 3.84 -0.80 -7.38
C ASP A 33 2.60 -1.58 -7.00
N LEU A 34 2.24 -1.54 -5.71
CA LEU A 34 1.04 -2.19 -5.25
C LEU A 34 -0.20 -1.51 -5.82
N VAL A 35 -0.09 -0.21 -6.09
CA VAL A 35 -1.16 0.51 -6.77
C VAL A 35 -1.36 -0.06 -8.17
N ASP A 36 -0.25 -0.33 -8.84
CA ASP A 36 -0.27 -0.91 -10.18
C ASP A 36 -0.87 -2.32 -10.14
N LEU A 37 -0.63 -3.03 -9.05
CA LEU A 37 -1.17 -4.36 -8.85
C LEU A 37 -2.63 -4.31 -8.40
N GLY A 38 -3.07 -3.15 -7.94
CA GLY A 38 -4.44 -3.00 -7.50
C GLY A 38 -4.61 -3.32 -6.02
N TRP A 39 -3.53 -3.26 -5.28
CA TRP A 39 -3.55 -3.55 -3.85
C TRP A 39 -3.75 -2.26 -3.07
N LEU A 40 -3.14 -1.20 -3.58
CA LEU A 40 -3.24 0.11 -2.95
C LEU A 40 -3.85 1.11 -3.91
N LYS A 41 -4.42 2.17 -3.35
CA LYS A 41 -5.06 3.20 -4.15
C LYS A 41 -4.76 4.57 -3.58
N ARG A 42 -4.17 5.42 -4.40
CA ARG A 42 -3.79 6.76 -3.97
C ARG A 42 -5.00 7.66 -3.95
N SER A 43 -5.52 7.91 -2.77
CA SER A 43 -6.72 8.72 -2.60
C SER A 43 -6.46 9.82 -1.58
N SER A 44 -6.98 11.02 -1.84
CA SER A 44 -6.73 12.18 -1.00
C SER A 44 -5.23 12.43 -0.89
N VAL A 45 -4.63 12.81 -2.01
CA VAL A 45 -3.19 12.98 -2.07
C VAL A 45 -2.78 14.37 -1.57
N ASP A 46 -2.22 14.40 -0.36
CA ASP A 46 -1.73 15.63 0.23
C ASP A 46 -0.42 16.04 -0.42
N SER A 47 -0.07 17.31 -0.23
CA SER A 47 1.23 17.80 -0.66
C SER A 47 2.28 17.33 0.34
N ARG A 48 1.80 17.05 1.55
CA ARG A 48 2.63 16.51 2.61
C ARG A 48 2.92 15.03 2.38
N ALA A 49 1.87 14.24 2.34
CA ALA A 49 2.01 12.79 2.21
C ALA A 49 0.96 12.20 1.28
N THR A 50 1.35 11.18 0.54
CA THR A 50 0.45 10.48 -0.35
C THR A 50 -0.30 9.40 0.43
N HIS A 51 -1.62 9.49 0.46
CA HIS A 51 -2.44 8.56 1.23
C HIS A 51 -2.78 7.32 0.42
N TYR A 52 -2.34 6.17 0.87
CA TYR A 52 -2.65 4.91 0.22
C TYR A 52 -3.78 4.20 0.96
N GLN A 53 -4.85 3.93 0.24
CA GLN A 53 -5.99 3.21 0.80
C GLN A 53 -5.96 1.75 0.36
N ILE A 54 -6.31 0.86 1.28
CA ILE A 54 -6.41 -0.56 0.97
C ILE A 54 -7.48 -0.81 -0.08
N THR A 55 -7.09 -1.50 -1.13
CA THR A 55 -8.03 -1.87 -2.19
C THR A 55 -8.39 -3.34 -2.02
N GLU A 56 -9.34 -3.82 -2.82
CA GLU A 56 -9.86 -5.17 -2.67
C GLU A 56 -8.76 -6.22 -2.75
N ARG A 57 -7.93 -6.15 -3.79
CA ARG A 57 -6.81 -7.08 -3.95
C ARG A 57 -5.86 -6.97 -2.77
N GLY A 58 -5.72 -5.75 -2.23
CA GLY A 58 -4.83 -5.52 -1.12
C GLY A 58 -5.32 -6.16 0.16
N THR A 59 -6.63 -6.23 0.32
CA THR A 59 -7.22 -6.91 1.46
C THR A 59 -7.01 -8.42 1.36
N SER A 60 -7.23 -8.96 0.17
CA SER A 60 -7.07 -10.39 -0.06
C SER A 60 -5.61 -10.81 0.05
N ALA A 61 -4.71 -9.98 -0.48
CA ALA A 61 -3.29 -10.28 -0.49
C ALA A 61 -2.71 -10.28 0.92
N ALA A 62 -3.12 -9.30 1.72
CA ALA A 62 -2.61 -9.17 3.08
C ALA A 62 -3.03 -10.35 3.95
N LEU A 63 -4.12 -11.00 3.58
CA LEU A 63 -4.66 -12.11 4.35
C LEU A 63 -3.88 -13.39 4.07
N ARG A 64 -3.04 -13.37 3.05
CA ARG A 64 -2.28 -14.55 2.65
C ARG A 64 -1.10 -14.75 3.57
N SER A 65 -0.75 -15.99 3.83
CA SER A 65 0.43 -16.33 4.61
C SER A 65 0.98 -17.68 4.16
N MET A 1 5.37 -8.42 -10.25
CA MET A 1 4.51 -9.17 -9.33
C MET A 1 5.03 -9.03 -7.90
N ALA A 2 4.26 -9.49 -6.94
CA ALA A 2 4.61 -9.31 -5.53
C ALA A 2 5.17 -10.59 -4.93
N THR A 3 5.85 -10.45 -3.80
CA THR A 3 6.38 -11.57 -3.06
C THR A 3 5.84 -11.55 -1.63
N ALA A 4 6.25 -12.51 -0.81
CA ALA A 4 5.77 -12.61 0.57
C ALA A 4 6.07 -11.33 1.35
N ASP A 5 7.16 -10.66 1.00
CA ASP A 5 7.54 -9.42 1.66
C ASP A 5 6.54 -8.30 1.35
N ASP A 6 5.92 -8.37 0.18
CA ASP A 6 4.90 -7.39 -0.20
C ASP A 6 3.63 -7.62 0.61
N PHE A 7 3.34 -8.88 0.88
CA PHE A 7 2.21 -9.24 1.74
C PHE A 7 2.37 -8.62 3.12
N LYS A 8 3.59 -8.62 3.62
CA LYS A 8 3.90 -8.01 4.91
C LYS A 8 3.55 -6.54 4.89
N LEU A 9 3.98 -5.87 3.84
CA LEU A 9 3.80 -4.43 3.69
C LEU A 9 2.31 -4.09 3.54
N ILE A 10 1.61 -4.84 2.70
CA ILE A 10 0.20 -4.56 2.44
C ILE A 10 -0.65 -4.81 3.67
N ARG A 11 -0.27 -5.78 4.49
CA ARG A 11 -0.98 -6.04 5.74
C ARG A 11 -0.73 -4.92 6.75
N ASP A 12 0.46 -4.34 6.67
CA ASP A 12 0.82 -3.21 7.53
C ASP A 12 -0.10 -2.03 7.27
N ILE A 13 -0.48 -1.87 6.01
CA ILE A 13 -1.43 -0.82 5.62
C ILE A 13 -2.73 -0.99 6.39
N HIS A 14 -3.20 -2.23 6.45
CA HIS A 14 -4.42 -2.56 7.17
C HIS A 14 -4.23 -2.37 8.67
N SER A 15 -3.08 -2.82 9.16
CA SER A 15 -2.75 -2.72 10.58
C SER A 15 -2.73 -1.25 11.03
N THR A 16 -2.24 -0.38 10.15
CA THR A 16 -2.17 1.05 10.45
C THR A 16 -3.57 1.67 10.51
N GLY A 17 -4.54 0.97 9.92
CA GLY A 17 -5.90 1.46 9.93
C GLY A 17 -6.61 1.24 8.61
N GLY A 18 -5.85 0.94 7.57
CA GLY A 18 -6.43 0.75 6.26
C GLY A 18 -5.84 1.69 5.24
N ARG A 19 -4.98 2.57 5.70
CA ARG A 19 -4.31 3.52 4.82
C ARG A 19 -2.90 3.80 5.33
N ARG A 20 -2.00 4.13 4.43
CA ARG A 20 -0.63 4.46 4.80
C ARG A 20 -0.17 5.69 4.02
N GLN A 21 0.21 6.73 4.73
CA GLN A 21 0.68 7.94 4.08
C GLN A 21 2.21 8.00 4.08
N VAL A 22 2.77 8.12 2.89
CA VAL A 22 4.21 8.25 2.73
C VAL A 22 4.53 9.64 2.22
N PHE A 23 5.45 10.32 2.90
CA PHE A 23 5.71 11.74 2.65
C PHE A 23 6.26 12.01 1.25
N GLY A 24 7.50 11.65 1.01
CA GLY A 24 8.11 11.90 -0.28
C GLY A 24 9.53 11.41 -0.36
N SER A 25 9.69 10.11 -0.50
CA SER A 25 11.00 9.50 -0.58
C SER A 25 10.95 8.26 -1.47
N ARG A 26 12.04 7.50 -1.47
CA ARG A 26 12.09 6.25 -2.22
C ARG A 26 11.16 5.22 -1.58
N GLU A 27 10.73 5.51 -0.35
CA GLU A 27 9.80 4.67 0.38
C GLU A 27 8.48 4.51 -0.39
N GLN A 28 8.15 5.48 -1.22
CA GLN A 28 6.93 5.43 -2.01
C GLN A 28 7.01 4.38 -3.12
N LYS A 29 8.23 4.01 -3.52
CA LYS A 29 8.43 3.13 -4.67
C LYS A 29 7.84 1.72 -4.45
N PRO A 30 8.11 1.05 -3.31
CA PRO A 30 7.50 -0.25 -3.02
C PRO A 30 5.97 -0.14 -2.87
N PHE A 31 5.50 1.05 -2.55
CA PHE A 31 4.08 1.29 -2.38
C PHE A 31 3.38 1.47 -3.72
N GLU A 32 3.96 2.31 -4.58
CA GLU A 32 3.37 2.60 -5.88
C GLU A 32 3.34 1.36 -6.77
N ASP A 33 4.27 0.44 -6.52
CA ASP A 33 4.28 -0.83 -7.24
C ASP A 33 3.04 -1.65 -6.88
N LEU A 34 2.66 -1.60 -5.61
CA LEU A 34 1.45 -2.27 -5.16
C LEU A 34 0.23 -1.57 -5.72
N VAL A 35 0.35 -0.26 -5.94
CA VAL A 35 -0.70 0.51 -6.59
C VAL A 35 -0.92 0.01 -8.01
N ASP A 36 0.19 -0.32 -8.67
CA ASP A 36 0.17 -0.87 -10.01
C ASP A 36 -0.46 -2.26 -10.01
N LEU A 37 -0.14 -3.03 -8.99
CA LEU A 37 -0.67 -4.38 -8.84
C LEU A 37 -2.15 -4.36 -8.46
N GLY A 38 -2.58 -3.27 -7.84
CA GLY A 38 -3.96 -3.16 -7.43
C GLY A 38 -4.15 -3.45 -5.94
N TRP A 39 -3.05 -3.51 -5.22
CA TRP A 39 -3.09 -3.75 -3.78
C TRP A 39 -3.26 -2.44 -3.04
N LEU A 40 -2.59 -1.41 -3.55
CA LEU A 40 -2.68 -0.08 -2.99
C LEU A 40 -3.34 0.87 -3.98
N LYS A 41 -3.81 1.98 -3.48
CA LYS A 41 -4.56 2.92 -4.29
C LYS A 41 -4.27 4.34 -3.83
N ARG A 42 -4.01 5.22 -4.77
CA ARG A 42 -3.80 6.62 -4.44
C ARG A 42 -5.12 7.36 -4.49
N SER A 43 -5.70 7.59 -3.33
CA SER A 43 -6.96 8.29 -3.25
C SER A 43 -6.72 9.72 -2.79
N SER A 44 -6.40 9.87 -1.51
CA SER A 44 -6.06 11.16 -0.96
C SER A 44 -4.59 11.42 -1.19
N VAL A 45 -4.29 12.40 -2.03
CA VAL A 45 -2.90 12.70 -2.34
C VAL A 45 -2.53 14.13 -1.94
N ASP A 46 -1.55 14.22 -1.05
CA ASP A 46 -1.01 15.51 -0.64
C ASP A 46 0.43 15.62 -1.11
N SER A 47 0.90 16.82 -1.33
CA SER A 47 2.29 17.03 -1.69
C SER A 47 3.19 16.80 -0.48
N ARG A 48 2.60 16.96 0.72
CA ARG A 48 3.30 16.65 1.96
C ARG A 48 3.44 15.15 2.16
N ALA A 49 2.42 14.41 1.72
CA ALA A 49 2.39 12.96 1.92
C ALA A 49 1.28 12.32 1.09
N THR A 50 1.64 11.31 0.31
CA THR A 50 0.67 10.57 -0.47
C THR A 50 0.04 9.46 0.37
N HIS A 51 -1.28 9.44 0.44
CA HIS A 51 -1.99 8.47 1.25
C HIS A 51 -2.39 7.27 0.41
N TYR A 52 -1.86 6.10 0.74
CA TYR A 52 -2.20 4.88 0.04
C TYR A 52 -3.35 4.17 0.74
N GLN A 53 -4.41 3.93 0.01
CA GLN A 53 -5.60 3.30 0.56
C GLN A 53 -5.62 1.82 0.18
N ILE A 54 -6.14 0.99 1.07
CA ILE A 54 -6.28 -0.44 0.80
C ILE A 54 -7.29 -0.68 -0.32
N THR A 55 -6.85 -1.40 -1.33
CA THR A 55 -7.70 -1.69 -2.47
C THR A 55 -8.23 -3.12 -2.37
N GLU A 56 -9.07 -3.52 -3.32
CA GLU A 56 -9.71 -4.83 -3.30
C GLU A 56 -8.66 -5.94 -3.20
N ARG A 57 -7.65 -5.89 -4.08
CA ARG A 57 -6.60 -6.89 -4.10
C ARG A 57 -5.71 -6.77 -2.86
N GLY A 58 -5.62 -5.57 -2.31
CA GLY A 58 -4.84 -5.36 -1.11
C GLY A 58 -5.51 -5.93 0.12
N THR A 59 -6.84 -5.95 0.11
CA THR A 59 -7.60 -6.54 1.19
C THR A 59 -7.51 -8.06 1.15
N SER A 60 -7.66 -8.63 -0.03
CA SER A 60 -7.57 -10.07 -0.20
C SER A 60 -6.14 -10.57 0.05
N ALA A 61 -5.16 -9.74 -0.30
CA ALA A 61 -3.76 -10.06 -0.07
C ALA A 61 -3.45 -10.11 1.43
N ALA A 62 -4.15 -9.26 2.19
CA ALA A 62 -3.99 -9.23 3.64
C ALA A 62 -4.56 -10.49 4.27
N LEU A 63 -5.50 -11.11 3.57
CA LEU A 63 -6.13 -12.33 4.05
C LEU A 63 -5.29 -13.53 3.64
N ARG A 64 -4.28 -13.29 2.82
CA ARG A 64 -3.39 -14.35 2.37
C ARG A 64 -2.10 -14.37 3.19
N SER A 65 -2.05 -15.24 4.17
CA SER A 65 -0.89 -15.38 5.03
C SER A 65 -0.61 -16.85 5.28
N MET A 1 7.24 -11.42 -9.54
CA MET A 1 6.35 -10.24 -9.48
C MET A 1 6.23 -9.74 -8.05
N ALA A 2 5.43 -10.43 -7.25
CA ALA A 2 5.28 -10.08 -5.83
C ALA A 2 5.81 -11.20 -4.96
N THR A 3 6.44 -10.84 -3.86
CA THR A 3 6.98 -11.79 -2.92
C THR A 3 6.33 -11.59 -1.55
N ALA A 4 6.73 -12.41 -0.57
CA ALA A 4 6.16 -12.35 0.77
C ALA A 4 6.35 -10.96 1.39
N ASP A 5 7.42 -10.28 0.99
CA ASP A 5 7.72 -8.94 1.47
C ASP A 5 6.64 -7.95 1.04
N ASP A 6 6.07 -8.17 -0.14
CA ASP A 6 5.00 -7.31 -0.64
C ASP A 6 3.74 -7.53 0.19
N PHE A 7 3.46 -8.79 0.47
CA PHE A 7 2.32 -9.16 1.29
C PHE A 7 2.44 -8.56 2.69
N LYS A 8 3.65 -8.59 3.23
CA LYS A 8 3.93 -8.00 4.54
C LYS A 8 3.64 -6.51 4.53
N LEU A 9 4.07 -5.86 3.46
CA LEU A 9 3.93 -4.42 3.31
C LEU A 9 2.45 -4.05 3.16
N ILE A 10 1.72 -4.79 2.33
CA ILE A 10 0.32 -4.48 2.07
C ILE A 10 -0.55 -4.79 3.29
N ARG A 11 -0.18 -5.82 4.06
CA ARG A 11 -0.90 -6.13 5.29
C ARG A 11 -0.64 -5.05 6.31
N ASP A 12 0.58 -4.51 6.27
CA ASP A 12 0.98 -3.43 7.17
C ASP A 12 0.06 -2.23 7.00
N ILE A 13 -0.41 -2.02 5.78
CA ILE A 13 -1.35 -0.95 5.47
C ILE A 13 -2.65 -1.16 6.25
N HIS A 14 -3.05 -2.41 6.38
CA HIS A 14 -4.27 -2.75 7.10
C HIS A 14 -4.04 -2.58 8.60
N SER A 15 -2.90 -3.07 9.06
CA SER A 15 -2.55 -3.07 10.47
C SER A 15 -2.50 -1.64 11.03
N THR A 16 -2.09 -0.70 10.20
CA THR A 16 -1.96 0.68 10.65
C THR A 16 -3.31 1.42 10.62
N GLY A 17 -4.37 0.71 10.23
CA GLY A 17 -5.70 1.29 10.24
C GLY A 17 -6.44 1.09 8.94
N GLY A 18 -5.71 0.88 7.86
CA GLY A 18 -6.33 0.72 6.57
C GLY A 18 -5.80 1.71 5.56
N ARG A 19 -5.09 2.72 6.05
CA ARG A 19 -4.48 3.71 5.17
C ARG A 19 -3.05 3.97 5.61
N ARG A 20 -2.19 4.23 4.65
CA ARG A 20 -0.79 4.54 4.92
C ARG A 20 -0.36 5.76 4.12
N GLN A 21 0.09 6.79 4.82
CA GLN A 21 0.53 8.01 4.17
C GLN A 21 2.05 8.04 4.07
N VAL A 22 2.54 7.93 2.85
CA VAL A 22 3.97 7.91 2.60
C VAL A 22 4.46 9.30 2.22
N PHE A 23 5.53 9.73 2.86
CA PHE A 23 6.01 11.10 2.71
C PHE A 23 6.76 11.30 1.40
N GLY A 24 6.81 10.27 0.58
CA GLY A 24 7.43 10.38 -0.73
C GLY A 24 8.84 9.81 -0.74
N SER A 25 9.58 10.11 -1.80
CA SER A 25 10.95 9.65 -1.94
C SER A 25 11.00 8.13 -2.14
N ARG A 26 12.14 7.53 -1.83
CA ARG A 26 12.40 6.11 -2.12
C ARG A 26 11.42 5.19 -1.42
N GLU A 27 11.03 5.54 -0.18
CA GLU A 27 10.13 4.71 0.61
C GLU A 27 8.79 4.51 -0.08
N GLN A 28 8.41 5.46 -0.93
CA GLN A 28 7.12 5.39 -1.61
C GLN A 28 7.17 4.43 -2.80
N LYS A 29 8.38 4.17 -3.31
CA LYS A 29 8.56 3.35 -4.51
C LYS A 29 7.82 2.00 -4.41
N PRO A 30 8.03 1.19 -3.34
CA PRO A 30 7.34 -0.09 -3.19
C PRO A 30 5.83 0.08 -3.07
N PHE A 31 5.41 1.19 -2.49
CA PHE A 31 3.99 1.49 -2.34
C PHE A 31 3.37 1.80 -3.69
N GLU A 32 4.13 2.51 -4.53
CA GLU A 32 3.69 2.85 -5.88
C GLU A 32 3.58 1.59 -6.73
N ASP A 33 4.39 0.59 -6.42
CA ASP A 33 4.36 -0.68 -7.13
C ASP A 33 3.08 -1.44 -6.81
N LEU A 34 2.66 -1.36 -5.55
CA LEU A 34 1.43 -2.01 -5.13
C LEU A 34 0.22 -1.36 -5.79
N VAL A 35 0.35 -0.09 -6.12
CA VAL A 35 -0.70 0.62 -6.86
C VAL A 35 -0.90 -0.02 -8.23
N ASP A 36 0.22 -0.37 -8.87
CA ASP A 36 0.19 -1.00 -10.18
C ASP A 36 -0.41 -2.41 -10.07
N LEU A 37 -0.10 -3.07 -8.96
CA LEU A 37 -0.67 -4.38 -8.66
C LEU A 37 -2.15 -4.27 -8.31
N GLY A 38 -2.56 -3.07 -7.93
CA GLY A 38 -3.94 -2.83 -7.56
C GLY A 38 -4.21 -3.08 -6.10
N TRP A 39 -3.14 -3.21 -5.32
CA TRP A 39 -3.25 -3.49 -3.89
C TRP A 39 -3.43 -2.19 -3.12
N LEU A 40 -2.79 -1.14 -3.61
CA LEU A 40 -2.91 0.17 -3.01
C LEU A 40 -3.54 1.15 -3.99
N LYS A 41 -4.28 2.10 -3.46
CA LYS A 41 -4.87 3.15 -4.28
C LYS A 41 -4.63 4.50 -3.63
N ARG A 42 -4.28 5.48 -4.46
CA ARG A 42 -4.09 6.84 -3.98
C ARG A 42 -5.45 7.50 -3.80
N SER A 43 -5.89 7.59 -2.56
CA SER A 43 -7.20 8.13 -2.27
C SER A 43 -7.13 9.65 -2.09
N SER A 44 -6.52 10.09 -1.00
CA SER A 44 -6.43 11.50 -0.68
C SER A 44 -5.48 12.23 -1.63
N VAL A 45 -4.39 11.56 -1.99
CA VAL A 45 -3.36 12.14 -2.85
C VAL A 45 -2.88 13.49 -2.32
N ASP A 46 -1.95 13.43 -1.39
CA ASP A 46 -1.41 14.64 -0.79
C ASP A 46 0.05 14.82 -1.18
N SER A 47 0.45 16.05 -1.41
CA SER A 47 1.77 16.35 -1.95
C SER A 47 2.85 16.30 -0.88
N ARG A 48 2.45 16.24 0.39
CA ARG A 48 3.41 16.11 1.48
C ARG A 48 3.51 14.65 1.87
N ALA A 49 2.37 14.03 2.09
CA ALA A 49 2.29 12.61 2.38
C ALA A 49 1.19 11.98 1.56
N THR A 50 1.57 11.11 0.64
CA THR A 50 0.61 10.47 -0.24
C THR A 50 -0.15 9.38 0.50
N HIS A 51 -1.44 9.62 0.73
CA HIS A 51 -2.27 8.68 1.47
C HIS A 51 -2.71 7.52 0.57
N TYR A 52 -2.26 6.32 0.91
CA TYR A 52 -2.69 5.11 0.23
C TYR A 52 -3.73 4.40 1.06
N GLN A 53 -4.77 3.91 0.41
CA GLN A 53 -5.83 3.22 1.11
C GLN A 53 -6.02 1.81 0.54
N ILE A 54 -6.33 0.87 1.41
CA ILE A 54 -6.49 -0.53 1.02
C ILE A 54 -7.60 -0.72 0.00
N THR A 55 -7.39 -1.66 -0.92
CA THR A 55 -8.38 -1.97 -1.94
C THR A 55 -8.92 -3.40 -1.74
N GLU A 56 -9.72 -3.86 -2.69
CA GLU A 56 -10.18 -5.24 -2.70
C GLU A 56 -8.98 -6.17 -2.81
N ARG A 57 -8.14 -5.93 -3.82
CA ARG A 57 -6.93 -6.72 -4.02
C ARG A 57 -6.03 -6.62 -2.79
N GLY A 58 -5.91 -5.41 -2.24
CA GLY A 58 -5.10 -5.21 -1.05
C GLY A 58 -5.63 -6.00 0.13
N THR A 59 -6.95 -6.11 0.23
CA THR A 59 -7.58 -6.90 1.26
C THR A 59 -7.41 -8.39 0.98
N SER A 60 -7.52 -8.76 -0.29
CA SER A 60 -7.34 -10.14 -0.72
C SER A 60 -5.92 -10.61 -0.42
N ALA A 61 -4.95 -9.73 -0.62
CA ALA A 61 -3.56 -10.02 -0.32
C ALA A 61 -3.35 -10.13 1.19
N ALA A 62 -4.14 -9.39 1.94
CA ALA A 62 -4.08 -9.43 3.40
C ALA A 62 -4.71 -10.71 3.92
N LEU A 63 -5.66 -11.23 3.16
CA LEU A 63 -6.35 -12.46 3.51
C LEU A 63 -5.47 -13.67 3.18
N ARG A 64 -4.28 -13.39 2.65
CA ARG A 64 -3.34 -14.44 2.31
C ARG A 64 -2.14 -14.37 3.23
N SER A 65 -1.62 -15.54 3.60
CA SER A 65 -0.45 -15.61 4.47
C SER A 65 0.58 -16.56 3.89
N MET A 1 4.69 -11.64 -9.75
CA MET A 1 5.15 -10.23 -9.91
C MET A 1 5.19 -9.52 -8.56
N ALA A 2 4.65 -10.16 -7.53
CA ALA A 2 4.72 -9.65 -6.18
C ALA A 2 5.31 -10.71 -5.26
N THR A 3 6.22 -10.31 -4.39
CA THR A 3 6.90 -11.25 -3.52
C THR A 3 6.23 -11.27 -2.15
N ALA A 4 6.59 -12.24 -1.31
CA ALA A 4 6.00 -12.38 0.01
C ALA A 4 6.18 -11.12 0.84
N ASP A 5 7.28 -10.42 0.59
CA ASP A 5 7.57 -9.18 1.31
C ASP A 5 6.56 -8.10 0.97
N ASP A 6 5.98 -8.17 -0.23
CA ASP A 6 4.95 -7.22 -0.64
C ASP A 6 3.66 -7.52 0.11
N PHE A 7 3.37 -8.80 0.29
CA PHE A 7 2.21 -9.24 1.05
C PHE A 7 2.29 -8.74 2.49
N LYS A 8 3.51 -8.71 3.03
CA LYS A 8 3.75 -8.17 4.36
C LYS A 8 3.44 -6.67 4.39
N LEU A 9 3.94 -5.96 3.39
CA LEU A 9 3.79 -4.52 3.29
C LEU A 9 2.31 -4.14 3.23
N ILE A 10 1.57 -4.85 2.40
CA ILE A 10 0.15 -4.55 2.20
C ILE A 10 -0.66 -4.93 3.44
N ARG A 11 -0.24 -5.97 4.13
CA ARG A 11 -0.86 -6.36 5.40
C ARG A 11 -0.65 -5.24 6.43
N ASP A 12 0.54 -4.65 6.37
CA ASP A 12 0.93 -3.59 7.29
C ASP A 12 0.10 -2.33 7.05
N ILE A 13 -0.31 -2.12 5.81
CA ILE A 13 -1.23 -1.03 5.48
C ILE A 13 -2.49 -1.16 6.32
N HIS A 14 -2.95 -2.40 6.49
CA HIS A 14 -4.15 -2.68 7.27
C HIS A 14 -3.89 -2.51 8.76
N SER A 15 -2.70 -2.93 9.19
CA SER A 15 -2.32 -2.85 10.60
C SER A 15 -2.19 -1.40 11.03
N THR A 16 -1.95 -0.51 10.06
CA THR A 16 -1.83 0.91 10.31
C THR A 16 -3.22 1.57 10.36
N GLY A 17 -4.26 0.78 10.11
CA GLY A 17 -5.60 1.31 10.15
C GLY A 17 -6.32 1.21 8.82
N GLY A 18 -5.65 0.64 7.83
CA GLY A 18 -6.26 0.48 6.52
C GLY A 18 -5.83 1.58 5.56
N ARG A 19 -5.10 2.54 6.09
CA ARG A 19 -4.59 3.65 5.30
C ARG A 19 -3.13 3.88 5.62
N ARG A 20 -2.38 4.39 4.65
CA ARG A 20 -0.96 4.62 4.82
C ARG A 20 -0.52 5.86 4.03
N GLN A 21 0.24 6.74 4.67
CA GLN A 21 0.72 7.94 4.00
C GLN A 21 2.24 7.91 3.89
N VAL A 22 2.73 8.15 2.68
CA VAL A 22 4.16 8.16 2.42
C VAL A 22 4.57 9.47 1.75
N PHE A 23 5.65 10.06 2.21
CA PHE A 23 6.11 11.34 1.67
C PHE A 23 6.81 11.14 0.33
N GLY A 24 7.39 9.97 0.14
CA GLY A 24 8.07 9.68 -1.10
C GLY A 24 9.35 8.91 -0.86
N SER A 25 10.43 9.34 -1.52
CA SER A 25 11.74 8.74 -1.34
C SER A 25 11.72 7.28 -1.81
N ARG A 26 12.73 6.52 -1.40
CA ARG A 26 12.81 5.09 -1.71
C ARG A 26 11.63 4.34 -1.09
N GLU A 27 11.08 4.92 -0.03
CA GLU A 27 9.98 4.33 0.71
C GLU A 27 8.74 4.14 -0.17
N GLN A 28 8.42 5.17 -0.94
CA GLN A 28 7.18 5.19 -1.73
C GLN A 28 7.24 4.22 -2.91
N LYS A 29 8.45 3.88 -3.33
CA LYS A 29 8.66 3.05 -4.51
C LYS A 29 7.82 1.76 -4.49
N PRO A 30 7.93 0.91 -3.44
CA PRO A 30 7.12 -0.31 -3.34
C PRO A 30 5.62 -0.02 -3.15
N PHE A 31 5.31 1.12 -2.56
CA PHE A 31 3.92 1.50 -2.31
C PHE A 31 3.20 1.83 -3.61
N GLU A 32 3.83 2.65 -4.44
CA GLU A 32 3.25 3.03 -5.71
C GLU A 32 3.23 1.83 -6.66
N ASP A 33 4.13 0.88 -6.38
CA ASP A 33 4.19 -0.37 -7.12
C ASP A 33 2.94 -1.19 -6.85
N LEU A 34 2.52 -1.23 -5.59
CA LEU A 34 1.33 -1.96 -5.21
C LEU A 34 0.08 -1.29 -5.78
N VAL A 35 0.18 -0.01 -6.07
CA VAL A 35 -0.91 0.72 -6.70
C VAL A 35 -1.16 0.16 -8.10
N ASP A 36 -0.08 -0.16 -8.81
CA ASP A 36 -0.17 -0.75 -10.13
C ASP A 36 -0.82 -2.12 -10.05
N LEU A 37 -0.45 -2.86 -9.02
CA LEU A 37 -0.95 -4.21 -8.81
C LEU A 37 -2.41 -4.20 -8.34
N GLY A 38 -2.88 -3.03 -7.94
CA GLY A 38 -4.25 -2.91 -7.48
C GLY A 38 -4.40 -3.31 -6.03
N TRP A 39 -3.32 -3.16 -5.26
CA TRP A 39 -3.35 -3.44 -3.83
C TRP A 39 -3.54 -2.14 -3.07
N LEU A 40 -2.98 -1.08 -3.62
CA LEU A 40 -3.08 0.25 -3.03
C LEU A 40 -3.75 1.22 -3.99
N LYS A 41 -4.39 2.23 -3.43
CA LYS A 41 -5.03 3.28 -4.20
C LYS A 41 -4.74 4.63 -3.55
N ARG A 42 -4.41 5.64 -4.34
CA ARG A 42 -4.16 6.95 -3.79
C ARG A 42 -5.46 7.70 -3.64
N SER A 43 -5.98 7.76 -2.43
CA SER A 43 -7.26 8.40 -2.17
C SER A 43 -7.07 9.90 -2.02
N SER A 44 -5.92 10.30 -1.52
CA SER A 44 -5.60 11.71 -1.35
C SER A 44 -4.13 11.96 -1.65
N VAL A 45 -3.88 12.69 -2.71
CA VAL A 45 -2.51 13.02 -3.09
C VAL A 45 -2.14 14.39 -2.56
N ASP A 46 -1.58 14.41 -1.37
CA ASP A 46 -1.14 15.65 -0.75
C ASP A 46 0.20 16.07 -1.34
N SER A 47 0.49 17.37 -1.27
CA SER A 47 1.69 17.95 -1.86
C SER A 47 2.95 17.30 -1.29
N ARG A 48 2.89 16.82 -0.06
CA ARG A 48 4.07 16.24 0.57
C ARG A 48 3.87 14.76 0.91
N ALA A 49 2.70 14.41 1.42
CA ALA A 49 2.45 13.03 1.85
C ALA A 49 1.30 12.39 1.07
N THR A 50 1.62 11.37 0.31
CA THR A 50 0.62 10.66 -0.48
C THR A 50 -0.15 9.66 0.39
N HIS A 51 -1.47 9.81 0.43
CA HIS A 51 -2.32 8.95 1.23
C HIS A 51 -2.82 7.75 0.42
N TYR A 52 -2.41 6.57 0.85
CA TYR A 52 -2.81 5.33 0.19
C TYR A 52 -3.95 4.67 0.97
N GLN A 53 -4.85 4.06 0.24
CA GLN A 53 -5.98 3.36 0.83
C GLN A 53 -5.98 1.90 0.36
N ILE A 54 -6.35 1.00 1.25
CA ILE A 54 -6.44 -0.42 0.92
C ILE A 54 -7.54 -0.69 -0.10
N THR A 55 -7.26 -1.57 -1.04
CA THR A 55 -8.27 -2.04 -1.98
C THR A 55 -8.81 -3.38 -1.49
N GLU A 56 -9.70 -3.98 -2.25
CA GLU A 56 -10.21 -5.30 -1.93
C GLU A 56 -9.13 -6.35 -2.18
N ARG A 57 -8.36 -6.19 -3.26
CA ARG A 57 -7.26 -7.10 -3.54
C ARG A 57 -6.16 -6.90 -2.50
N GLY A 58 -6.00 -5.66 -2.06
CA GLY A 58 -5.06 -5.37 -0.98
C GLY A 58 -5.42 -6.08 0.30
N THR A 59 -6.72 -6.26 0.52
CA THR A 59 -7.21 -7.02 1.67
C THR A 59 -6.94 -8.51 1.48
N SER A 60 -7.24 -9.00 0.27
CA SER A 60 -7.05 -10.41 -0.06
C SER A 60 -5.56 -10.77 0.02
N ALA A 61 -4.71 -9.85 -0.44
CA ALA A 61 -3.27 -10.05 -0.40
C ALA A 61 -2.77 -10.06 1.04
N ALA A 62 -3.36 -9.23 1.87
CA ALA A 62 -3.00 -9.18 3.29
C ALA A 62 -3.44 -10.43 4.01
N LEU A 63 -4.51 -11.04 3.51
CA LEU A 63 -5.02 -12.29 4.06
C LEU A 63 -4.00 -13.40 3.81
N ARG A 64 -3.26 -13.27 2.72
CA ARG A 64 -2.20 -14.21 2.40
C ARG A 64 -0.95 -13.88 3.22
N SER A 65 -0.89 -14.46 4.40
CA SER A 65 0.24 -14.26 5.28
C SER A 65 1.16 -15.47 5.25
#